data_1T5I
# 
_entry.id   1T5I 
# 
_audit_conform.dict_name       mmcif_pdbx.dic 
_audit_conform.dict_version    5.386 
_audit_conform.dict_location   http://mmcif.pdb.org/dictionaries/ascii/mmcif_pdbx.dic 
# 
loop_
_database_2.database_id 
_database_2.database_code 
_database_2.pdbx_database_accession 
_database_2.pdbx_DOI 
PDB   1T5I         pdb_00001t5i 10.2210/pdb1t5i/pdb 
RCSB  RCSB022337   ?            ?                   
WWPDB D_1000022337 ?            ?                   
# 
loop_
_pdbx_audit_revision_history.ordinal 
_pdbx_audit_revision_history.data_content_type 
_pdbx_audit_revision_history.major_revision 
_pdbx_audit_revision_history.minor_revision 
_pdbx_audit_revision_history.revision_date 
1 'Structure model' 1 0 2004-08-31 
2 'Structure model' 1 1 2008-04-30 
3 'Structure model' 1 2 2011-07-13 
4 'Structure model' 1 3 2024-02-14 
# 
_pdbx_audit_revision_details.ordinal             1 
_pdbx_audit_revision_details.revision_ordinal    1 
_pdbx_audit_revision_details.data_content_type   'Structure model' 
_pdbx_audit_revision_details.provider            repository 
_pdbx_audit_revision_details.type                'Initial release' 
_pdbx_audit_revision_details.description         ? 
_pdbx_audit_revision_details.details             ? 
# 
loop_
_pdbx_audit_revision_group.ordinal 
_pdbx_audit_revision_group.revision_ordinal 
_pdbx_audit_revision_group.data_content_type 
_pdbx_audit_revision_group.group 
1 2 'Structure model' 'Version format compliance' 
2 3 'Structure model' 'Version format compliance' 
3 4 'Structure model' 'Data collection'           
4 4 'Structure model' 'Database references'       
# 
loop_
_pdbx_audit_revision_category.ordinal 
_pdbx_audit_revision_category.revision_ordinal 
_pdbx_audit_revision_category.data_content_type 
_pdbx_audit_revision_category.category 
1 4 'Structure model' chem_comp_atom     
2 4 'Structure model' chem_comp_bond     
3 4 'Structure model' database_2         
4 4 'Structure model' struct_ref_seq_dif 
# 
loop_
_pdbx_audit_revision_item.ordinal 
_pdbx_audit_revision_item.revision_ordinal 
_pdbx_audit_revision_item.data_content_type 
_pdbx_audit_revision_item.item 
1 4 'Structure model' '_database_2.pdbx_DOI'                
2 4 'Structure model' '_database_2.pdbx_database_accession' 
3 4 'Structure model' '_struct_ref_seq_dif.details'         
# 
_pdbx_database_status.status_code                     REL 
_pdbx_database_status.entry_id                        1T5I 
_pdbx_database_status.recvd_initial_deposition_date   2004-05-04 
_pdbx_database_status.deposit_site                    RCSB 
_pdbx_database_status.process_site                    RCSB 
_pdbx_database_status.status_code_sf                  REL 
_pdbx_database_status.status_code_mr                  ? 
_pdbx_database_status.SG_entry                        ? 
_pdbx_database_status.pdb_format_compatible           Y 
_pdbx_database_status.status_code_cs                  ? 
_pdbx_database_status.status_code_nmr_data            ? 
_pdbx_database_status.methods_development_category    ? 
# 
_pdbx_database_related.db_name        PDB 
_pdbx_database_related.db_id          1t6n 
_pdbx_database_related.details        'Crystal structure of the N-terminal domain of UAP56' 
_pdbx_database_related.content_type   unspecified 
# 
loop_
_audit_author.name 
_audit_author.pdbx_ordinal 
'Zhao, R.'    1 
'Green, M.R.' 2 
'Shen, J.'    3 
# 
_citation.id                        primary 
_citation.title                     
;Crystal structure of UAP56, a "DEXD/H-box" protein involved in pre-mRNA splicing and mRNA export
;
_citation.journal_abbrev            Structure 
_citation.journal_volume            12 
_citation.page_first                1373 
_citation.page_last                 1381 
_citation.year                      2004 
_citation.journal_id_ASTM           STRUE6 
_citation.country                   UK 
_citation.journal_id_ISSN           0969-2126 
_citation.journal_id_CSD            2005 
_citation.book_publisher            ? 
_citation.pdbx_database_id_PubMed   15296731 
_citation.pdbx_database_id_DOI      10.1016/j.str.2004.06.006 
# 
loop_
_citation_author.citation_id 
_citation_author.name 
_citation_author.ordinal 
_citation_author.identifier_ORCID 
primary 'Zhao, R.'       1 ? 
primary 'Shen, J.'       2 ? 
primary 'Green, M.R.'    3 ? 
primary 'Macmorris, M.'  4 ? 
primary 'Blumenthal, T.' 5 ? 
# 
loop_
_entity.id 
_entity.type 
_entity.src_method 
_entity.pdbx_description 
_entity.formula_weight 
_entity.pdbx_number_of_molecules 
_entity.pdbx_ec 
_entity.pdbx_mutation 
_entity.pdbx_fragment 
_entity.details 
1 polymer man 'C_TERMINAL DOMAIN OF A PROBABLE ATP-DEPENDENT RNA HELICASE' 20041.703 1  ? ? 'C-terminal domain (residues 259-428)' 
? 
2 water   nat water                                                        18.015    87 ? ? ?                                      
? 
# 
_entity_name_com.entity_id   1 
_entity_name_com.name        'U2AF65 associated protein 56, UAP56' 
# 
_entity_poly.entity_id                      1 
_entity_poly.type                           'polypeptide(L)' 
_entity_poly.nstd_linkage                   no 
_entity_poly.nstd_monomer                   no 
_entity_poly.pdbx_seq_one_letter_code       
;GSLHGLQQYYVKLKDNEKNRKLFDLLDVLEFNQVVIFVKSVQRCIALAQLLVEQNFPAIAIHRGMPQEERLSRYQQFKDF
QRRILVATNLFGRGMDIERVNIAFNYDMPEDSDTYLHRVARAGRFGTKGLAITFVSDENDAKILNDVQDRFEVNISELPD
EIDISSYIEQTR
;
_entity_poly.pdbx_seq_one_letter_code_can   
;GSLHGLQQYYVKLKDNEKNRKLFDLLDVLEFNQVVIFVKSVQRCIALAQLLVEQNFPAIAIHRGMPQEERLSRYQQFKDF
QRRILVATNLFGRGMDIERVNIAFNYDMPEDSDTYLHRVARAGRFGTKGLAITFVSDENDAKILNDVQDRFEVNISELPD
EIDISSYIEQTR
;
_entity_poly.pdbx_strand_id                 A 
_entity_poly.pdbx_target_identifier         ? 
# 
_pdbx_entity_nonpoly.entity_id   2 
_pdbx_entity_nonpoly.name        water 
_pdbx_entity_nonpoly.comp_id     HOH 
# 
loop_
_entity_poly_seq.entity_id 
_entity_poly_seq.num 
_entity_poly_seq.mon_id 
_entity_poly_seq.hetero 
1 1   GLY n 
1 2   SER n 
1 3   LEU n 
1 4   HIS n 
1 5   GLY n 
1 6   LEU n 
1 7   GLN n 
1 8   GLN n 
1 9   TYR n 
1 10  TYR n 
1 11  VAL n 
1 12  LYS n 
1 13  LEU n 
1 14  LYS n 
1 15  ASP n 
1 16  ASN n 
1 17  GLU n 
1 18  LYS n 
1 19  ASN n 
1 20  ARG n 
1 21  LYS n 
1 22  LEU n 
1 23  PHE n 
1 24  ASP n 
1 25  LEU n 
1 26  LEU n 
1 27  ASP n 
1 28  VAL n 
1 29  LEU n 
1 30  GLU n 
1 31  PHE n 
1 32  ASN n 
1 33  GLN n 
1 34  VAL n 
1 35  VAL n 
1 36  ILE n 
1 37  PHE n 
1 38  VAL n 
1 39  LYS n 
1 40  SER n 
1 41  VAL n 
1 42  GLN n 
1 43  ARG n 
1 44  CYS n 
1 45  ILE n 
1 46  ALA n 
1 47  LEU n 
1 48  ALA n 
1 49  GLN n 
1 50  LEU n 
1 51  LEU n 
1 52  VAL n 
1 53  GLU n 
1 54  GLN n 
1 55  ASN n 
1 56  PHE n 
1 57  PRO n 
1 58  ALA n 
1 59  ILE n 
1 60  ALA n 
1 61  ILE n 
1 62  HIS n 
1 63  ARG n 
1 64  GLY n 
1 65  MET n 
1 66  PRO n 
1 67  GLN n 
1 68  GLU n 
1 69  GLU n 
1 70  ARG n 
1 71  LEU n 
1 72  SER n 
1 73  ARG n 
1 74  TYR n 
1 75  GLN n 
1 76  GLN n 
1 77  PHE n 
1 78  LYS n 
1 79  ASP n 
1 80  PHE n 
1 81  GLN n 
1 82  ARG n 
1 83  ARG n 
1 84  ILE n 
1 85  LEU n 
1 86  VAL n 
1 87  ALA n 
1 88  THR n 
1 89  ASN n 
1 90  LEU n 
1 91  PHE n 
1 92  GLY n 
1 93  ARG n 
1 94  GLY n 
1 95  MET n 
1 96  ASP n 
1 97  ILE n 
1 98  GLU n 
1 99  ARG n 
1 100 VAL n 
1 101 ASN n 
1 102 ILE n 
1 103 ALA n 
1 104 PHE n 
1 105 ASN n 
1 106 TYR n 
1 107 ASP n 
1 108 MET n 
1 109 PRO n 
1 110 GLU n 
1 111 ASP n 
1 112 SER n 
1 113 ASP n 
1 114 THR n 
1 115 TYR n 
1 116 LEU n 
1 117 HIS n 
1 118 ARG n 
1 119 VAL n 
1 120 ALA n 
1 121 ARG n 
1 122 ALA n 
1 123 GLY n 
1 124 ARG n 
1 125 PHE n 
1 126 GLY n 
1 127 THR n 
1 128 LYS n 
1 129 GLY n 
1 130 LEU n 
1 131 ALA n 
1 132 ILE n 
1 133 THR n 
1 134 PHE n 
1 135 VAL n 
1 136 SER n 
1 137 ASP n 
1 138 GLU n 
1 139 ASN n 
1 140 ASP n 
1 141 ALA n 
1 142 LYS n 
1 143 ILE n 
1 144 LEU n 
1 145 ASN n 
1 146 ASP n 
1 147 VAL n 
1 148 GLN n 
1 149 ASP n 
1 150 ARG n 
1 151 PHE n 
1 152 GLU n 
1 153 VAL n 
1 154 ASN n 
1 155 ILE n 
1 156 SER n 
1 157 GLU n 
1 158 LEU n 
1 159 PRO n 
1 160 ASP n 
1 161 GLU n 
1 162 ILE n 
1 163 ASP n 
1 164 ILE n 
1 165 SER n 
1 166 SER n 
1 167 TYR n 
1 168 ILE n 
1 169 GLU n 
1 170 GLN n 
1 171 THR n 
1 172 ARG n 
# 
_entity_src_gen.entity_id                          1 
_entity_src_gen.pdbx_src_id                        1 
_entity_src_gen.pdbx_alt_source_flag               sample 
_entity_src_gen.pdbx_seq_type                      ? 
_entity_src_gen.pdbx_beg_seq_num                   ? 
_entity_src_gen.pdbx_end_seq_num                   ? 
_entity_src_gen.gene_src_common_name               human 
_entity_src_gen.gene_src_genus                     Homo 
_entity_src_gen.pdbx_gene_src_gene                 BAT1 
_entity_src_gen.gene_src_species                   ? 
_entity_src_gen.gene_src_strain                    ? 
_entity_src_gen.gene_src_tissue                    ? 
_entity_src_gen.gene_src_tissue_fraction           ? 
_entity_src_gen.gene_src_details                   ? 
_entity_src_gen.pdbx_gene_src_fragment             ? 
_entity_src_gen.pdbx_gene_src_scientific_name      'Homo sapiens' 
_entity_src_gen.pdbx_gene_src_ncbi_taxonomy_id     9606 
_entity_src_gen.pdbx_gene_src_variant              ? 
_entity_src_gen.pdbx_gene_src_cell_line            ? 
_entity_src_gen.pdbx_gene_src_atcc                 ? 
_entity_src_gen.pdbx_gene_src_organ                ? 
_entity_src_gen.pdbx_gene_src_organelle            ? 
_entity_src_gen.pdbx_gene_src_cell                 ? 
_entity_src_gen.pdbx_gene_src_cellular_location    ? 
_entity_src_gen.host_org_common_name               ? 
_entity_src_gen.pdbx_host_org_scientific_name      'Escherichia coli' 
_entity_src_gen.pdbx_host_org_ncbi_taxonomy_id     562 
_entity_src_gen.host_org_genus                     Escherichia 
_entity_src_gen.pdbx_host_org_gene                 ? 
_entity_src_gen.pdbx_host_org_organ                ? 
_entity_src_gen.host_org_species                   ? 
_entity_src_gen.pdbx_host_org_tissue               ? 
_entity_src_gen.pdbx_host_org_tissue_fraction      ? 
_entity_src_gen.pdbx_host_org_strain               XA90 
_entity_src_gen.pdbx_host_org_variant              ? 
_entity_src_gen.pdbx_host_org_cell_line            ? 
_entity_src_gen.pdbx_host_org_atcc                 ? 
_entity_src_gen.pdbx_host_org_culture_collection   ? 
_entity_src_gen.pdbx_host_org_cell                 ? 
_entity_src_gen.pdbx_host_org_organelle            ? 
_entity_src_gen.pdbx_host_org_cellular_location    ? 
_entity_src_gen.pdbx_host_org_vector_type          plasmid 
_entity_src_gen.pdbx_host_org_vector               ? 
_entity_src_gen.host_org_details                   ? 
_entity_src_gen.expression_system_id               ? 
_entity_src_gen.plasmid_name                       pGEX-KG 
_entity_src_gen.plasmid_details                    ? 
_entity_src_gen.pdbx_description                   ? 
# 
loop_
_chem_comp.id 
_chem_comp.type 
_chem_comp.mon_nstd_flag 
_chem_comp.name 
_chem_comp.pdbx_synonyms 
_chem_comp.formula 
_chem_comp.formula_weight 
ALA 'L-peptide linking' y ALANINE         ? 'C3 H7 N O2'     89.093  
ARG 'L-peptide linking' y ARGININE        ? 'C6 H15 N4 O2 1' 175.209 
ASN 'L-peptide linking' y ASPARAGINE      ? 'C4 H8 N2 O3'    132.118 
ASP 'L-peptide linking' y 'ASPARTIC ACID' ? 'C4 H7 N O4'     133.103 
CYS 'L-peptide linking' y CYSTEINE        ? 'C3 H7 N O2 S'   121.158 
GLN 'L-peptide linking' y GLUTAMINE       ? 'C5 H10 N2 O3'   146.144 
GLU 'L-peptide linking' y 'GLUTAMIC ACID' ? 'C5 H9 N O4'     147.129 
GLY 'peptide linking'   y GLYCINE         ? 'C2 H5 N O2'     75.067  
HIS 'L-peptide linking' y HISTIDINE       ? 'C6 H10 N3 O2 1' 156.162 
HOH non-polymer         . WATER           ? 'H2 O'           18.015  
ILE 'L-peptide linking' y ISOLEUCINE      ? 'C6 H13 N O2'    131.173 
LEU 'L-peptide linking' y LEUCINE         ? 'C6 H13 N O2'    131.173 
LYS 'L-peptide linking' y LYSINE          ? 'C6 H15 N2 O2 1' 147.195 
MET 'L-peptide linking' y METHIONINE      ? 'C5 H11 N O2 S'  149.211 
PHE 'L-peptide linking' y PHENYLALANINE   ? 'C9 H11 N O2'    165.189 
PRO 'L-peptide linking' y PROLINE         ? 'C5 H9 N O2'     115.130 
SER 'L-peptide linking' y SERINE          ? 'C3 H7 N O3'     105.093 
THR 'L-peptide linking' y THREONINE       ? 'C4 H9 N O3'     119.119 
TYR 'L-peptide linking' y TYROSINE        ? 'C9 H11 N O3'    181.189 
VAL 'L-peptide linking' y VALINE          ? 'C5 H11 N O2'    117.146 
# 
loop_
_pdbx_poly_seq_scheme.asym_id 
_pdbx_poly_seq_scheme.entity_id 
_pdbx_poly_seq_scheme.seq_id 
_pdbx_poly_seq_scheme.mon_id 
_pdbx_poly_seq_scheme.ndb_seq_num 
_pdbx_poly_seq_scheme.pdb_seq_num 
_pdbx_poly_seq_scheme.auth_seq_num 
_pdbx_poly_seq_scheme.pdb_mon_id 
_pdbx_poly_seq_scheme.auth_mon_id 
_pdbx_poly_seq_scheme.pdb_strand_id 
_pdbx_poly_seq_scheme.pdb_ins_code 
_pdbx_poly_seq_scheme.hetero 
A 1 1   GLY 1   257 ?   ?   ?   A . n 
A 1 2   SER 2   258 ?   ?   ?   A . n 
A 1 3   LEU 3   259 ?   ?   ?   A . n 
A 1 4   HIS 4   260 ?   ?   ?   A . n 
A 1 5   GLY 5   261 261 GLY GLY A . n 
A 1 6   LEU 6   262 262 LEU LEU A . n 
A 1 7   GLN 7   263 263 GLN GLN A . n 
A 1 8   GLN 8   264 264 GLN GLN A . n 
A 1 9   TYR 9   265 265 TYR TYR A . n 
A 1 10  TYR 10  266 266 TYR TYR A . n 
A 1 11  VAL 11  267 267 VAL VAL A . n 
A 1 12  LYS 12  268 268 LYS LYS A . n 
A 1 13  LEU 13  269 269 LEU LEU A . n 
A 1 14  LYS 14  270 270 LYS LYS A . n 
A 1 15  ASP 15  271 271 ASP ASP A . n 
A 1 16  ASN 16  272 272 ASN ASN A . n 
A 1 17  GLU 17  273 273 GLU GLU A . n 
A 1 18  LYS 18  274 274 LYS LYS A . n 
A 1 19  ASN 19  275 275 ASN ASN A . n 
A 1 20  ARG 20  276 276 ARG ARG A . n 
A 1 21  LYS 21  277 277 LYS LYS A . n 
A 1 22  LEU 22  278 278 LEU LEU A . n 
A 1 23  PHE 23  279 279 PHE PHE A . n 
A 1 24  ASP 24  280 280 ASP ASP A . n 
A 1 25  LEU 25  281 281 LEU LEU A . n 
A 1 26  LEU 26  282 282 LEU LEU A . n 
A 1 27  ASP 27  283 283 ASP ASP A . n 
A 1 28  VAL 28  284 284 VAL VAL A . n 
A 1 29  LEU 29  285 285 LEU LEU A . n 
A 1 30  GLU 30  286 286 GLU GLU A . n 
A 1 31  PHE 31  287 287 PHE PHE A . n 
A 1 32  ASN 32  288 288 ASN ASN A . n 
A 1 33  GLN 33  289 289 GLN GLN A . n 
A 1 34  VAL 34  290 290 VAL VAL A . n 
A 1 35  VAL 35  291 291 VAL VAL A . n 
A 1 36  ILE 36  292 292 ILE ILE A . n 
A 1 37  PHE 37  293 293 PHE PHE A . n 
A 1 38  VAL 38  294 294 VAL VAL A . n 
A 1 39  LYS 39  295 295 LYS LYS A . n 
A 1 40  SER 40  296 296 SER SER A . n 
A 1 41  VAL 41  297 297 VAL VAL A . n 
A 1 42  GLN 42  298 298 GLN GLN A . n 
A 1 43  ARG 43  299 299 ARG ARG A . n 
A 1 44  CYS 44  300 300 CYS CYS A . n 
A 1 45  ILE 45  301 301 ILE ILE A . n 
A 1 46  ALA 46  302 302 ALA ALA A . n 
A 1 47  LEU 47  303 303 LEU LEU A . n 
A 1 48  ALA 48  304 304 ALA ALA A . n 
A 1 49  GLN 49  305 305 GLN GLN A . n 
A 1 50  LEU 50  306 306 LEU LEU A . n 
A 1 51  LEU 51  307 307 LEU LEU A . n 
A 1 52  VAL 52  308 308 VAL VAL A . n 
A 1 53  GLU 53  309 309 GLU GLU A . n 
A 1 54  GLN 54  310 310 GLN GLN A . n 
A 1 55  ASN 55  311 311 ASN ASN A . n 
A 1 56  PHE 56  312 312 PHE PHE A . n 
A 1 57  PRO 57  313 313 PRO PRO A . n 
A 1 58  ALA 58  314 314 ALA ALA A . n 
A 1 59  ILE 59  315 315 ILE ILE A . n 
A 1 60  ALA 60  316 316 ALA ALA A . n 
A 1 61  ILE 61  317 317 ILE ILE A . n 
A 1 62  HIS 62  318 318 HIS HIS A . n 
A 1 63  ARG 63  319 319 ARG ARG A . n 
A 1 64  GLY 64  320 320 GLY GLY A . n 
A 1 65  MET 65  321 321 MET MET A . n 
A 1 66  PRO 66  322 322 PRO PRO A . n 
A 1 67  GLN 67  323 323 GLN GLN A . n 
A 1 68  GLU 68  324 324 GLU GLU A . n 
A 1 69  GLU 69  325 325 GLU GLU A . n 
A 1 70  ARG 70  326 326 ARG ARG A . n 
A 1 71  LEU 71  327 327 LEU LEU A . n 
A 1 72  SER 72  328 328 SER SER A . n 
A 1 73  ARG 73  329 329 ARG ARG A . n 
A 1 74  TYR 74  330 330 TYR TYR A . n 
A 1 75  GLN 75  331 331 GLN GLN A . n 
A 1 76  GLN 76  332 332 GLN GLN A . n 
A 1 77  PHE 77  333 333 PHE PHE A . n 
A 1 78  LYS 78  334 334 LYS LYS A . n 
A 1 79  ASP 79  335 335 ASP ASP A . n 
A 1 80  PHE 80  336 336 PHE PHE A . n 
A 1 81  GLN 81  337 337 GLN GLN A . n 
A 1 82  ARG 82  338 338 ARG ARG A . n 
A 1 83  ARG 83  339 339 ARG ARG A . n 
A 1 84  ILE 84  340 340 ILE ILE A . n 
A 1 85  LEU 85  341 341 LEU LEU A . n 
A 1 86  VAL 86  342 342 VAL VAL A . n 
A 1 87  ALA 87  343 343 ALA ALA A . n 
A 1 88  THR 88  344 344 THR THR A . n 
A 1 89  ASN 89  345 345 ASN ASN A . n 
A 1 90  LEU 90  346 346 LEU LEU A . n 
A 1 91  PHE 91  347 347 PHE PHE A . n 
A 1 92  GLY 92  348 348 GLY GLY A . n 
A 1 93  ARG 93  349 349 ARG ARG A . n 
A 1 94  GLY 94  350 350 GLY GLY A . n 
A 1 95  MET 95  351 351 MET MET A . n 
A 1 96  ASP 96  352 352 ASP ASP A . n 
A 1 97  ILE 97  353 353 ILE ILE A . n 
A 1 98  GLU 98  354 354 GLU GLU A . n 
A 1 99  ARG 99  355 355 ARG ARG A . n 
A 1 100 VAL 100 356 356 VAL VAL A . n 
A 1 101 ASN 101 357 357 ASN ASN A . n 
A 1 102 ILE 102 358 358 ILE ILE A . n 
A 1 103 ALA 103 359 359 ALA ALA A . n 
A 1 104 PHE 104 360 360 PHE PHE A . n 
A 1 105 ASN 105 361 361 ASN ASN A . n 
A 1 106 TYR 106 362 362 TYR TYR A . n 
A 1 107 ASP 107 363 363 ASP ASP A . n 
A 1 108 MET 108 364 364 MET MET A . n 
A 1 109 PRO 109 365 365 PRO PRO A . n 
A 1 110 GLU 110 366 366 GLU GLU A . n 
A 1 111 ASP 111 367 367 ASP ASP A . n 
A 1 112 SER 112 368 368 SER SER A . n 
A 1 113 ASP 113 369 369 ASP ASP A . n 
A 1 114 THR 114 370 370 THR THR A . n 
A 1 115 TYR 115 371 371 TYR TYR A . n 
A 1 116 LEU 116 372 372 LEU LEU A . n 
A 1 117 HIS 117 373 373 HIS HIS A . n 
A 1 118 ARG 118 374 374 ARG ARG A . n 
A 1 119 VAL 119 375 375 VAL VAL A . n 
A 1 120 ALA 120 376 376 ALA ALA A . n 
A 1 121 ARG 121 377 377 ARG ARG A . n 
A 1 122 ALA 122 378 378 ALA ALA A . n 
A 1 123 GLY 123 379 379 GLY GLY A . n 
A 1 124 ARG 124 380 380 ARG ARG A . n 
A 1 125 PHE 125 381 381 PHE PHE A . n 
A 1 126 GLY 126 382 382 GLY GLY A . n 
A 1 127 THR 127 383 383 THR THR A . n 
A 1 128 LYS 128 384 384 LYS LYS A . n 
A 1 129 GLY 129 385 385 GLY GLY A . n 
A 1 130 LEU 130 386 386 LEU LEU A . n 
A 1 131 ALA 131 387 387 ALA ALA A . n 
A 1 132 ILE 132 388 388 ILE ILE A . n 
A 1 133 THR 133 389 389 THR THR A . n 
A 1 134 PHE 134 390 390 PHE PHE A . n 
A 1 135 VAL 135 391 391 VAL VAL A . n 
A 1 136 SER 136 392 392 SER SER A . n 
A 1 137 ASP 137 393 393 ASP ASP A . n 
A 1 138 GLU 138 394 394 GLU GLU A . n 
A 1 139 ASN 139 395 395 ASN ASN A . n 
A 1 140 ASP 140 396 396 ASP ASP A . n 
A 1 141 ALA 141 397 397 ALA ALA A . n 
A 1 142 LYS 142 398 398 LYS LYS A . n 
A 1 143 ILE 143 399 399 ILE ILE A . n 
A 1 144 LEU 144 400 400 LEU LEU A . n 
A 1 145 ASN 145 401 401 ASN ASN A . n 
A 1 146 ASP 146 402 402 ASP ASP A . n 
A 1 147 VAL 147 403 403 VAL VAL A . n 
A 1 148 GLN 148 404 404 GLN GLN A . n 
A 1 149 ASP 149 405 405 ASP ASP A . n 
A 1 150 ARG 150 406 406 ARG ARG A . n 
A 1 151 PHE 151 407 407 PHE PHE A . n 
A 1 152 GLU 152 408 408 GLU GLU A . n 
A 1 153 VAL 153 409 409 VAL VAL A . n 
A 1 154 ASN 154 410 410 ASN ASN A . n 
A 1 155 ILE 155 411 411 ILE ILE A . n 
A 1 156 SER 156 412 412 SER SER A . n 
A 1 157 GLU 157 413 413 GLU GLU A . n 
A 1 158 LEU 158 414 414 LEU LEU A . n 
A 1 159 PRO 159 415 415 PRO PRO A . n 
A 1 160 ASP 160 416 ?   ?   ?   A . n 
A 1 161 GLU 161 417 ?   ?   ?   A . n 
A 1 162 ILE 162 418 ?   ?   ?   A . n 
A 1 163 ASP 163 419 ?   ?   ?   A . n 
A 1 164 ILE 164 420 ?   ?   ?   A . n 
A 1 165 SER 165 421 ?   ?   ?   A . n 
A 1 166 SER 166 422 ?   ?   ?   A . n 
A 1 167 TYR 167 423 ?   ?   ?   A . n 
A 1 168 ILE 168 424 ?   ?   ?   A . n 
A 1 169 GLU 169 425 425 GLU GLU A . n 
A 1 170 GLN 170 426 426 GLN GLN A . n 
A 1 171 THR 171 427 427 THR THR A . n 
A 1 172 ARG 172 428 428 ARG ARG A . n 
# 
loop_
_pdbx_nonpoly_scheme.asym_id 
_pdbx_nonpoly_scheme.entity_id 
_pdbx_nonpoly_scheme.mon_id 
_pdbx_nonpoly_scheme.ndb_seq_num 
_pdbx_nonpoly_scheme.pdb_seq_num 
_pdbx_nonpoly_scheme.auth_seq_num 
_pdbx_nonpoly_scheme.pdb_mon_id 
_pdbx_nonpoly_scheme.auth_mon_id 
_pdbx_nonpoly_scheme.pdb_strand_id 
_pdbx_nonpoly_scheme.pdb_ins_code 
B 2 HOH 1  1  1  HOH TIP A . 
B 2 HOH 2  2  2  HOH TIP A . 
B 2 HOH 3  3  3  HOH TIP A . 
B 2 HOH 4  4  4  HOH TIP A . 
B 2 HOH 5  5  5  HOH TIP A . 
B 2 HOH 6  6  6  HOH TIP A . 
B 2 HOH 7  7  7  HOH TIP A . 
B 2 HOH 8  8  8  HOH TIP A . 
B 2 HOH 9  9  9  HOH TIP A . 
B 2 HOH 10 10 10 HOH TIP A . 
B 2 HOH 11 11 11 HOH TIP A . 
B 2 HOH 12 12 12 HOH TIP A . 
B 2 HOH 13 13 13 HOH TIP A . 
B 2 HOH 14 14 14 HOH TIP A . 
B 2 HOH 15 15 15 HOH TIP A . 
B 2 HOH 16 16 16 HOH TIP A . 
B 2 HOH 17 17 17 HOH TIP A . 
B 2 HOH 18 18 18 HOH TIP A . 
B 2 HOH 19 19 19 HOH TIP A . 
B 2 HOH 20 20 20 HOH TIP A . 
B 2 HOH 21 21 21 HOH TIP A . 
B 2 HOH 22 22 22 HOH TIP A . 
B 2 HOH 23 23 23 HOH TIP A . 
B 2 HOH 24 24 24 HOH TIP A . 
B 2 HOH 25 25 25 HOH TIP A . 
B 2 HOH 26 26 26 HOH TIP A . 
B 2 HOH 27 27 27 HOH TIP A . 
B 2 HOH 28 28 28 HOH TIP A . 
B 2 HOH 29 29 29 HOH TIP A . 
B 2 HOH 30 30 30 HOH TIP A . 
B 2 HOH 31 31 31 HOH TIP A . 
B 2 HOH 32 32 32 HOH TIP A . 
B 2 HOH 33 33 33 HOH TIP A . 
B 2 HOH 34 34 34 HOH TIP A . 
B 2 HOH 35 35 35 HOH TIP A . 
B 2 HOH 36 36 36 HOH TIP A . 
B 2 HOH 37 37 37 HOH TIP A . 
B 2 HOH 38 38 38 HOH TIP A . 
B 2 HOH 39 39 39 HOH TIP A . 
B 2 HOH 40 40 40 HOH TIP A . 
B 2 HOH 41 41 41 HOH TIP A . 
B 2 HOH 42 42 42 HOH TIP A . 
B 2 HOH 43 43 43 HOH TIP A . 
B 2 HOH 44 44 44 HOH TIP A . 
B 2 HOH 45 45 45 HOH TIP A . 
B 2 HOH 46 46 46 HOH TIP A . 
B 2 HOH 47 47 47 HOH TIP A . 
B 2 HOH 48 48 48 HOH TIP A . 
B 2 HOH 49 49 49 HOH TIP A . 
B 2 HOH 50 50 50 HOH TIP A . 
B 2 HOH 51 51 51 HOH TIP A . 
B 2 HOH 52 52 52 HOH TIP A . 
B 2 HOH 53 53 53 HOH TIP A . 
B 2 HOH 54 54 54 HOH TIP A . 
B 2 HOH 55 55 55 HOH TIP A . 
B 2 HOH 56 56 56 HOH TIP A . 
B 2 HOH 57 57 57 HOH TIP A . 
B 2 HOH 58 58 58 HOH TIP A . 
B 2 HOH 59 59 59 HOH TIP A . 
B 2 HOH 60 60 60 HOH TIP A . 
B 2 HOH 61 61 61 HOH TIP A . 
B 2 HOH 62 62 62 HOH TIP A . 
B 2 HOH 63 63 63 HOH TIP A . 
B 2 HOH 64 64 64 HOH TIP A . 
B 2 HOH 65 65 65 HOH TIP A . 
B 2 HOH 66 66 66 HOH TIP A . 
B 2 HOH 67 67 67 HOH TIP A . 
B 2 HOH 68 68 68 HOH TIP A . 
B 2 HOH 69 69 69 HOH TIP A . 
B 2 HOH 70 70 70 HOH TIP A . 
B 2 HOH 71 71 71 HOH TIP A . 
B 2 HOH 72 72 72 HOH TIP A . 
B 2 HOH 73 73 73 HOH TIP A . 
B 2 HOH 74 74 74 HOH TIP A . 
B 2 HOH 75 75 75 HOH TIP A . 
B 2 HOH 76 76 76 HOH TIP A . 
B 2 HOH 77 77 77 HOH TIP A . 
B 2 HOH 78 78 78 HOH TIP A . 
B 2 HOH 79 79 79 HOH TIP A . 
B 2 HOH 80 80 80 HOH TIP A . 
B 2 HOH 81 81 81 HOH TIP A . 
B 2 HOH 82 82 82 HOH TIP A . 
B 2 HOH 83 83 83 HOH TIP A . 
B 2 HOH 84 84 84 HOH TIP A . 
B 2 HOH 85 85 85 HOH TIP A . 
B 2 HOH 86 86 86 HOH TIP A . 
B 2 HOH 87 87 87 HOH TIP A . 
# 
loop_
_software.name 
_software.classification 
_software.version 
_software.citation_id 
_software.pdbx_ordinal 
HKL-2000  'data collection' . ? 1 
SCALEPACK 'data scaling'    . ? 2 
SOLVE     phasing           . ? 3 
CNS       refinement        . ? 4 
HKL-2000  'data reduction'  . ? 5 
# 
_cell.entry_id           1T5I 
_cell.length_a           33.582 
_cell.length_b           33.582 
_cell.length_c           119.075 
_cell.angle_alpha        90.00 
_cell.angle_beta         90.00 
_cell.angle_gamma        90.00 
_cell.Z_PDB              4 
_cell.pdbx_unique_axis   ? 
# 
_symmetry.entry_id                         1T5I 
_symmetry.space_group_name_H-M             'P 43' 
_symmetry.pdbx_full_space_group_name_H-M   ? 
_symmetry.Int_Tables_number                78 
_symmetry.cell_setting                     ? 
_symmetry.space_group_name_Hall            ? 
# 
_exptl.entry_id          1T5I 
_exptl.method            'X-RAY DIFFRACTION' 
_exptl.crystals_number   2 
# 
_exptl_crystal.id                    1 
_exptl_crystal.density_meas          ? 
_exptl_crystal.density_Matthews      1.68 
_exptl_crystal.density_percent_sol   26 
_exptl_crystal.description           ? 
_exptl_crystal.F_000                 ? 
_exptl_crystal.preparation           ? 
# 
_exptl_crystal_grow.crystal_id      1 
_exptl_crystal_grow.method          'VAPOR DIFFUSION, HANGING DROP' 
_exptl_crystal_grow.temp            298 
_exptl_crystal_grow.temp_details    ? 
_exptl_crystal_grow.pH              6.5 
_exptl_crystal_grow.pdbx_details    
'MOPS, NaCl, Sodium Phosphate, Potassium Phosphate, pH 6.5, VAPOR DIFFUSION, HANGING DROP, temperature 298K' 
_exptl_crystal_grow.pdbx_pH_range   . 
# 
loop_
_diffrn.id 
_diffrn.ambient_temp 
_diffrn.ambient_temp_details 
_diffrn.crystal_id 
1 100 ? 1 
2 100 ? 1 
# 
loop_
_diffrn_detector.diffrn_id 
_diffrn_detector.detector 
_diffrn_detector.type 
_diffrn_detector.pdbx_collection_date 
_diffrn_detector.details 
1 CCD ? 2003-10-10 ? 
2 CCD ? 2003-10-10 ? 
# 
_diffrn_radiation.diffrn_id                        1 
_diffrn_radiation.wavelength_id                    1 
_diffrn_radiation.pdbx_monochromatic_or_laue_m_l   M 
_diffrn_radiation.monochromator                    ? 
_diffrn_radiation.pdbx_diffrn_protocol             MAD 
_diffrn_radiation.pdbx_scattering_type             x-ray 
# 
loop_
_diffrn_radiation_wavelength.id 
_diffrn_radiation_wavelength.wavelength 
_diffrn_radiation_wavelength.wt 
1 0.97934 1.0 
2 0.97949 1.0 
3 0.96411 1.0 
4 1.03320 1.0 
# 
loop_
_diffrn_source.diffrn_id 
_diffrn_source.source 
_diffrn_source.type 
_diffrn_source.pdbx_synchrotron_site 
_diffrn_source.pdbx_synchrotron_beamline 
_diffrn_source.pdbx_wavelength 
_diffrn_source.pdbx_wavelength_list 
1 SYNCHROTRON 'APS BEAMLINE 19-BM' APS 19-BM ? '0.97934, 0.97949, 0.96411' 
2 SYNCHROTRON 'APS BEAMLINE 19-ID' APS 19-ID ? 1.03320                     
# 
_reflns.entry_id                     1T5I 
_reflns.observed_criterion_sigma_F   ? 
_reflns.observed_criterion_sigma_I   -3 
_reflns.d_resolution_high            1.9 
_reflns.d_resolution_low             30 
_reflns.number_all                   10414 
_reflns.number_obs                   9977 
_reflns.percent_possible_obs         95.8 
_reflns.pdbx_Rmerge_I_obs            0.06 
_reflns.pdbx_Rsym_value              ? 
_reflns.pdbx_netI_over_sigmaI        20.8 
_reflns.B_iso_Wilson_estimate        18 
_reflns.pdbx_redundancy              3.6 
_reflns.R_free_details               ? 
_reflns.limit_h_max                  ? 
_reflns.limit_h_min                  ? 
_reflns.limit_k_max                  ? 
_reflns.limit_k_min                  ? 
_reflns.limit_l_max                  ? 
_reflns.limit_l_min                  ? 
_reflns.observed_criterion_F_max     ? 
_reflns.observed_criterion_F_min     ? 
_reflns.pdbx_chi_squared             ? 
_reflns.pdbx_scaling_rejects         ? 
_reflns.pdbx_diffrn_id               1 
_reflns.pdbx_ordinal                 1 
# 
_reflns_shell.d_res_high             1.90 
_reflns_shell.d_res_low              1.97 
_reflns_shell.percent_possible_all   72 
_reflns_shell.Rmerge_I_obs           0.258 
_reflns_shell.pdbx_Rsym_value        ? 
_reflns_shell.meanI_over_sigI_obs    2.8 
_reflns_shell.pdbx_redundancy        1.7 
_reflns_shell.percent_possible_obs   ? 
_reflns_shell.number_unique_all      750 
_reflns_shell.number_measured_all    ? 
_reflns_shell.number_measured_obs    ? 
_reflns_shell.number_unique_obs      ? 
_reflns_shell.pdbx_chi_squared       ? 
_reflns_shell.pdbx_diffrn_id         ? 
_reflns_shell.pdbx_ordinal           1 
# 
_refine.entry_id                                 1T5I 
_refine.ls_d_res_high                            1.9 
_refine.ls_d_res_low                             30 
_refine.pdbx_ls_sigma_F                          0 
_refine.pdbx_ls_sigma_I                          0 
_refine.ls_number_reflns_all                     10363 
_refine.ls_number_reflns_obs                     9595 
_refine.ls_number_reflns_R_free                  690 
_refine.ls_percent_reflns_obs                    92.6 
_refine.ls_R_factor_all                          ? 
_refine.ls_R_factor_obs                          ? 
_refine.ls_R_factor_R_work                       0.2235 
_refine.ls_R_factor_R_free                       0.2678 
_refine.ls_redundancy_reflns_obs                 ? 
_refine.pdbx_data_cutoff_high_absF               ? 
_refine.pdbx_data_cutoff_low_absF                ? 
_refine.ls_number_parameters                     ? 
_refine.ls_number_restraints                     ? 
_refine.ls_percent_reflns_R_free                 7 
_refine.ls_R_factor_R_free_error                 ? 
_refine.ls_R_factor_R_free_error_details         ? 
_refine.pdbx_method_to_determine_struct          MAD 
_refine.pdbx_starting_model                      ? 
_refine.pdbx_ls_cross_valid_method               Rfree 
_refine.pdbx_R_Free_selection_details            random 
_refine.pdbx_stereochem_target_val_spec_case     ? 
_refine.pdbx_stereochemistry_target_values       'Engh & Huber' 
_refine.solvent_model_details                    ? 
_refine.solvent_model_param_bsol                 43.3131 
_refine.solvent_model_param_ksol                 0.383494 
_refine.occupancy_max                            ? 
_refine.occupancy_min                            ? 
_refine.pdbx_isotropic_thermal_model             isotropic 
_refine.B_iso_mean                               28 
_refine.aniso_B[1][1]                            ? 
_refine.aniso_B[1][2]                            ? 
_refine.aniso_B[1][3]                            ? 
_refine.aniso_B[2][2]                            ? 
_refine.aniso_B[2][3]                            ? 
_refine.aniso_B[3][3]                            ? 
_refine.details                                  ? 
_refine.B_iso_min                                ? 
_refine.B_iso_max                                ? 
_refine.correlation_coeff_Fo_to_Fc               ? 
_refine.correlation_coeff_Fo_to_Fc_free          ? 
_refine.pdbx_solvent_vdw_probe_radii             ? 
_refine.pdbx_solvent_ion_probe_radii             ? 
_refine.pdbx_solvent_shrinkage_radii             ? 
_refine.overall_SU_R_Cruickshank_DPI             ? 
_refine.overall_SU_R_free                        ? 
_refine.overall_SU_B                             ? 
_refine.overall_SU_ML                            ? 
_refine.pdbx_overall_ESU_R                       ? 
_refine.pdbx_overall_ESU_R_Free                  ? 
_refine.pdbx_data_cutoff_high_rms_absF           ? 
_refine.ls_wR_factor_R_free                      ? 
_refine.ls_wR_factor_R_work                      ? 
_refine.overall_FOM_free_R_set                   ? 
_refine.overall_FOM_work_R_set                   ? 
_refine.pdbx_refine_id                           'X-RAY DIFFRACTION' 
_refine.pdbx_diffrn_id                           1 
_refine.pdbx_TLS_residual_ADP_flag               ? 
_refine.pdbx_overall_phase_error                 ? 
_refine.pdbx_overall_SU_R_free_Cruickshank_DPI   ? 
_refine.pdbx_overall_SU_R_Blow_DPI               ? 
_refine.pdbx_overall_SU_R_free_Blow_DPI          ? 
# 
_refine_analyze.entry_id                        1T5I 
_refine_analyze.Luzzati_coordinate_error_obs    0.2499 
_refine_analyze.Luzzati_sigma_a_obs             0.19 
_refine_analyze.Luzzati_d_res_low_obs           5.0 
_refine_analyze.Luzzati_coordinate_error_free   0.307 
_refine_analyze.Luzzati_sigma_a_free            0.13 
_refine_analyze.Luzzati_d_res_low_free          ? 
_refine_analyze.number_disordered_residues      ? 
_refine_analyze.occupancy_sum_non_hydrogen      ? 
_refine_analyze.occupancy_sum_hydrogen          ? 
_refine_analyze.pdbx_Luzzati_d_res_high_obs     ? 
_refine_analyze.pdbx_refine_id                  'X-RAY DIFFRACTION' 
# 
_refine_hist.pdbx_refine_id                   'X-RAY DIFFRACTION' 
_refine_hist.cycle_id                         LAST 
_refine_hist.pdbx_number_atoms_protein        1311 
_refine_hist.pdbx_number_atoms_nucleic_acid   0 
_refine_hist.pdbx_number_atoms_ligand         0 
_refine_hist.number_atoms_solvent             87 
_refine_hist.number_atoms_total               1398 
_refine_hist.d_res_high                       1.9 
_refine_hist.d_res_low                        30 
# 
loop_
_refine_ls_restr.type 
_refine_ls_restr.dev_ideal 
_refine_ls_restr.dev_ideal_target 
_refine_ls_restr.weight 
_refine_ls_restr.number 
_refine_ls_restr.pdbx_refine_id 
_refine_ls_restr.pdbx_restraint_function 
c_bond_d           0.006 ? ? ? 'X-RAY DIFFRACTION' ? 
c_angle_d          1.343 ? ? ? 'X-RAY DIFFRACTION' ? 
c_improper_angle_d 0.83  ? ? ? 'X-RAY DIFFRACTION' ? 
c_dihedral_angle_d 22.37 ? ? ? 'X-RAY DIFFRACTION' ? 
c_mcbond_it        2.186 ? ? ? 'X-RAY DIFFRACTION' ? 
c_mcangle_it       3.527 ? ? ? 'X-RAY DIFFRACTION' ? 
c_scbond_it        3.588 ? ? ? 'X-RAY DIFFRACTION' ? 
c_scangle_it       5.683 ? ? ? 'X-RAY DIFFRACTION' ? 
# 
_refine_ls_shell.pdbx_total_number_of_bins_used   10 
_refine_ls_shell.d_res_high                       1.90 
_refine_ls_shell.d_res_low                        1.97 
_refine_ls_shell.number_reflns_R_work             625 
_refine_ls_shell.R_factor_R_work                  0.2873 
_refine_ls_shell.percent_reflns_obs               64 
_refine_ls_shell.R_factor_R_free                  0.2485 
_refine_ls_shell.R_factor_R_free_error            ? 
_refine_ls_shell.percent_reflns_R_free            7 
_refine_ls_shell.number_reflns_R_free             45 
_refine_ls_shell.number_reflns_obs                463 
_refine_ls_shell.redundancy_reflns_obs            ? 
_refine_ls_shell.number_reflns_all                ? 
_refine_ls_shell.pdbx_refine_id                   'X-RAY DIFFRACTION' 
_refine_ls_shell.R_factor_all                     ? 
# 
loop_
_pdbx_xplor_file.serial_no 
_pdbx_xplor_file.param_file 
_pdbx_xplor_file.topol_file 
_pdbx_xplor_file.pdbx_refine_id 
1 protein_rep.param protein.top 'X-RAY DIFFRACTION' 
2 water_rep.param   ?           'X-RAY DIFFRACTION' 
# 
_struct.entry_id                  1T5I 
_struct.title                     'Crystal structure of the C-terminal domain of UAP56' 
_struct.pdbx_model_details        ? 
_struct.pdbx_CASP_flag            ? 
_struct.pdbx_model_type_details   ? 
# 
_struct_keywords.entry_id        1T5I 
_struct_keywords.pdbx_keywords   'PRE-MRNA PROCESSING PROTEIN' 
_struct_keywords.text            'RecA-like fold, PRE-MRNA PROCESSING PROTEIN' 
# 
loop_
_struct_asym.id 
_struct_asym.pdbx_blank_PDB_chainid_flag 
_struct_asym.pdbx_modified 
_struct_asym.entity_id 
_struct_asym.details 
A N N 1 ? 
B N N 2 ? 
# 
_struct_ref.id                         1 
_struct_ref.db_name                    UNP 
_struct_ref.db_code                    UAP56_HUMAN 
_struct_ref.pdbx_db_accession          Q13838 
_struct_ref.entity_id                  1 
_struct_ref.pdbx_seq_one_letter_code   
;LHGLQQYYVKLKDNEKNRKLFDLLDVLEFNQVVIFVKSVQRCIALAQLLVEQNFPAIAIHRGMPQEERLSRYQQFKDFQR
RILVATNLFGRGMDIERVNIAFNYDMPEDSDTYLHRVARAGRFGTKGLAITFVSDENDAKILNDVQDRFEVNISELPDEI
DISSYIEQTR
;
_struct_ref.pdbx_align_begin           259 
_struct_ref.pdbx_db_isoform            ? 
# 
_struct_ref_seq.align_id                      1 
_struct_ref_seq.ref_id                        1 
_struct_ref_seq.pdbx_PDB_id_code              1T5I 
_struct_ref_seq.pdbx_strand_id                A 
_struct_ref_seq.seq_align_beg                 3 
_struct_ref_seq.pdbx_seq_align_beg_ins_code   ? 
_struct_ref_seq.seq_align_end                 172 
_struct_ref_seq.pdbx_seq_align_end_ins_code   ? 
_struct_ref_seq.pdbx_db_accession             Q13838 
_struct_ref_seq.db_align_beg                  259 
_struct_ref_seq.pdbx_db_align_beg_ins_code    ? 
_struct_ref_seq.db_align_end                  428 
_struct_ref_seq.pdbx_db_align_end_ins_code    ? 
_struct_ref_seq.pdbx_auth_seq_align_beg       259 
_struct_ref_seq.pdbx_auth_seq_align_end       428 
# 
loop_
_struct_ref_seq_dif.align_id 
_struct_ref_seq_dif.pdbx_pdb_id_code 
_struct_ref_seq_dif.mon_id 
_struct_ref_seq_dif.pdbx_pdb_strand_id 
_struct_ref_seq_dif.seq_num 
_struct_ref_seq_dif.pdbx_pdb_ins_code 
_struct_ref_seq_dif.pdbx_seq_db_name 
_struct_ref_seq_dif.pdbx_seq_db_accession_code 
_struct_ref_seq_dif.db_mon_id 
_struct_ref_seq_dif.pdbx_seq_db_seq_num 
_struct_ref_seq_dif.details 
_struct_ref_seq_dif.pdbx_auth_seq_num 
_struct_ref_seq_dif.pdbx_ordinal 
1 1T5I GLY A 1 ? UNP Q13838 ? ? 'cloning artifact' 257 1 
1 1T5I SER A 2 ? UNP Q13838 ? ? 'cloning artifact' 258 2 
# 
_pdbx_struct_assembly.id                   1 
_pdbx_struct_assembly.details              author_defined_assembly 
_pdbx_struct_assembly.method_details       ? 
_pdbx_struct_assembly.oligomeric_details   monomeric 
_pdbx_struct_assembly.oligomeric_count     1 
# 
_pdbx_struct_assembly_gen.assembly_id       1 
_pdbx_struct_assembly_gen.oper_expression   1 
_pdbx_struct_assembly_gen.asym_id_list      A,B 
# 
_pdbx_struct_oper_list.id                   1 
_pdbx_struct_oper_list.type                 'identity operation' 
_pdbx_struct_oper_list.name                 1_555 
_pdbx_struct_oper_list.symmetry_operation   x,y,z 
_pdbx_struct_oper_list.matrix[1][1]         1.0000000000 
_pdbx_struct_oper_list.matrix[1][2]         0.0000000000 
_pdbx_struct_oper_list.matrix[1][3]         0.0000000000 
_pdbx_struct_oper_list.vector[1]            0.0000000000 
_pdbx_struct_oper_list.matrix[2][1]         0.0000000000 
_pdbx_struct_oper_list.matrix[2][2]         1.0000000000 
_pdbx_struct_oper_list.matrix[2][3]         0.0000000000 
_pdbx_struct_oper_list.vector[2]            0.0000000000 
_pdbx_struct_oper_list.matrix[3][1]         0.0000000000 
_pdbx_struct_oper_list.matrix[3][2]         0.0000000000 
_pdbx_struct_oper_list.matrix[3][3]         1.0000000000 
_pdbx_struct_oper_list.vector[3]            0.0000000000 
# 
_struct_biol.id                    1 
_struct_biol.pdbx_parent_biol_id   ? 
_struct_biol.details               ? 
# 
loop_
_struct_conf.conf_type_id 
_struct_conf.id 
_struct_conf.pdbx_PDB_helix_id 
_struct_conf.beg_label_comp_id 
_struct_conf.beg_label_asym_id 
_struct_conf.beg_label_seq_id 
_struct_conf.pdbx_beg_PDB_ins_code 
_struct_conf.end_label_comp_id 
_struct_conf.end_label_asym_id 
_struct_conf.end_label_seq_id 
_struct_conf.pdbx_end_PDB_ins_code 
_struct_conf.beg_auth_comp_id 
_struct_conf.beg_auth_asym_id 
_struct_conf.beg_auth_seq_id 
_struct_conf.end_auth_comp_id 
_struct_conf.end_auth_asym_id 
_struct_conf.end_auth_seq_id 
_struct_conf.pdbx_PDB_helix_class 
_struct_conf.details 
_struct_conf.pdbx_PDB_helix_length 
HELX_P HELX_P1 1 LYS A 14  ? ASN A 16  ? LYS A 270 ASN A 272 5 ? 3  
HELX_P HELX_P2 2 GLU A 17  ? LEU A 29  ? GLU A 273 LEU A 285 1 ? 13 
HELX_P HELX_P3 3 SER A 40  ? GLN A 54  ? SER A 296 GLN A 310 1 ? 15 
HELX_P HELX_P4 4 PRO A 66  ? ASP A 79  ? PRO A 322 ASP A 335 1 ? 14 
HELX_P HELX_P5 5 ASP A 96  ? VAL A 100 ? ASP A 352 VAL A 356 5 ? 5  
HELX_P HELX_P6 6 ASP A 111 ? GLY A 123 ? ASP A 367 GLY A 379 1 ? 13 
HELX_P HELX_P7 7 ARG A 124 ? THR A 127 ? ARG A 380 THR A 383 5 ? 4  
HELX_P HELX_P8 8 ASP A 137 ? GLU A 152 ? ASP A 393 GLU A 408 1 ? 16 
# 
_struct_conf_type.id          HELX_P 
_struct_conf_type.criteria    ? 
_struct_conf_type.reference   ? 
# 
_struct_sheet.id               A 
_struct_sheet.type             ? 
_struct_sheet.number_strands   7 
_struct_sheet.details          ? 
# 
loop_
_struct_sheet_order.sheet_id 
_struct_sheet_order.range_id_1 
_struct_sheet_order.range_id_2 
_struct_sheet_order.offset 
_struct_sheet_order.sense 
A 1 2 ? parallel 
A 2 3 ? parallel 
A 3 4 ? parallel 
A 4 5 ? parallel 
A 5 6 ? parallel 
A 6 7 ? parallel 
# 
loop_
_struct_sheet_range.sheet_id 
_struct_sheet_range.id 
_struct_sheet_range.beg_label_comp_id 
_struct_sheet_range.beg_label_asym_id 
_struct_sheet_range.beg_label_seq_id 
_struct_sheet_range.pdbx_beg_PDB_ins_code 
_struct_sheet_range.end_label_comp_id 
_struct_sheet_range.end_label_asym_id 
_struct_sheet_range.end_label_seq_id 
_struct_sheet_range.pdbx_end_PDB_ins_code 
_struct_sheet_range.beg_auth_comp_id 
_struct_sheet_range.beg_auth_asym_id 
_struct_sheet_range.beg_auth_seq_id 
_struct_sheet_range.end_auth_comp_id 
_struct_sheet_range.end_auth_asym_id 
_struct_sheet_range.end_auth_seq_id 
A 1 ALA A 58  ? ILE A 61  ? ALA A 314 ILE A 317 
A 2 ILE A 84  ? ALA A 87  ? ILE A 340 ALA A 343 
A 3 VAL A 34  ? PHE A 37  ? VAL A 290 PHE A 293 
A 4 ILE A 102 ? ASN A 105 ? ILE A 358 ASN A 361 
A 5 LEU A 130 ? VAL A 135 ? LEU A 386 VAL A 391 
A 6 GLN A 7   ? LYS A 12  ? GLN A 263 LYS A 268 
A 7 ILE A 155 ? GLU A 157 ? ILE A 411 GLU A 413 
# 
loop_
_pdbx_struct_sheet_hbond.sheet_id 
_pdbx_struct_sheet_hbond.range_id_1 
_pdbx_struct_sheet_hbond.range_id_2 
_pdbx_struct_sheet_hbond.range_1_label_atom_id 
_pdbx_struct_sheet_hbond.range_1_label_comp_id 
_pdbx_struct_sheet_hbond.range_1_label_asym_id 
_pdbx_struct_sheet_hbond.range_1_label_seq_id 
_pdbx_struct_sheet_hbond.range_1_PDB_ins_code 
_pdbx_struct_sheet_hbond.range_1_auth_atom_id 
_pdbx_struct_sheet_hbond.range_1_auth_comp_id 
_pdbx_struct_sheet_hbond.range_1_auth_asym_id 
_pdbx_struct_sheet_hbond.range_1_auth_seq_id 
_pdbx_struct_sheet_hbond.range_2_label_atom_id 
_pdbx_struct_sheet_hbond.range_2_label_comp_id 
_pdbx_struct_sheet_hbond.range_2_label_asym_id 
_pdbx_struct_sheet_hbond.range_2_label_seq_id 
_pdbx_struct_sheet_hbond.range_2_PDB_ins_code 
_pdbx_struct_sheet_hbond.range_2_auth_atom_id 
_pdbx_struct_sheet_hbond.range_2_auth_comp_id 
_pdbx_struct_sheet_hbond.range_2_auth_asym_id 
_pdbx_struct_sheet_hbond.range_2_auth_seq_id 
A 1 2 N ILE A 59  ? N ILE A 315 O VAL A 86  ? O VAL A 342 
A 2 3 O LEU A 85  ? O LEU A 341 N ILE A 36  ? N ILE A 292 
A 3 4 N PHE A 37  ? N PHE A 293 O PHE A 104 ? O PHE A 360 
A 4 5 N ASN A 105 ? N ASN A 361 O ILE A 132 ? O ILE A 388 
A 5 6 O ALA A 131 ? O ALA A 387 N GLN A 7   ? N GLN A 263 
A 6 7 N TYR A 10  ? N TYR A 266 O SER A 156 ? O SER A 412 
# 
loop_
_pdbx_validate_close_contact.id 
_pdbx_validate_close_contact.PDB_model_num 
_pdbx_validate_close_contact.auth_atom_id_1 
_pdbx_validate_close_contact.auth_asym_id_1 
_pdbx_validate_close_contact.auth_comp_id_1 
_pdbx_validate_close_contact.auth_seq_id_1 
_pdbx_validate_close_contact.PDB_ins_code_1 
_pdbx_validate_close_contact.label_alt_id_1 
_pdbx_validate_close_contact.auth_atom_id_2 
_pdbx_validate_close_contact.auth_asym_id_2 
_pdbx_validate_close_contact.auth_comp_id_2 
_pdbx_validate_close_contact.auth_seq_id_2 
_pdbx_validate_close_contact.PDB_ins_code_2 
_pdbx_validate_close_contact.label_alt_id_2 
_pdbx_validate_close_contact.dist 
1  1 CG  A GLU 425 ? ? NH2 A ARG 428 ? ? 1.96 
2  1 O   A HOH 36  ? ? O   A HOH 69  ? ? 1.98 
3  1 N   A SER 296 ? ? O   A HOH 74  ? ? 2.00 
4  1 OD2 A ASP 405 ? ? O   A HOH 66  ? ? 2.08 
5  1 O   A HOH 38  ? ? O   A HOH 77  ? ? 2.15 
6  1 NE2 A GLN 264 ? ? O   A HOH 72  ? ? 2.16 
7  1 O   A HOH 45  ? ? O   A HOH 75  ? ? 2.16 
8  1 N   A PHE 293 ? ? O   A HOH 71  ? ? 2.16 
9  1 O   A HOH 24  ? ? O   A HOH 83  ? ? 2.17 
10 1 NH1 A ARG 428 ? ? O   A HOH 54  ? ? 2.18 
11 1 NH2 A ARG 338 ? ? O   A HOH 68  ? ? 2.18 
12 1 O   A HOH 19  ? ? O   A HOH 80  ? ? 2.18 
13 1 OE1 A GLN 264 ? ? O   A HOH 72  ? ? 2.19 
# 
_pdbx_validate_symm_contact.id                1 
_pdbx_validate_symm_contact.PDB_model_num     1 
_pdbx_validate_symm_contact.auth_atom_id_1    OE2 
_pdbx_validate_symm_contact.auth_asym_id_1    A 
_pdbx_validate_symm_contact.auth_comp_id_1    GLU 
_pdbx_validate_symm_contact.auth_seq_id_1     425 
_pdbx_validate_symm_contact.PDB_ins_code_1    ? 
_pdbx_validate_symm_contact.label_alt_id_1    ? 
_pdbx_validate_symm_contact.site_symmetry_1   1_555 
_pdbx_validate_symm_contact.auth_atom_id_2    O 
_pdbx_validate_symm_contact.auth_asym_id_2    A 
_pdbx_validate_symm_contact.auth_comp_id_2    HOH 
_pdbx_validate_symm_contact.auth_seq_id_2     57 
_pdbx_validate_symm_contact.PDB_ins_code_2    ? 
_pdbx_validate_symm_contact.label_alt_id_2    ? 
_pdbx_validate_symm_contact.site_symmetry_2   3_654 
_pdbx_validate_symm_contact.dist              1.89 
# 
loop_
_pdbx_validate_torsion.id 
_pdbx_validate_torsion.PDB_model_num 
_pdbx_validate_torsion.auth_comp_id 
_pdbx_validate_torsion.auth_asym_id 
_pdbx_validate_torsion.auth_seq_id 
_pdbx_validate_torsion.PDB_ins_code 
_pdbx_validate_torsion.label_alt_id 
_pdbx_validate_torsion.phi 
_pdbx_validate_torsion.psi 
1 1 LEU A 262 ? ? 45.20   78.57   
2 1 ASN A 288 ? ? -100.51 -78.11  
3 1 PRO A 313 ? ? -60.46  79.25   
4 1 PHE A 347 ? ? -112.99 -152.21 
5 1 MET A 351 ? ? -84.37  45.55   
6 1 ASP A 352 ? ? -60.54  69.39   
# 
loop_
_pdbx_unobs_or_zero_occ_residues.id 
_pdbx_unobs_or_zero_occ_residues.PDB_model_num 
_pdbx_unobs_or_zero_occ_residues.polymer_flag 
_pdbx_unobs_or_zero_occ_residues.occupancy_flag 
_pdbx_unobs_or_zero_occ_residues.auth_asym_id 
_pdbx_unobs_or_zero_occ_residues.auth_comp_id 
_pdbx_unobs_or_zero_occ_residues.auth_seq_id 
_pdbx_unobs_or_zero_occ_residues.PDB_ins_code 
_pdbx_unobs_or_zero_occ_residues.label_asym_id 
_pdbx_unobs_or_zero_occ_residues.label_comp_id 
_pdbx_unobs_or_zero_occ_residues.label_seq_id 
1  1 Y 1 A GLY 257 ? A GLY 1   
2  1 Y 1 A SER 258 ? A SER 2   
3  1 Y 1 A LEU 259 ? A LEU 3   
4  1 Y 1 A HIS 260 ? A HIS 4   
5  1 Y 1 A ASP 416 ? A ASP 160 
6  1 Y 1 A GLU 417 ? A GLU 161 
7  1 Y 1 A ILE 418 ? A ILE 162 
8  1 Y 1 A ASP 419 ? A ASP 163 
9  1 Y 1 A ILE 420 ? A ILE 164 
10 1 Y 1 A SER 421 ? A SER 165 
11 1 Y 1 A SER 422 ? A SER 166 
12 1 Y 1 A TYR 423 ? A TYR 167 
13 1 Y 1 A ILE 424 ? A ILE 168 
# 
loop_
_chem_comp_atom.comp_id 
_chem_comp_atom.atom_id 
_chem_comp_atom.type_symbol 
_chem_comp_atom.pdbx_aromatic_flag 
_chem_comp_atom.pdbx_stereo_config 
_chem_comp_atom.pdbx_ordinal 
ALA N    N N N 1   
ALA CA   C N S 2   
ALA C    C N N 3   
ALA O    O N N 4   
ALA CB   C N N 5   
ALA OXT  O N N 6   
ALA H    H N N 7   
ALA H2   H N N 8   
ALA HA   H N N 9   
ALA HB1  H N N 10  
ALA HB2  H N N 11  
ALA HB3  H N N 12  
ALA HXT  H N N 13  
ARG N    N N N 14  
ARG CA   C N S 15  
ARG C    C N N 16  
ARG O    O N N 17  
ARG CB   C N N 18  
ARG CG   C N N 19  
ARG CD   C N N 20  
ARG NE   N N N 21  
ARG CZ   C N N 22  
ARG NH1  N N N 23  
ARG NH2  N N N 24  
ARG OXT  O N N 25  
ARG H    H N N 26  
ARG H2   H N N 27  
ARG HA   H N N 28  
ARG HB2  H N N 29  
ARG HB3  H N N 30  
ARG HG2  H N N 31  
ARG HG3  H N N 32  
ARG HD2  H N N 33  
ARG HD3  H N N 34  
ARG HE   H N N 35  
ARG HH11 H N N 36  
ARG HH12 H N N 37  
ARG HH21 H N N 38  
ARG HH22 H N N 39  
ARG HXT  H N N 40  
ASN N    N N N 41  
ASN CA   C N S 42  
ASN C    C N N 43  
ASN O    O N N 44  
ASN CB   C N N 45  
ASN CG   C N N 46  
ASN OD1  O N N 47  
ASN ND2  N N N 48  
ASN OXT  O N N 49  
ASN H    H N N 50  
ASN H2   H N N 51  
ASN HA   H N N 52  
ASN HB2  H N N 53  
ASN HB3  H N N 54  
ASN HD21 H N N 55  
ASN HD22 H N N 56  
ASN HXT  H N N 57  
ASP N    N N N 58  
ASP CA   C N S 59  
ASP C    C N N 60  
ASP O    O N N 61  
ASP CB   C N N 62  
ASP CG   C N N 63  
ASP OD1  O N N 64  
ASP OD2  O N N 65  
ASP OXT  O N N 66  
ASP H    H N N 67  
ASP H2   H N N 68  
ASP HA   H N N 69  
ASP HB2  H N N 70  
ASP HB3  H N N 71  
ASP HD2  H N N 72  
ASP HXT  H N N 73  
CYS N    N N N 74  
CYS CA   C N R 75  
CYS C    C N N 76  
CYS O    O N N 77  
CYS CB   C N N 78  
CYS SG   S N N 79  
CYS OXT  O N N 80  
CYS H    H N N 81  
CYS H2   H N N 82  
CYS HA   H N N 83  
CYS HB2  H N N 84  
CYS HB3  H N N 85  
CYS HG   H N N 86  
CYS HXT  H N N 87  
GLN N    N N N 88  
GLN CA   C N S 89  
GLN C    C N N 90  
GLN O    O N N 91  
GLN CB   C N N 92  
GLN CG   C N N 93  
GLN CD   C N N 94  
GLN OE1  O N N 95  
GLN NE2  N N N 96  
GLN OXT  O N N 97  
GLN H    H N N 98  
GLN H2   H N N 99  
GLN HA   H N N 100 
GLN HB2  H N N 101 
GLN HB3  H N N 102 
GLN HG2  H N N 103 
GLN HG3  H N N 104 
GLN HE21 H N N 105 
GLN HE22 H N N 106 
GLN HXT  H N N 107 
GLU N    N N N 108 
GLU CA   C N S 109 
GLU C    C N N 110 
GLU O    O N N 111 
GLU CB   C N N 112 
GLU CG   C N N 113 
GLU CD   C N N 114 
GLU OE1  O N N 115 
GLU OE2  O N N 116 
GLU OXT  O N N 117 
GLU H    H N N 118 
GLU H2   H N N 119 
GLU HA   H N N 120 
GLU HB2  H N N 121 
GLU HB3  H N N 122 
GLU HG2  H N N 123 
GLU HG3  H N N 124 
GLU HE2  H N N 125 
GLU HXT  H N N 126 
GLY N    N N N 127 
GLY CA   C N N 128 
GLY C    C N N 129 
GLY O    O N N 130 
GLY OXT  O N N 131 
GLY H    H N N 132 
GLY H2   H N N 133 
GLY HA2  H N N 134 
GLY HA3  H N N 135 
GLY HXT  H N N 136 
HIS N    N N N 137 
HIS CA   C N S 138 
HIS C    C N N 139 
HIS O    O N N 140 
HIS CB   C N N 141 
HIS CG   C Y N 142 
HIS ND1  N Y N 143 
HIS CD2  C Y N 144 
HIS CE1  C Y N 145 
HIS NE2  N Y N 146 
HIS OXT  O N N 147 
HIS H    H N N 148 
HIS H2   H N N 149 
HIS HA   H N N 150 
HIS HB2  H N N 151 
HIS HB3  H N N 152 
HIS HD1  H N N 153 
HIS HD2  H N N 154 
HIS HE1  H N N 155 
HIS HE2  H N N 156 
HIS HXT  H N N 157 
HOH O    O N N 158 
HOH H1   H N N 159 
HOH H2   H N N 160 
ILE N    N N N 161 
ILE CA   C N S 162 
ILE C    C N N 163 
ILE O    O N N 164 
ILE CB   C N S 165 
ILE CG1  C N N 166 
ILE CG2  C N N 167 
ILE CD1  C N N 168 
ILE OXT  O N N 169 
ILE H    H N N 170 
ILE H2   H N N 171 
ILE HA   H N N 172 
ILE HB   H N N 173 
ILE HG12 H N N 174 
ILE HG13 H N N 175 
ILE HG21 H N N 176 
ILE HG22 H N N 177 
ILE HG23 H N N 178 
ILE HD11 H N N 179 
ILE HD12 H N N 180 
ILE HD13 H N N 181 
ILE HXT  H N N 182 
LEU N    N N N 183 
LEU CA   C N S 184 
LEU C    C N N 185 
LEU O    O N N 186 
LEU CB   C N N 187 
LEU CG   C N N 188 
LEU CD1  C N N 189 
LEU CD2  C N N 190 
LEU OXT  O N N 191 
LEU H    H N N 192 
LEU H2   H N N 193 
LEU HA   H N N 194 
LEU HB2  H N N 195 
LEU HB3  H N N 196 
LEU HG   H N N 197 
LEU HD11 H N N 198 
LEU HD12 H N N 199 
LEU HD13 H N N 200 
LEU HD21 H N N 201 
LEU HD22 H N N 202 
LEU HD23 H N N 203 
LEU HXT  H N N 204 
LYS N    N N N 205 
LYS CA   C N S 206 
LYS C    C N N 207 
LYS O    O N N 208 
LYS CB   C N N 209 
LYS CG   C N N 210 
LYS CD   C N N 211 
LYS CE   C N N 212 
LYS NZ   N N N 213 
LYS OXT  O N N 214 
LYS H    H N N 215 
LYS H2   H N N 216 
LYS HA   H N N 217 
LYS HB2  H N N 218 
LYS HB3  H N N 219 
LYS HG2  H N N 220 
LYS HG3  H N N 221 
LYS HD2  H N N 222 
LYS HD3  H N N 223 
LYS HE2  H N N 224 
LYS HE3  H N N 225 
LYS HZ1  H N N 226 
LYS HZ2  H N N 227 
LYS HZ3  H N N 228 
LYS HXT  H N N 229 
MET N    N N N 230 
MET CA   C N S 231 
MET C    C N N 232 
MET O    O N N 233 
MET CB   C N N 234 
MET CG   C N N 235 
MET SD   S N N 236 
MET CE   C N N 237 
MET OXT  O N N 238 
MET H    H N N 239 
MET H2   H N N 240 
MET HA   H N N 241 
MET HB2  H N N 242 
MET HB3  H N N 243 
MET HG2  H N N 244 
MET HG3  H N N 245 
MET HE1  H N N 246 
MET HE2  H N N 247 
MET HE3  H N N 248 
MET HXT  H N N 249 
PHE N    N N N 250 
PHE CA   C N S 251 
PHE C    C N N 252 
PHE O    O N N 253 
PHE CB   C N N 254 
PHE CG   C Y N 255 
PHE CD1  C Y N 256 
PHE CD2  C Y N 257 
PHE CE1  C Y N 258 
PHE CE2  C Y N 259 
PHE CZ   C Y N 260 
PHE OXT  O N N 261 
PHE H    H N N 262 
PHE H2   H N N 263 
PHE HA   H N N 264 
PHE HB2  H N N 265 
PHE HB3  H N N 266 
PHE HD1  H N N 267 
PHE HD2  H N N 268 
PHE HE1  H N N 269 
PHE HE2  H N N 270 
PHE HZ   H N N 271 
PHE HXT  H N N 272 
PRO N    N N N 273 
PRO CA   C N S 274 
PRO C    C N N 275 
PRO O    O N N 276 
PRO CB   C N N 277 
PRO CG   C N N 278 
PRO CD   C N N 279 
PRO OXT  O N N 280 
PRO H    H N N 281 
PRO HA   H N N 282 
PRO HB2  H N N 283 
PRO HB3  H N N 284 
PRO HG2  H N N 285 
PRO HG3  H N N 286 
PRO HD2  H N N 287 
PRO HD3  H N N 288 
PRO HXT  H N N 289 
SER N    N N N 290 
SER CA   C N S 291 
SER C    C N N 292 
SER O    O N N 293 
SER CB   C N N 294 
SER OG   O N N 295 
SER OXT  O N N 296 
SER H    H N N 297 
SER H2   H N N 298 
SER HA   H N N 299 
SER HB2  H N N 300 
SER HB3  H N N 301 
SER HG   H N N 302 
SER HXT  H N N 303 
THR N    N N N 304 
THR CA   C N S 305 
THR C    C N N 306 
THR O    O N N 307 
THR CB   C N R 308 
THR OG1  O N N 309 
THR CG2  C N N 310 
THR OXT  O N N 311 
THR H    H N N 312 
THR H2   H N N 313 
THR HA   H N N 314 
THR HB   H N N 315 
THR HG1  H N N 316 
THR HG21 H N N 317 
THR HG22 H N N 318 
THR HG23 H N N 319 
THR HXT  H N N 320 
TYR N    N N N 321 
TYR CA   C N S 322 
TYR C    C N N 323 
TYR O    O N N 324 
TYR CB   C N N 325 
TYR CG   C Y N 326 
TYR CD1  C Y N 327 
TYR CD2  C Y N 328 
TYR CE1  C Y N 329 
TYR CE2  C Y N 330 
TYR CZ   C Y N 331 
TYR OH   O N N 332 
TYR OXT  O N N 333 
TYR H    H N N 334 
TYR H2   H N N 335 
TYR HA   H N N 336 
TYR HB2  H N N 337 
TYR HB3  H N N 338 
TYR HD1  H N N 339 
TYR HD2  H N N 340 
TYR HE1  H N N 341 
TYR HE2  H N N 342 
TYR HH   H N N 343 
TYR HXT  H N N 344 
VAL N    N N N 345 
VAL CA   C N S 346 
VAL C    C N N 347 
VAL O    O N N 348 
VAL CB   C N N 349 
VAL CG1  C N N 350 
VAL CG2  C N N 351 
VAL OXT  O N N 352 
VAL H    H N N 353 
VAL H2   H N N 354 
VAL HA   H N N 355 
VAL HB   H N N 356 
VAL HG11 H N N 357 
VAL HG12 H N N 358 
VAL HG13 H N N 359 
VAL HG21 H N N 360 
VAL HG22 H N N 361 
VAL HG23 H N N 362 
VAL HXT  H N N 363 
# 
loop_
_chem_comp_bond.comp_id 
_chem_comp_bond.atom_id_1 
_chem_comp_bond.atom_id_2 
_chem_comp_bond.value_order 
_chem_comp_bond.pdbx_aromatic_flag 
_chem_comp_bond.pdbx_stereo_config 
_chem_comp_bond.pdbx_ordinal 
ALA N   CA   sing N N 1   
ALA N   H    sing N N 2   
ALA N   H2   sing N N 3   
ALA CA  C    sing N N 4   
ALA CA  CB   sing N N 5   
ALA CA  HA   sing N N 6   
ALA C   O    doub N N 7   
ALA C   OXT  sing N N 8   
ALA CB  HB1  sing N N 9   
ALA CB  HB2  sing N N 10  
ALA CB  HB3  sing N N 11  
ALA OXT HXT  sing N N 12  
ARG N   CA   sing N N 13  
ARG N   H    sing N N 14  
ARG N   H2   sing N N 15  
ARG CA  C    sing N N 16  
ARG CA  CB   sing N N 17  
ARG CA  HA   sing N N 18  
ARG C   O    doub N N 19  
ARG C   OXT  sing N N 20  
ARG CB  CG   sing N N 21  
ARG CB  HB2  sing N N 22  
ARG CB  HB3  sing N N 23  
ARG CG  CD   sing N N 24  
ARG CG  HG2  sing N N 25  
ARG CG  HG3  sing N N 26  
ARG CD  NE   sing N N 27  
ARG CD  HD2  sing N N 28  
ARG CD  HD3  sing N N 29  
ARG NE  CZ   sing N N 30  
ARG NE  HE   sing N N 31  
ARG CZ  NH1  sing N N 32  
ARG CZ  NH2  doub N N 33  
ARG NH1 HH11 sing N N 34  
ARG NH1 HH12 sing N N 35  
ARG NH2 HH21 sing N N 36  
ARG NH2 HH22 sing N N 37  
ARG OXT HXT  sing N N 38  
ASN N   CA   sing N N 39  
ASN N   H    sing N N 40  
ASN N   H2   sing N N 41  
ASN CA  C    sing N N 42  
ASN CA  CB   sing N N 43  
ASN CA  HA   sing N N 44  
ASN C   O    doub N N 45  
ASN C   OXT  sing N N 46  
ASN CB  CG   sing N N 47  
ASN CB  HB2  sing N N 48  
ASN CB  HB3  sing N N 49  
ASN CG  OD1  doub N N 50  
ASN CG  ND2  sing N N 51  
ASN ND2 HD21 sing N N 52  
ASN ND2 HD22 sing N N 53  
ASN OXT HXT  sing N N 54  
ASP N   CA   sing N N 55  
ASP N   H    sing N N 56  
ASP N   H2   sing N N 57  
ASP CA  C    sing N N 58  
ASP CA  CB   sing N N 59  
ASP CA  HA   sing N N 60  
ASP C   O    doub N N 61  
ASP C   OXT  sing N N 62  
ASP CB  CG   sing N N 63  
ASP CB  HB2  sing N N 64  
ASP CB  HB3  sing N N 65  
ASP CG  OD1  doub N N 66  
ASP CG  OD2  sing N N 67  
ASP OD2 HD2  sing N N 68  
ASP OXT HXT  sing N N 69  
CYS N   CA   sing N N 70  
CYS N   H    sing N N 71  
CYS N   H2   sing N N 72  
CYS CA  C    sing N N 73  
CYS CA  CB   sing N N 74  
CYS CA  HA   sing N N 75  
CYS C   O    doub N N 76  
CYS C   OXT  sing N N 77  
CYS CB  SG   sing N N 78  
CYS CB  HB2  sing N N 79  
CYS CB  HB3  sing N N 80  
CYS SG  HG   sing N N 81  
CYS OXT HXT  sing N N 82  
GLN N   CA   sing N N 83  
GLN N   H    sing N N 84  
GLN N   H2   sing N N 85  
GLN CA  C    sing N N 86  
GLN CA  CB   sing N N 87  
GLN CA  HA   sing N N 88  
GLN C   O    doub N N 89  
GLN C   OXT  sing N N 90  
GLN CB  CG   sing N N 91  
GLN CB  HB2  sing N N 92  
GLN CB  HB3  sing N N 93  
GLN CG  CD   sing N N 94  
GLN CG  HG2  sing N N 95  
GLN CG  HG3  sing N N 96  
GLN CD  OE1  doub N N 97  
GLN CD  NE2  sing N N 98  
GLN NE2 HE21 sing N N 99  
GLN NE2 HE22 sing N N 100 
GLN OXT HXT  sing N N 101 
GLU N   CA   sing N N 102 
GLU N   H    sing N N 103 
GLU N   H2   sing N N 104 
GLU CA  C    sing N N 105 
GLU CA  CB   sing N N 106 
GLU CA  HA   sing N N 107 
GLU C   O    doub N N 108 
GLU C   OXT  sing N N 109 
GLU CB  CG   sing N N 110 
GLU CB  HB2  sing N N 111 
GLU CB  HB3  sing N N 112 
GLU CG  CD   sing N N 113 
GLU CG  HG2  sing N N 114 
GLU CG  HG3  sing N N 115 
GLU CD  OE1  doub N N 116 
GLU CD  OE2  sing N N 117 
GLU OE2 HE2  sing N N 118 
GLU OXT HXT  sing N N 119 
GLY N   CA   sing N N 120 
GLY N   H    sing N N 121 
GLY N   H2   sing N N 122 
GLY CA  C    sing N N 123 
GLY CA  HA2  sing N N 124 
GLY CA  HA3  sing N N 125 
GLY C   O    doub N N 126 
GLY C   OXT  sing N N 127 
GLY OXT HXT  sing N N 128 
HIS N   CA   sing N N 129 
HIS N   H    sing N N 130 
HIS N   H2   sing N N 131 
HIS CA  C    sing N N 132 
HIS CA  CB   sing N N 133 
HIS CA  HA   sing N N 134 
HIS C   O    doub N N 135 
HIS C   OXT  sing N N 136 
HIS CB  CG   sing N N 137 
HIS CB  HB2  sing N N 138 
HIS CB  HB3  sing N N 139 
HIS CG  ND1  sing Y N 140 
HIS CG  CD2  doub Y N 141 
HIS ND1 CE1  doub Y N 142 
HIS ND1 HD1  sing N N 143 
HIS CD2 NE2  sing Y N 144 
HIS CD2 HD2  sing N N 145 
HIS CE1 NE2  sing Y N 146 
HIS CE1 HE1  sing N N 147 
HIS NE2 HE2  sing N N 148 
HIS OXT HXT  sing N N 149 
HOH O   H1   sing N N 150 
HOH O   H2   sing N N 151 
ILE N   CA   sing N N 152 
ILE N   H    sing N N 153 
ILE N   H2   sing N N 154 
ILE CA  C    sing N N 155 
ILE CA  CB   sing N N 156 
ILE CA  HA   sing N N 157 
ILE C   O    doub N N 158 
ILE C   OXT  sing N N 159 
ILE CB  CG1  sing N N 160 
ILE CB  CG2  sing N N 161 
ILE CB  HB   sing N N 162 
ILE CG1 CD1  sing N N 163 
ILE CG1 HG12 sing N N 164 
ILE CG1 HG13 sing N N 165 
ILE CG2 HG21 sing N N 166 
ILE CG2 HG22 sing N N 167 
ILE CG2 HG23 sing N N 168 
ILE CD1 HD11 sing N N 169 
ILE CD1 HD12 sing N N 170 
ILE CD1 HD13 sing N N 171 
ILE OXT HXT  sing N N 172 
LEU N   CA   sing N N 173 
LEU N   H    sing N N 174 
LEU N   H2   sing N N 175 
LEU CA  C    sing N N 176 
LEU CA  CB   sing N N 177 
LEU CA  HA   sing N N 178 
LEU C   O    doub N N 179 
LEU C   OXT  sing N N 180 
LEU CB  CG   sing N N 181 
LEU CB  HB2  sing N N 182 
LEU CB  HB3  sing N N 183 
LEU CG  CD1  sing N N 184 
LEU CG  CD2  sing N N 185 
LEU CG  HG   sing N N 186 
LEU CD1 HD11 sing N N 187 
LEU CD1 HD12 sing N N 188 
LEU CD1 HD13 sing N N 189 
LEU CD2 HD21 sing N N 190 
LEU CD2 HD22 sing N N 191 
LEU CD2 HD23 sing N N 192 
LEU OXT HXT  sing N N 193 
LYS N   CA   sing N N 194 
LYS N   H    sing N N 195 
LYS N   H2   sing N N 196 
LYS CA  C    sing N N 197 
LYS CA  CB   sing N N 198 
LYS CA  HA   sing N N 199 
LYS C   O    doub N N 200 
LYS C   OXT  sing N N 201 
LYS CB  CG   sing N N 202 
LYS CB  HB2  sing N N 203 
LYS CB  HB3  sing N N 204 
LYS CG  CD   sing N N 205 
LYS CG  HG2  sing N N 206 
LYS CG  HG3  sing N N 207 
LYS CD  CE   sing N N 208 
LYS CD  HD2  sing N N 209 
LYS CD  HD3  sing N N 210 
LYS CE  NZ   sing N N 211 
LYS CE  HE2  sing N N 212 
LYS CE  HE3  sing N N 213 
LYS NZ  HZ1  sing N N 214 
LYS NZ  HZ2  sing N N 215 
LYS NZ  HZ3  sing N N 216 
LYS OXT HXT  sing N N 217 
MET N   CA   sing N N 218 
MET N   H    sing N N 219 
MET N   H2   sing N N 220 
MET CA  C    sing N N 221 
MET CA  CB   sing N N 222 
MET CA  HA   sing N N 223 
MET C   O    doub N N 224 
MET C   OXT  sing N N 225 
MET CB  CG   sing N N 226 
MET CB  HB2  sing N N 227 
MET CB  HB3  sing N N 228 
MET CG  SD   sing N N 229 
MET CG  HG2  sing N N 230 
MET CG  HG3  sing N N 231 
MET SD  CE   sing N N 232 
MET CE  HE1  sing N N 233 
MET CE  HE2  sing N N 234 
MET CE  HE3  sing N N 235 
MET OXT HXT  sing N N 236 
PHE N   CA   sing N N 237 
PHE N   H    sing N N 238 
PHE N   H2   sing N N 239 
PHE CA  C    sing N N 240 
PHE CA  CB   sing N N 241 
PHE CA  HA   sing N N 242 
PHE C   O    doub N N 243 
PHE C   OXT  sing N N 244 
PHE CB  CG   sing N N 245 
PHE CB  HB2  sing N N 246 
PHE CB  HB3  sing N N 247 
PHE CG  CD1  doub Y N 248 
PHE CG  CD2  sing Y N 249 
PHE CD1 CE1  sing Y N 250 
PHE CD1 HD1  sing N N 251 
PHE CD2 CE2  doub Y N 252 
PHE CD2 HD2  sing N N 253 
PHE CE1 CZ   doub Y N 254 
PHE CE1 HE1  sing N N 255 
PHE CE2 CZ   sing Y N 256 
PHE CE2 HE2  sing N N 257 
PHE CZ  HZ   sing N N 258 
PHE OXT HXT  sing N N 259 
PRO N   CA   sing N N 260 
PRO N   CD   sing N N 261 
PRO N   H    sing N N 262 
PRO CA  C    sing N N 263 
PRO CA  CB   sing N N 264 
PRO CA  HA   sing N N 265 
PRO C   O    doub N N 266 
PRO C   OXT  sing N N 267 
PRO CB  CG   sing N N 268 
PRO CB  HB2  sing N N 269 
PRO CB  HB3  sing N N 270 
PRO CG  CD   sing N N 271 
PRO CG  HG2  sing N N 272 
PRO CG  HG3  sing N N 273 
PRO CD  HD2  sing N N 274 
PRO CD  HD3  sing N N 275 
PRO OXT HXT  sing N N 276 
SER N   CA   sing N N 277 
SER N   H    sing N N 278 
SER N   H2   sing N N 279 
SER CA  C    sing N N 280 
SER CA  CB   sing N N 281 
SER CA  HA   sing N N 282 
SER C   O    doub N N 283 
SER C   OXT  sing N N 284 
SER CB  OG   sing N N 285 
SER CB  HB2  sing N N 286 
SER CB  HB3  sing N N 287 
SER OG  HG   sing N N 288 
SER OXT HXT  sing N N 289 
THR N   CA   sing N N 290 
THR N   H    sing N N 291 
THR N   H2   sing N N 292 
THR CA  C    sing N N 293 
THR CA  CB   sing N N 294 
THR CA  HA   sing N N 295 
THR C   O    doub N N 296 
THR C   OXT  sing N N 297 
THR CB  OG1  sing N N 298 
THR CB  CG2  sing N N 299 
THR CB  HB   sing N N 300 
THR OG1 HG1  sing N N 301 
THR CG2 HG21 sing N N 302 
THR CG2 HG22 sing N N 303 
THR CG2 HG23 sing N N 304 
THR OXT HXT  sing N N 305 
TYR N   CA   sing N N 306 
TYR N   H    sing N N 307 
TYR N   H2   sing N N 308 
TYR CA  C    sing N N 309 
TYR CA  CB   sing N N 310 
TYR CA  HA   sing N N 311 
TYR C   O    doub N N 312 
TYR C   OXT  sing N N 313 
TYR CB  CG   sing N N 314 
TYR CB  HB2  sing N N 315 
TYR CB  HB3  sing N N 316 
TYR CG  CD1  doub Y N 317 
TYR CG  CD2  sing Y N 318 
TYR CD1 CE1  sing Y N 319 
TYR CD1 HD1  sing N N 320 
TYR CD2 CE2  doub Y N 321 
TYR CD2 HD2  sing N N 322 
TYR CE1 CZ   doub Y N 323 
TYR CE1 HE1  sing N N 324 
TYR CE2 CZ   sing Y N 325 
TYR CE2 HE2  sing N N 326 
TYR CZ  OH   sing N N 327 
TYR OH  HH   sing N N 328 
TYR OXT HXT  sing N N 329 
VAL N   CA   sing N N 330 
VAL N   H    sing N N 331 
VAL N   H2   sing N N 332 
VAL CA  C    sing N N 333 
VAL CA  CB   sing N N 334 
VAL CA  HA   sing N N 335 
VAL C   O    doub N N 336 
VAL C   OXT  sing N N 337 
VAL CB  CG1  sing N N 338 
VAL CB  CG2  sing N N 339 
VAL CB  HB   sing N N 340 
VAL CG1 HG11 sing N N 341 
VAL CG1 HG12 sing N N 342 
VAL CG1 HG13 sing N N 343 
VAL CG2 HG21 sing N N 344 
VAL CG2 HG22 sing N N 345 
VAL CG2 HG23 sing N N 346 
VAL OXT HXT  sing N N 347 
# 
_atom_sites.entry_id                    1T5I 
_atom_sites.fract_transf_matrix[1][1]   0.00827347 
_atom_sites.fract_transf_matrix[1][2]   0.00452855 
_atom_sites.fract_transf_matrix[1][3]   -0.02824484 
_atom_sites.fract_transf_matrix[2][1]   0.01272262 
_atom_sites.fract_transf_matrix[2][2]   0.02575179 
_atom_sites.fract_transf_matrix[2][3]   0.00785554 
_atom_sites.fract_transf_matrix[3][1]   0.00722552 
_atom_sites.fract_transf_matrix[3][2]   -0.00401883 
_atom_sites.fract_transf_matrix[3][3]   0.00147215 
_atom_sites.fract_transf_vector[1]      0.789826 
_atom_sites.fract_transf_vector[2]      0.554710 
_atom_sites.fract_transf_vector[3]      -0.015041 
# 
loop_
_atom_type.symbol 
C 
N 
O 
S 
# 
loop_
_atom_site.group_PDB 
_atom_site.id 
_atom_site.type_symbol 
_atom_site.label_atom_id 
_atom_site.label_alt_id 
_atom_site.label_comp_id 
_atom_site.label_asym_id 
_atom_site.label_entity_id 
_atom_site.label_seq_id 
_atom_site.pdbx_PDB_ins_code 
_atom_site.Cartn_x 
_atom_site.Cartn_y 
_atom_site.Cartn_z 
_atom_site.occupancy 
_atom_site.B_iso_or_equiv 
_atom_site.pdbx_formal_charge 
_atom_site.auth_seq_id 
_atom_site.auth_comp_id 
_atom_site.auth_asym_id 
_atom_site.auth_atom_id 
_atom_site.pdbx_PDB_model_num 
ATOM   1    N N   . GLY A 1 5   ? -6.360  13.289  -2.464  1.00 57.53 ? 261 GLY A N   1 
ATOM   2    C CA  . GLY A 1 5   ? -7.563  12.859  -3.206  1.00 54.64 ? 261 GLY A CA  1 
ATOM   3    C C   . GLY A 1 5   ? -7.668  11.356  -3.188  1.00 51.84 ? 261 GLY A C   1 
ATOM   4    O O   . GLY A 1 5   ? -8.761  10.794  -3.226  1.00 53.72 ? 261 GLY A O   1 
ATOM   5    N N   . LEU A 1 6   ? -6.513  10.710  -3.105  1.00 47.44 ? 262 LEU A N   1 
ATOM   6    C CA  . LEU A 1 6   ? -6.442  9.261   -3.108  1.00 41.23 ? 262 LEU A CA  1 
ATOM   7    C C   . LEU A 1 6   ? -7.345  8.713   -4.196  1.00 38.28 ? 262 LEU A C   1 
ATOM   8    O O   . LEU A 1 6   ? -8.470  8.277   -3.945  1.00 32.34 ? 262 LEU A O   1 
ATOM   9    C CB  . LEU A 1 6   ? -6.834  8.697   -1.743  1.00 38.75 ? 262 LEU A CB  1 
ATOM   10   C CG  . LEU A 1 6   ? -5.682  8.067   -0.942  1.00 36.42 ? 262 LEU A CG  1 
ATOM   11   C CD1 . LEU A 1 6   ? -5.304  6.733   -1.547  1.00 36.09 ? 262 LEU A CD1 1 
ATOM   12   C CD2 . LEU A 1 6   ? -4.474  8.998   -0.922  1.00 33.21 ? 262 LEU A CD2 1 
ATOM   13   N N   . GLN A 1 7   ? -6.842  8.779   -5.421  1.00 36.31 ? 263 GLN A N   1 
ATOM   14   C CA  . GLN A 1 7   ? -7.552  8.255   -6.576  1.00 35.25 ? 263 GLN A CA  1 
ATOM   15   C C   . GLN A 1 7   ? -7.325  6.762   -6.494  1.00 30.79 ? 263 GLN A C   1 
ATOM   16   O O   . GLN A 1 7   ? -6.193  6.315   -6.327  1.00 28.09 ? 263 GLN A O   1 
ATOM   17   C CB  . GLN A 1 7   ? -6.960  8.813   -7.862  1.00 39.88 ? 263 GLN A CB  1 
ATOM   18   C CG  . GLN A 1 7   ? -7.050  10.314  -7.937  1.00 53.46 ? 263 GLN A CG  1 
ATOM   19   C CD  . GLN A 1 7   ? -7.308  10.789  -9.341  1.00 60.25 ? 263 GLN A CD  1 
ATOM   20   O OE1 . GLN A 1 7   ? -8.288  10.385  -9.970  1.00 64.01 ? 263 GLN A OE1 1 
ATOM   21   N NE2 . GLN A 1 7   ? -6.436  11.651  -9.846  1.00 64.88 ? 263 GLN A NE2 1 
ATOM   22   N N   . GLN A 1 8   ? -8.397  5.996   -6.624  1.00 26.55 ? 264 GLN A N   1 
ATOM   23   C CA  . GLN A 1 8   ? -8.300  4.551   -6.492  1.00 23.26 ? 264 GLN A CA  1 
ATOM   24   C C   . GLN A 1 8   ? -8.430  3.756   -7.780  1.00 22.51 ? 264 GLN A C   1 
ATOM   25   O O   . GLN A 1 8   ? -9.307  4.020   -8.607  1.00 20.26 ? 264 GLN A O   1 
ATOM   26   C CB  . GLN A 1 8   ? -9.347  4.092   -5.491  1.00 22.25 ? 264 GLN A CB  1 
ATOM   27   C CG  . GLN A 1 8   ? -9.238  4.818   -4.169  1.00 23.45 ? 264 GLN A CG  1 
ATOM   28   C CD  . GLN A 1 8   ? -10.469 4.639   -3.323  1.00 24.83 ? 264 GLN A CD  1 
ATOM   29   O OE1 . GLN A 1 8   ? -10.852 3.518   -3.002  1.00 23.78 ? 264 GLN A OE1 1 
ATOM   30   N NE2 . GLN A 1 8   ? -11.107 5.748   -2.958  1.00 26.80 ? 264 GLN A NE2 1 
ATOM   31   N N   . TYR A 1 9   ? -7.555  2.764   -7.930  1.00 20.66 ? 265 TYR A N   1 
ATOM   32   C CA  . TYR A 1 9   ? -7.539  1.911   -9.112  1.00 21.30 ? 265 TYR A CA  1 
ATOM   33   C C   . TYR A 1 9   ? -7.243  0.464   -8.745  1.00 21.69 ? 265 TYR A C   1 
ATOM   34   O O   . TYR A 1 9   ? -6.807  0.162   -7.635  1.00 19.07 ? 265 TYR A O   1 
ATOM   35   C CB  . TYR A 1 9   ? -6.461  2.354   -10.097 1.00 22.02 ? 265 TYR A CB  1 
ATOM   36   C CG  . TYR A 1 9   ? -6.597  3.770   -10.582 1.00 27.20 ? 265 TYR A CG  1 
ATOM   37   C CD1 . TYR A 1 9   ? -6.097  4.830   -9.835  1.00 28.06 ? 265 TYR A CD1 1 
ATOM   38   C CD2 . TYR A 1 9   ? -7.219  4.052   -11.800 1.00 27.88 ? 265 TYR A CD2 1 
ATOM   39   C CE1 . TYR A 1 9   ? -6.207  6.135   -10.287 1.00 29.85 ? 265 TYR A CE1 1 
ATOM   40   C CE2 . TYR A 1 9   ? -7.333  5.360   -12.262 1.00 29.03 ? 265 TYR A CE2 1 
ATOM   41   C CZ  . TYR A 1 9   ? -6.822  6.397   -11.499 1.00 30.33 ? 265 TYR A CZ  1 
ATOM   42   O OH  . TYR A 1 9   ? -6.907  7.700   -11.940 1.00 31.45 ? 265 TYR A OH  1 
ATOM   43   N N   . TYR A 1 10  ? -7.455  -0.419  -9.711  1.00 22.45 ? 266 TYR A N   1 
ATOM   44   C CA  . TYR A 1 10  ? -7.197  -1.830  -9.515  1.00 23.93 ? 266 TYR A CA  1 
ATOM   45   C C   . TYR A 1 10  ? -6.604  -2.409  -10.791 1.00 23.07 ? 266 TYR A C   1 
ATOM   46   O O   . TYR A 1 10  ? -6.813  -1.876  -11.883 1.00 23.94 ? 266 TYR A O   1 
ATOM   47   C CB  . TYR A 1 10  ? -8.495  -2.559  -9.143  1.00 28.02 ? 266 TYR A CB  1 
ATOM   48   C CG  . TYR A 1 10  ? -9.483  -2.695  -10.279 1.00 35.90 ? 266 TYR A CG  1 
ATOM   49   C CD1 . TYR A 1 10  ? -9.319  -3.679  -11.255 1.00 40.18 ? 266 TYR A CD1 1 
ATOM   50   C CD2 . TYR A 1 10  ? -10.566 -1.825  -10.396 1.00 38.48 ? 266 TYR A CD2 1 
ATOM   51   C CE1 . TYR A 1 10  ? -10.207 -3.790  -12.323 1.00 42.31 ? 266 TYR A CE1 1 
ATOM   52   C CE2 . TYR A 1 10  ? -11.460 -1.925  -11.459 1.00 41.84 ? 266 TYR A CE2 1 
ATOM   53   C CZ  . TYR A 1 10  ? -11.273 -2.909  -12.420 1.00 43.29 ? 266 TYR A CZ  1 
ATOM   54   O OH  . TYR A 1 10  ? -12.137 -3.003  -13.486 1.00 44.46 ? 266 TYR A OH  1 
ATOM   55   N N   . VAL A 1 11  ? -5.822  -3.468  -10.638 1.00 20.31 ? 267 VAL A N   1 
ATOM   56   C CA  . VAL A 1 11  ? -5.229  -4.156  -11.774 1.00 21.27 ? 267 VAL A CA  1 
ATOM   57   C C   . VAL A 1 11  ? -5.545  -5.625  -11.580 1.00 22.70 ? 267 VAL A C   1 
ATOM   58   O O   . VAL A 1 11  ? -5.278  -6.187  -10.515 1.00 19.37 ? 267 VAL A O   1 
ATOM   59   C CB  . VAL A 1 11  ? -3.694  -4.004  -11.830 1.00 19.44 ? 267 VAL A CB  1 
ATOM   60   C CG1 . VAL A 1 11  ? -3.147  -4.765  -13.031 1.00 20.27 ? 267 VAL A CG1 1 
ATOM   61   C CG2 . VAL A 1 11  ? -3.308  -2.542  -11.923 1.00 20.45 ? 267 VAL A CG2 1 
ATOM   62   N N   . LYS A 1 12  ? -6.130  -6.238  -12.602 1.00 24.44 ? 268 LYS A N   1 
ATOM   63   C CA  . LYS A 1 12  ? -6.455  -7.652  -12.534 1.00 26.67 ? 268 LYS A CA  1 
ATOM   64   C C   . LYS A 1 12  ? -5.354  -8.409  -13.251 1.00 25.02 ? 268 LYS A C   1 
ATOM   65   O O   . LYS A 1 12  ? -5.164  -8.269  -14.470 1.00 21.17 ? 268 LYS A O   1 
ATOM   66   C CB  . LYS A 1 12  ? -7.818  -7.934  -13.182 1.00 32.83 ? 268 LYS A CB  1 
ATOM   67   C CG  . LYS A 1 12  ? -7.932  -7.513  -14.636 1.00 46.40 ? 268 LYS A CG  1 
ATOM   68   C CD  . LYS A 1 12  ? -9.320  -7.820  -15.184 1.00 53.87 ? 268 LYS A CD  1 
ATOM   69   C CE  . LYS A 1 12  ? -9.426  -7.449  -16.656 1.00 57.88 ? 268 LYS A CE  1 
ATOM   70   N NZ  . LYS A 1 12  ? -10.784 -7.730  -17.204 1.00 59.86 ? 268 LYS A NZ  1 
ATOM   71   N N   . LEU A 1 13  ? -4.602  -9.175  -12.471 1.00 21.90 ? 269 LEU A N   1 
ATOM   72   C CA  . LEU A 1 13  ? -3.506  -9.980  -12.985 1.00 21.87 ? 269 LEU A CA  1 
ATOM   73   C C   . LEU A 1 13  ? -3.319  -11.204 -12.103 1.00 21.30 ? 269 LEU A C   1 
ATOM   74   O O   . LEU A 1 13  ? -3.918  -11.300 -11.030 1.00 21.12 ? 269 LEU A O   1 
ATOM   75   C CB  . LEU A 1 13  ? -2.199  -9.185  -13.010 1.00 18.03 ? 269 LEU A CB  1 
ATOM   76   C CG  . LEU A 1 13  ? -1.811  -8.288  -11.828 1.00 21.04 ? 269 LEU A CG  1 
ATOM   77   C CD1 . LEU A 1 13  ? -2.106  -8.946  -10.498 1.00 18.67 ? 269 LEU A CD1 1 
ATOM   78   C CD2 . LEU A 1 13  ? -0.334  -7.940  -11.952 1.00 15.81 ? 269 LEU A CD2 1 
ATOM   79   N N   . LYS A 1 14  ? -2.491  -12.134 -12.570 1.00 21.73 ? 270 LYS A N   1 
ATOM   80   C CA  . LYS A 1 14  ? -2.204  -13.347 -11.820 1.00 21.70 ? 270 LYS A CA  1 
ATOM   81   C C   . LYS A 1 14  ? -1.174  -12.971 -10.766 1.00 21.03 ? 270 LYS A C   1 
ATOM   82   O O   . LYS A 1 14  ? -0.360  -12.061 -10.975 1.00 17.50 ? 270 LYS A O   1 
ATOM   83   C CB  . LYS A 1 14  ? -1.671  -14.438 -12.755 1.00 24.70 ? 270 LYS A CB  1 
ATOM   84   C CG  . LYS A 1 14  ? -2.683  -14.840 -13.820 1.00 32.07 ? 270 LYS A CG  1 
ATOM   85   C CD  . LYS A 1 14  ? -2.305  -16.126 -14.545 1.00 37.29 ? 270 LYS A CD  1 
ATOM   86   C CE  . LYS A 1 14  ? -3.430  -16.568 -15.479 1.00 38.89 ? 270 LYS A CE  1 
ATOM   87   N NZ  . LYS A 1 14  ? -3.155  -17.875 -16.142 1.00 41.88 ? 270 LYS A NZ  1 
ATOM   88   N N   . ASP A 1 15  ? -1.220  -13.658 -9.631  1.00 18.54 ? 271 ASP A N   1 
ATOM   89   C CA  . ASP A 1 15  ? -0.302  -13.362 -8.544  1.00 19.93 ? 271 ASP A CA  1 
ATOM   90   C C   . ASP A 1 15  ? 1.155   -13.454 -8.982  1.00 19.67 ? 271 ASP A C   1 
ATOM   91   O O   . ASP A 1 15  ? 1.992   -12.700 -8.501  1.00 17.08 ? 271 ASP A O   1 
ATOM   92   C CB  . ASP A 1 15  ? -0.580  -14.292 -7.351  1.00 19.76 ? 271 ASP A CB  1 
ATOM   93   C CG  . ASP A 1 15  ? 0.313   -13.999 -6.162  1.00 20.11 ? 271 ASP A CG  1 
ATOM   94   O OD1 . ASP A 1 15  ? 1.382   -14.631 -6.054  1.00 20.14 ? 271 ASP A OD1 1 
ATOM   95   O OD2 . ASP A 1 15  ? -0.055  -13.128 -5.339  1.00 20.05 ? 271 ASP A OD2 1 
ATOM   96   N N   . ASN A 1 16  ? 1.459   -14.355 -9.914  1.00 21.27 ? 272 ASN A N   1 
ATOM   97   C CA  . ASN A 1 16  ? 2.838   -14.487 -10.384 1.00 22.03 ? 272 ASN A CA  1 
ATOM   98   C C   . ASN A 1 16  ? 3.243   -13.348 -11.325 1.00 21.37 ? 272 ASN A C   1 
ATOM   99   O O   . ASN A 1 16  ? 4.365   -13.328 -11.829 1.00 19.96 ? 272 ASN A O   1 
ATOM   100  C CB  . ASN A 1 16  ? 3.066   -15.841 -11.076 1.00 25.62 ? 272 ASN A CB  1 
ATOM   101  C CG  . ASN A 1 16  ? 2.134   -16.072 -12.250 1.00 29.53 ? 272 ASN A CG  1 
ATOM   102  O OD1 . ASN A 1 16  ? 1.904   -15.182 -13.064 1.00 32.33 ? 272 ASN A OD1 1 
ATOM   103  N ND2 . ASN A 1 16  ? 1.608   -17.286 -12.354 1.00 34.97 ? 272 ASN A ND2 1 
ATOM   104  N N   . GLU A 1 17  ? 2.335   -12.404 -11.553 1.00 21.42 ? 273 GLU A N   1 
ATOM   105  C CA  . GLU A 1 17  ? 2.608   -11.256 -12.422 1.00 21.37 ? 273 GLU A CA  1 
ATOM   106  C C   . GLU A 1 17  ? 2.781   -9.998  -11.581 1.00 21.31 ? 273 GLU A C   1 
ATOM   107  O O   . GLU A 1 17  ? 3.176   -8.943  -12.095 1.00 19.07 ? 273 GLU A O   1 
ATOM   108  C CB  . GLU A 1 17  ? 1.450   -11.010 -13.397 1.00 24.04 ? 273 GLU A CB  1 
ATOM   109  C CG  . GLU A 1 17  ? 1.017   -12.193 -14.245 1.00 27.12 ? 273 GLU A CG  1 
ATOM   110  C CD  . GLU A 1 17  ? 0.011   -11.778 -15.315 1.00 30.78 ? 273 GLU A CD  1 
ATOM   111  O OE1 . GLU A 1 17  ? 0.440   -11.199 -16.338 1.00 33.25 ? 273 GLU A OE1 1 
ATOM   112  O OE2 . GLU A 1 17  ? -1.206  -12.013 -15.129 1.00 28.49 ? 273 GLU A OE2 1 
ATOM   113  N N   . LYS A 1 18  ? 2.477   -10.116 -10.292 1.00 18.89 ? 274 LYS A N   1 
ATOM   114  C CA  . LYS A 1 18  ? 2.557   -8.991  -9.368  1.00 18.32 ? 274 LYS A CA  1 
ATOM   115  C C   . LYS A 1 18  ? 3.902   -8.286  -9.272  1.00 19.38 ? 274 LYS A C   1 
ATOM   116  O O   . LYS A 1 18  ? 3.948   -7.055  -9.306  1.00 19.66 ? 274 LYS A O   1 
ATOM   117  C CB  . LYS A 1 18  ? 2.120   -9.422  -7.969  1.00 14.68 ? 274 LYS A CB  1 
ATOM   118  C CG  . LYS A 1 18  ? 0.612   -9.557  -7.799  1.00 14.00 ? 274 LYS A CG  1 
ATOM   119  C CD  . LYS A 1 18  ? 0.270   -10.032 -6.400  1.00 10.51 ? 274 LYS A CD  1 
ATOM   120  C CE  . LYS A 1 18  ? -1.231  -10.254 -6.245  1.00 14.49 ? 274 LYS A CE  1 
ATOM   121  N NZ  . LYS A 1 18  ? -1.570  -10.751 -4.876  1.00 14.75 ? 274 LYS A NZ  1 
ATOM   122  N N   . ASN A 1 19  ? 4.989   -9.040  -9.131  1.00 19.24 ? 275 ASN A N   1 
ATOM   123  C CA  . ASN A 1 19  ? 6.303   -8.407  -9.028  1.00 23.24 ? 275 ASN A CA  1 
ATOM   124  C C   . ASN A 1 19  ? 6.612   -7.624  -10.298 1.00 26.31 ? 275 ASN A C   1 
ATOM   125  O O   . ASN A 1 19  ? 7.137   -6.507  -10.247 1.00 25.48 ? 275 ASN A O   1 
ATOM   126  C CB  . ASN A 1 19  ? 7.396   -9.447  -8.781  1.00 22.84 ? 275 ASN A CB  1 
ATOM   127  C CG  . ASN A 1 19  ? 7.283   -10.098 -7.414  1.00 23.28 ? 275 ASN A CG  1 
ATOM   128  O OD1 . ASN A 1 19  ? 6.814   -9.482  -6.454  1.00 18.92 ? 275 ASN A OD1 1 
ATOM   129  N ND2 . ASN A 1 19  ? 7.721   -11.347 -7.317  1.00 22.24 ? 275 ASN A ND2 1 
ATOM   130  N N   . ARG A 1 20  ? 6.271   -8.223  -11.435 1.00 29.93 ? 276 ARG A N   1 
ATOM   131  C CA  . ARG A 1 20  ? 6.488   -7.615  -12.741 1.00 33.26 ? 276 ARG A CA  1 
ATOM   132  C C   . ARG A 1 20  ? 5.704   -6.309  -12.856 1.00 32.01 ? 276 ARG A C   1 
ATOM   133  O O   . ARG A 1 20  ? 6.242   -5.281  -13.268 1.00 30.55 ? 276 ARG A O   1 
ATOM   134  C CB  . ARG A 1 20  ? 6.059   -8.600  -13.830 1.00 39.62 ? 276 ARG A CB  1 
ATOM   135  C CG  . ARG A 1 20  ? 6.079   -8.075  -15.251 1.00 52.79 ? 276 ARG A CG  1 
ATOM   136  C CD  . ARG A 1 20  ? 5.752   -9.213  -16.203 1.00 60.77 ? 276 ARG A CD  1 
ATOM   137  N NE  . ARG A 1 20  ? 5.340   -8.765  -17.531 1.00 65.38 ? 276 ARG A NE  1 
ATOM   138  C CZ  . ARG A 1 20  ? 4.985   -9.589  -18.513 1.00 66.31 ? 276 ARG A CZ  1 
ATOM   139  N NH1 . ARG A 1 20  ? 4.993   -10.898 -18.309 1.00 66.93 ? 276 ARG A NH1 1 
ATOM   140  N NH2 . ARG A 1 20  ? 4.618   -9.107  -19.693 1.00 66.29 ? 276 ARG A NH2 1 
ATOM   141  N N   . LYS A 1 21  ? 4.432   -6.350  -12.474 1.00 28.17 ? 277 LYS A N   1 
ATOM   142  C CA  . LYS A 1 21  ? 3.592   -5.164  -12.541 1.00 24.47 ? 277 LYS A CA  1 
ATOM   143  C C   . LYS A 1 21  ? 4.055   -4.115  -11.531 1.00 22.64 ? 277 LYS A C   1 
ATOM   144  O O   . LYS A 1 21  ? 4.046   -2.915  -11.817 1.00 19.39 ? 277 LYS A O   1 
ATOM   145  C CB  . LYS A 1 21  ? 2.135   -5.531  -12.267 1.00 24.72 ? 277 LYS A CB  1 
ATOM   146  C CG  . LYS A 1 21  ? 1.166   -4.393  -12.493 1.00 27.12 ? 277 LYS A CG  1 
ATOM   147  C CD  . LYS A 1 21  ? 1.272   -3.860  -13.914 1.00 28.26 ? 277 LYS A CD  1 
ATOM   148  C CE  . LYS A 1 21  ? 0.204   -2.810  -14.184 1.00 32.34 ? 277 LYS A CE  1 
ATOM   149  N NZ  . LYS A 1 21  ? 0.261   -2.309  -15.592 1.00 34.84 ? 277 LYS A NZ  1 
ATOM   150  N N   . LEU A 1 22  ? 4.453   -4.575  -10.350 1.00 18.82 ? 278 LEU A N   1 
ATOM   151  C CA  . LEU A 1 22  ? 4.916   -3.675  -9.301  1.00 20.22 ? 278 LEU A CA  1 
ATOM   152  C C   . LEU A 1 22  ? 6.162   -2.925  -9.755  1.00 20.11 ? 278 LEU A C   1 
ATOM   153  O O   . LEU A 1 22  ? 6.238   -1.697  -9.644  1.00 18.81 ? 278 LEU A O   1 
ATOM   154  C CB  . LEU A 1 22  ? 5.238   -4.449  -8.021  1.00 18.04 ? 278 LEU A CB  1 
ATOM   155  C CG  . LEU A 1 22  ? 5.734   -3.539  -6.894  1.00 17.50 ? 278 LEU A CG  1 
ATOM   156  C CD1 . LEU A 1 22  ? 4.673   -2.509  -6.576  1.00 20.51 ? 278 LEU A CD1 1 
ATOM   157  C CD2 . LEU A 1 22  ? 6.069   -4.344  -5.656  1.00 19.08 ? 278 LEU A CD2 1 
ATOM   158  N N   . PHE A 1 23  ? 7.142   -3.678  -10.241 1.00 22.97 ? 279 PHE A N   1 
ATOM   159  C CA  . PHE A 1 23  ? 8.387   -3.102  -10.722 1.00 25.53 ? 279 PHE A CA  1 
ATOM   160  C C   . PHE A 1 23  ? 8.109   -2.086  -11.819 1.00 25.67 ? 279 PHE A C   1 
ATOM   161  O O   . PHE A 1 23  ? 8.699   -1.011  -11.825 1.00 26.50 ? 279 PHE A O   1 
ATOM   162  C CB  . PHE A 1 23  ? 9.309   -4.202  -11.256 1.00 25.84 ? 279 PHE A CB  1 
ATOM   163  C CG  . PHE A 1 23  ? 9.800   -5.153  -10.199 1.00 28.63 ? 279 PHE A CG  1 
ATOM   164  C CD1 . PHE A 1 23  ? 10.337  -6.384  -10.557 1.00 30.50 ? 279 PHE A CD1 1 
ATOM   165  C CD2 . PHE A 1 23  ? 9.720   -4.825  -8.847  1.00 30.03 ? 279 PHE A CD2 1 
ATOM   166  C CE1 . PHE A 1 23  ? 10.784  -7.278  -9.582  1.00 29.99 ? 279 PHE A CE1 1 
ATOM   167  C CE2 . PHE A 1 23  ? 10.165  -5.711  -7.866  1.00 29.09 ? 279 PHE A CE2 1 
ATOM   168  C CZ  . PHE A 1 23  ? 10.695  -6.938  -8.233  1.00 29.90 ? 279 PHE A CZ  1 
ATOM   169  N N   . ASP A 1 24  ? 7.214   -2.435  -12.742 1.00 26.99 ? 280 ASP A N   1 
ATOM   170  C CA  . ASP A 1 24  ? 6.851   -1.551  -13.849 1.00 29.02 ? 280 ASP A CA  1 
ATOM   171  C C   . ASP A 1 24  ? 6.254   -0.231  -13.362 1.00 27.43 ? 280 ASP A C   1 
ATOM   172  O O   . ASP A 1 24  ? 6.672   0.843   -13.787 1.00 27.33 ? 280 ASP A O   1 
ATOM   173  C CB  . ASP A 1 24  ? 5.833   -2.219  -14.782 1.00 37.14 ? 280 ASP A CB  1 
ATOM   174  C CG  . ASP A 1 24  ? 6.434   -3.330  -15.616 1.00 45.28 ? 280 ASP A CG  1 
ATOM   175  O OD1 . ASP A 1 24  ? 7.513   -3.119  -16.211 1.00 50.56 ? 280 ASP A OD1 1 
ATOM   176  O OD2 . ASP A 1 24  ? 5.814   -4.410  -15.686 1.00 52.17 ? 280 ASP A OD2 1 
ATOM   177  N N   . LEU A 1 25  ? 5.272   -0.320  -12.471 1.00 22.50 ? 281 LEU A N   1 
ATOM   178  C CA  . LEU A 1 25  ? 4.604   0.867   -11.947 1.00 21.51 ? 281 LEU A CA  1 
ATOM   179  C C   . LEU A 1 25  ? 5.525   1.793   -11.150 1.00 20.31 ? 281 LEU A C   1 
ATOM   180  O O   . LEU A 1 25  ? 5.344   3.012   -11.178 1.00 20.38 ? 281 LEU A O   1 
ATOM   181  C CB  . LEU A 1 25  ? 3.398   0.463   -11.095 1.00 19.97 ? 281 LEU A CB  1 
ATOM   182  C CG  . LEU A 1 25  ? 2.196   -0.096  -11.870 1.00 20.14 ? 281 LEU A CG  1 
ATOM   183  C CD1 . LEU A 1 25  ? 1.132   -0.571  -10.913 1.00 21.13 ? 281 LEU A CD1 1 
ATOM   184  C CD2 . LEU A 1 25  ? 1.626   0.982   -12.778 1.00 22.92 ? 281 LEU A CD2 1 
ATOM   185  N N   . LEU A 1 26  ? 6.512   1.233   -10.457 1.00 22.18 ? 282 LEU A N   1 
ATOM   186  C CA  . LEU A 1 26  ? 7.439   2.048   -9.678  1.00 25.04 ? 282 LEU A CA  1 
ATOM   187  C C   . LEU A 1 26  ? 8.382   2.924   -10.519 1.00 30.38 ? 282 LEU A C   1 
ATOM   188  O O   . LEU A 1 26  ? 8.819   3.976   -10.053 1.00 30.26 ? 282 LEU A O   1 
ATOM   189  C CB  . LEU A 1 26  ? 8.265   1.168   -8.733  1.00 21.37 ? 282 LEU A CB  1 
ATOM   190  C CG  . LEU A 1 26  ? 7.523   0.571   -7.526  1.00 21.65 ? 282 LEU A CG  1 
ATOM   191  C CD1 . LEU A 1 26  ? 8.395   -0.475  -6.864  1.00 18.21 ? 282 LEU A CD1 1 
ATOM   192  C CD2 . LEU A 1 26  ? 7.160   1.673   -6.531  1.00 22.11 ? 282 LEU A CD2 1 
ATOM   193  N N   . ASP A 1 27  ? 8.712   2.511   -11.740 1.00 35.22 ? 283 ASP A N   1 
ATOM   194  C CA  . ASP A 1 27  ? 9.602   3.350   -12.543 1.00 41.57 ? 283 ASP A CA  1 
ATOM   195  C C   . ASP A 1 27  ? 8.796   4.357   -13.350 1.00 41.41 ? 283 ASP A C   1 
ATOM   196  O O   . ASP A 1 27  ? 9.256   5.472   -13.593 1.00 45.32 ? 283 ASP A O   1 
ATOM   197  C CB  . ASP A 1 27  ? 10.459  2.536   -13.520 1.00 48.97 ? 283 ASP A CB  1 
ATOM   198  C CG  . ASP A 1 27  ? 10.551  1.079   -13.153 1.00 56.99 ? 283 ASP A CG  1 
ATOM   199  O OD1 . ASP A 1 27  ? 9.582   0.345   -13.432 1.00 62.92 ? 283 ASP A OD1 1 
ATOM   200  O OD2 . ASP A 1 27  ? 11.587  0.668   -12.590 1.00 60.83 ? 283 ASP A OD2 1 
ATOM   201  N N   . VAL A 1 28  ? 7.592   3.962   -13.760 1.00 39.08 ? 284 VAL A N   1 
ATOM   202  C CA  . VAL A 1 28  ? 6.732   4.829   -14.558 1.00 36.62 ? 284 VAL A CA  1 
ATOM   203  C C   . VAL A 1 28  ? 5.992   5.886   -13.740 1.00 36.21 ? 284 VAL A C   1 
ATOM   204  O O   . VAL A 1 28  ? 5.713   6.976   -14.239 1.00 36.24 ? 284 VAL A O   1 
ATOM   205  C CB  . VAL A 1 28  ? 5.692   4.007   -15.361 1.00 35.14 ? 284 VAL A CB  1 
ATOM   206  C CG1 . VAL A 1 28  ? 4.579   3.502   -14.448 1.00 35.59 ? 284 VAL A CG1 1 
ATOM   207  C CG2 . VAL A 1 28  ? 5.118   4.859   -16.478 1.00 36.95 ? 284 VAL A CG2 1 
ATOM   208  N N   . LEU A 1 29  ? 5.676   5.574   -12.485 1.00 32.74 ? 285 LEU A N   1 
ATOM   209  C CA  . LEU A 1 29  ? 4.965   6.524   -11.638 1.00 31.59 ? 285 LEU A CA  1 
ATOM   210  C C   . LEU A 1 29  ? 5.886   7.459   -10.874 1.00 31.41 ? 285 LEU A C   1 
ATOM   211  O O   . LEU A 1 29  ? 6.978   7.074   -10.448 1.00 28.70 ? 285 LEU A O   1 
ATOM   212  C CB  . LEU A 1 29  ? 4.070   5.793   -10.632 1.00 29.65 ? 285 LEU A CB  1 
ATOM   213  C CG  . LEU A 1 29  ? 2.989   4.878   -11.206 1.00 29.70 ? 285 LEU A CG  1 
ATOM   214  C CD1 . LEU A 1 29  ? 2.206   4.239   -10.072 1.00 27.09 ? 285 LEU A CD1 1 
ATOM   215  C CD2 . LEU A 1 29  ? 2.068   5.681   -12.117 1.00 29.18 ? 285 LEU A CD2 1 
ATOM   216  N N   . GLU A 1 30  ? 5.433   8.698   -10.720 1.00 34.32 ? 286 GLU A N   1 
ATOM   217  C CA  . GLU A 1 30  ? 6.175   9.705   -9.978  1.00 38.26 ? 286 GLU A CA  1 
ATOM   218  C C   . GLU A 1 30  ? 5.770   9.517   -8.527  1.00 37.72 ? 286 GLU A C   1 
ATOM   219  O O   . GLU A 1 30  ? 4.585   9.354   -8.230  1.00 37.55 ? 286 GLU A O   1 
ATOM   220  C CB  . GLU A 1 30  ? 5.780   11.114  -10.428 1.00 41.77 ? 286 GLU A CB  1 
ATOM   221  C CG  . GLU A 1 30  ? 6.597   11.650  -11.581 1.00 52.24 ? 286 GLU A CG  1 
ATOM   222  C CD  . GLU A 1 30  ? 8.079   11.573  -11.297 1.00 57.17 ? 286 GLU A CD  1 
ATOM   223  O OE1 . GLU A 1 30  ? 8.500   12.005  -10.202 1.00 59.47 ? 286 GLU A OE1 1 
ATOM   224  O OE2 . GLU A 1 30  ? 8.822   11.081  -12.170 1.00 60.95 ? 286 GLU A OE2 1 
ATOM   225  N N   . PHE A 1 31  ? 6.738   9.525   -7.624  1.00 37.22 ? 287 PHE A N   1 
ATOM   226  C CA  . PHE A 1 31  ? 6.416   9.358   -6.218  1.00 36.64 ? 287 PHE A CA  1 
ATOM   227  C C   . PHE A 1 31  ? 7.566   9.741   -5.313  1.00 35.64 ? 287 PHE A C   1 
ATOM   228  O O   . PHE A 1 31  ? 8.732   9.662   -5.701  1.00 32.94 ? 287 PHE A O   1 
ATOM   229  C CB  . PHE A 1 31  ? 6.009   7.904   -5.933  1.00 35.47 ? 287 PHE A CB  1 
ATOM   230  C CG  . PHE A 1 31  ? 7.154   6.929   -5.991  1.00 36.85 ? 287 PHE A CG  1 
ATOM   231  C CD1 . PHE A 1 31  ? 8.056   6.826   -4.936  1.00 37.77 ? 287 PHE A CD1 1 
ATOM   232  C CD2 . PHE A 1 31  ? 7.351   6.139   -7.118  1.00 37.14 ? 287 PHE A CD2 1 
ATOM   233  C CE1 . PHE A 1 31  ? 9.137   5.954   -5.003  1.00 36.75 ? 287 PHE A CE1 1 
ATOM   234  C CE2 . PHE A 1 31  ? 8.429   5.263   -7.198  1.00 36.87 ? 287 PHE A CE2 1 
ATOM   235  C CZ  . PHE A 1 31  ? 9.324   5.171   -6.138  1.00 38.98 ? 287 PHE A CZ  1 
ATOM   236  N N   . ASN A 1 32  ? 7.211   10.162  -4.103  1.00 34.49 ? 288 ASN A N   1 
ATOM   237  C CA  . ASN A 1 32  ? 8.176   10.519  -3.075  1.00 33.95 ? 288 ASN A CA  1 
ATOM   238  C C   . ASN A 1 32  ? 8.242   9.312   -2.146  1.00 31.36 ? 288 ASN A C   1 
ATOM   239  O O   . ASN A 1 32  ? 9.172   8.509   -2.219  1.00 29.46 ? 288 ASN A O   1 
ATOM   240  C CB  . ASN A 1 32  ? 7.713   11.752  -2.288  1.00 40.11 ? 288 ASN A CB  1 
ATOM   241  C CG  . ASN A 1 32  ? 7.855   13.036  -3.075  1.00 47.53 ? 288 ASN A CG  1 
ATOM   242  O OD1 . ASN A 1 32  ? 8.937   13.362  -3.556  1.00 53.14 ? 288 ASN A OD1 1 
ATOM   243  N ND2 . ASN A 1 32  ? 6.764   13.783  -3.193  1.00 52.27 ? 288 ASN A ND2 1 
ATOM   244  N N   . GLN A 1 33  ? 7.238   9.188   -1.280  1.00 26.59 ? 289 GLN A N   1 
ATOM   245  C CA  . GLN A 1 33  ? 7.157   8.076   -0.333  1.00 23.57 ? 289 GLN A CA  1 
ATOM   246  C C   . GLN A 1 33  ? 6.007   7.156   -0.758  1.00 21.90 ? 289 GLN A C   1 
ATOM   247  O O   . GLN A 1 33  ? 4.956   7.623   -1.205  1.00 17.56 ? 289 GLN A O   1 
ATOM   248  C CB  . GLN A 1 33  ? 6.894   8.582   1.090   1.00 23.23 ? 289 GLN A CB  1 
ATOM   249  C CG  . GLN A 1 33  ? 7.947   9.531   1.651   1.00 29.30 ? 289 GLN A CG  1 
ATOM   250  C CD  . GLN A 1 33  ? 9.340   8.934   1.654   1.00 32.20 ? 289 GLN A CD  1 
ATOM   251  O OE1 . GLN A 1 33  ? 9.961   8.767   0.599   1.00 32.04 ? 289 GLN A OE1 1 
ATOM   252  N NE2 . GLN A 1 33  ? 9.839   8.597   2.842   1.00 32.29 ? 289 GLN A NE2 1 
ATOM   253  N N   . VAL A 1 34  ? 6.214   5.849   -0.625  1.00 19.40 ? 290 VAL A N   1 
ATOM   254  C CA  . VAL A 1 34  ? 5.201   4.872   -1.005  1.00 18.41 ? 290 VAL A CA  1 
ATOM   255  C C   . VAL A 1 34  ? 5.044   3.828   0.098   1.00 14.92 ? 290 VAL A C   1 
ATOM   256  O O   . VAL A 1 34  ? 5.978   3.568   0.856   1.00 15.97 ? 290 VAL A O   1 
ATOM   257  C CB  . VAL A 1 34  ? 5.605   4.123   -2.309  1.00 22.00 ? 290 VAL A CB  1 
ATOM   258  C CG1 . VAL A 1 34  ? 4.599   3.025   -2.623  1.00 22.23 ? 290 VAL A CG1 1 
ATOM   259  C CG2 . VAL A 1 34  ? 5.681   5.093   -3.464  1.00 24.62 ? 290 VAL A CG2 1 
ATOM   260  N N   . VAL A 1 35  ? 3.852   3.256   0.205   1.00 14.59 ? 291 VAL A N   1 
ATOM   261  C CA  . VAL A 1 35  ? 3.615   2.191   1.173   1.00 12.11 ? 291 VAL A CA  1 
ATOM   262  C C   . VAL A 1 35  ? 2.990   1.069   0.363   1.00 10.88 ? 291 VAL A C   1 
ATOM   263  O O   . VAL A 1 35  ? 2.181   1.318   -0.533  1.00 11.82 ? 291 VAL A O   1 
ATOM   264  C CB  . VAL A 1 35  ? 2.662   2.613   2.328   1.00 12.20 ? 291 VAL A CB  1 
ATOM   265  C CG1 . VAL A 1 35  ? 1.302   3.034   1.793   1.00 9.58  ? 291 VAL A CG1 1 
ATOM   266  C CG2 . VAL A 1 35  ? 2.505   1.439   3.314   1.00 10.95 ? 291 VAL A CG2 1 
ATOM   267  N N   . ILE A 1 36  ? 3.401   -0.159  0.649   1.00 11.97 ? 292 ILE A N   1 
ATOM   268  C CA  . ILE A 1 36  ? 2.896   -1.335  -0.058  1.00 10.76 ? 292 ILE A CA  1 
ATOM   269  C C   . ILE A 1 36  ? 2.438   -2.336  0.997   1.00 13.19 ? 292 ILE A C   1 
ATOM   270  O O   . ILE A 1 36  ? 3.218   -2.700  1.873   1.00 13.07 ? 292 ILE A O   1 
ATOM   271  C CB  . ILE A 1 36  ? 4.014   -1.981  -0.905  1.00 11.28 ? 292 ILE A CB  1 
ATOM   272  C CG1 . ILE A 1 36  ? 4.555   -0.963  -1.923  1.00 8.05  ? 292 ILE A CG1 1 
ATOM   273  C CG2 . ILE A 1 36  ? 3.483   -3.228  -1.616  1.00 12.13 ? 292 ILE A CG2 1 
ATOM   274  C CD1 . ILE A 1 36  ? 5.853   -1.385  -2.576  1.00 12.29 ? 292 ILE A CD1 1 
ATOM   275  N N   . PHE A 1 37  ? 1.184   -2.777  0.919   1.00 13.72 ? 293 PHE A N   1 
ATOM   276  C CA  . PHE A 1 37  ? 0.666   -3.736  1.888   1.00 13.53 ? 293 PHE A CA  1 
ATOM   277  C C   . PHE A 1 37  ? 0.660   -5.155  1.331   1.00 14.60 ? 293 PHE A C   1 
ATOM   278  O O   . PHE A 1 37  ? 0.306   -5.373  0.165   1.00 12.28 ? 293 PHE A O   1 
ATOM   279  C CB  . PHE A 1 37  ? -0.764  -3.381  2.302   1.00 13.41 ? 293 PHE A CB  1 
ATOM   280  C CG  . PHE A 1 37  ? -0.890  -2.077  3.032   1.00 14.05 ? 293 PHE A CG  1 
ATOM   281  C CD1 . PHE A 1 37  ? -1.264  -0.917  2.354   1.00 15.34 ? 293 PHE A CD1 1 
ATOM   282  C CD2 . PHE A 1 37  ? -0.645  -2.007  4.398   1.00 15.95 ? 293 PHE A CD2 1 
ATOM   283  C CE1 . PHE A 1 37  ? -1.398  0.301   3.028   1.00 12.85 ? 293 PHE A CE1 1 
ATOM   284  C CE2 . PHE A 1 37  ? -0.774  -0.787  5.090   1.00 13.25 ? 293 PHE A CE2 1 
ATOM   285  C CZ  . PHE A 1 37  ? -1.153  0.366   4.398   1.00 13.76 ? 293 PHE A CZ  1 
ATOM   286  N N   . VAL A 1 38  ? 1.054   -6.114  2.170   1.00 13.53 ? 294 VAL A N   1 
ATOM   287  C CA  . VAL A 1 38  ? 1.062   -7.524  1.788   1.00 14.43 ? 294 VAL A CA  1 
ATOM   288  C C   . VAL A 1 38  ? 0.312   -8.299  2.869   1.00 15.85 ? 294 VAL A C   1 
ATOM   289  O O   . VAL A 1 38  ? 0.149   -7.809  3.990   1.00 13.17 ? 294 VAL A O   1 
ATOM   290  C CB  . VAL A 1 38  ? 2.498   -8.088  1.635   1.00 13.52 ? 294 VAL A CB  1 
ATOM   291  C CG1 . VAL A 1 38  ? 3.209   -7.377  0.509   1.00 17.20 ? 294 VAL A CG1 1 
ATOM   292  C CG2 . VAL A 1 38  ? 3.268   -7.941  2.941   1.00 13.03 ? 294 VAL A CG2 1 
ATOM   293  N N   . LYS A 1 39  ? -0.129  -9.508  2.546   1.00 14.74 ? 295 LYS A N   1 
ATOM   294  C CA  . LYS A 1 39  ? -0.914  -10.290 3.493   1.00 18.75 ? 295 LYS A CA  1 
ATOM   295  C C   . LYS A 1 39  ? -0.196  -11.051 4.606   1.00 19.08 ? 295 LYS A C   1 
ATOM   296  O O   . LYS A 1 39  ? -0.842  -11.468 5.562   1.00 22.54 ? 295 LYS A O   1 
ATOM   297  C CB  . LYS A 1 39  ? -1.818  -11.264 2.728   1.00 20.72 ? 295 LYS A CB  1 
ATOM   298  C CG  . LYS A 1 39  ? -1.076  -12.326 1.938   1.00 25.21 ? 295 LYS A CG  1 
ATOM   299  C CD  . LYS A 1 39  ? -2.064  -13.208 1.190   1.00 28.71 ? 295 LYS A CD  1 
ATOM   300  C CE  . LYS A 1 39  ? -1.362  -14.201 0.286   1.00 30.84 ? 295 LYS A CE  1 
ATOM   301  N NZ  . LYS A 1 39  ? -2.337  -14.909 -0.605  1.00 31.24 ? 295 LYS A NZ  1 
ATOM   302  N N   . SER A 1 40  ? 1.118   -11.227 4.508   1.00 17.46 ? 296 SER A N   1 
ATOM   303  C CA  . SER A 1 40  ? 1.842   -11.979 5.537   1.00 16.18 ? 296 SER A CA  1 
ATOM   304  C C   . SER A 1 40  ? 3.226   -11.419 5.875   1.00 17.01 ? 296 SER A C   1 
ATOM   305  O O   . SER A 1 40  ? 3.840   -10.696 5.085   1.00 11.97 ? 296 SER A O   1 
ATOM   306  C CB  . SER A 1 40  ? 2.003   -13.432 5.099   1.00 15.86 ? 296 SER A CB  1 
ATOM   307  O OG  . SER A 1 40  ? 2.948   -13.535 4.051   1.00 16.69 ? 296 SER A OG  1 
ATOM   308  N N   . VAL A 1 41  ? 3.710   -11.774 7.059   1.00 17.83 ? 297 VAL A N   1 
ATOM   309  C CA  . VAL A 1 41  ? 5.021   -11.331 7.517   1.00 18.85 ? 297 VAL A CA  1 
ATOM   310  C C   . VAL A 1 41  ? 6.092   -11.828 6.544   1.00 19.71 ? 297 VAL A C   1 
ATOM   311  O O   . VAL A 1 41  ? 6.999   -11.079 6.173   1.00 15.08 ? 297 VAL A O   1 
ATOM   312  C CB  . VAL A 1 41  ? 5.337   -11.864 8.943   1.00 19.46 ? 297 VAL A CB  1 
ATOM   313  C CG1 . VAL A 1 41  ? 6.755   -11.477 9.343   1.00 20.72 ? 297 VAL A CG1 1 
ATOM   314  C CG2 . VAL A 1 41  ? 4.342   -11.288 9.950   1.00 18.86 ? 297 VAL A CG2 1 
ATOM   315  N N   . GLN A 1 42  ? 5.979   -13.084 6.122   1.00 19.06 ? 298 GLN A N   1 
ATOM   316  C CA  . GLN A 1 42  ? 6.963   -13.647 5.195   1.00 21.59 ? 298 GLN A CA  1 
ATOM   317  C C   . GLN A 1 42  ? 7.003   -12.878 3.878   1.00 19.35 ? 298 GLN A C   1 
ATOM   318  O O   . GLN A 1 42  ? 8.083   -12.623 3.335   1.00 16.98 ? 298 GLN A O   1 
ATOM   319  C CB  . GLN A 1 42  ? 6.660   -15.117 4.904   1.00 26.72 ? 298 GLN A CB  1 
ATOM   320  C CG  . GLN A 1 42  ? 6.881   -16.057 6.071   1.00 35.82 ? 298 GLN A CG  1 
ATOM   321  C CD  . GLN A 1 42  ? 6.634   -17.505 5.694   1.00 39.32 ? 298 GLN A CD  1 
ATOM   322  O OE1 . GLN A 1 42  ? 7.379   -18.091 4.906   1.00 41.33 ? 298 GLN A OE1 1 
ATOM   323  N NE2 . GLN A 1 42  ? 5.578   -18.085 6.246   1.00 41.78 ? 298 GLN A NE2 1 
ATOM   324  N N   . ARG A 1 43  ? 5.829   -12.524 3.360   1.00 16.12 ? 299 ARG A N   1 
ATOM   325  C CA  . ARG A 1 43  ? 5.751   -11.787 2.102   1.00 18.40 ? 299 ARG A CA  1 
ATOM   326  C C   . ARG A 1 43  ? 6.235   -10.357 2.308   1.00 17.46 ? 299 ARG A C   1 
ATOM   327  O O   . ARG A 1 43  ? 6.799   -9.746  1.401   1.00 16.75 ? 299 ARG A O   1 
ATOM   328  C CB  . ARG A 1 43  ? 4.313   -11.778 1.568   1.00 17.92 ? 299 ARG A CB  1 
ATOM   329  C CG  . ARG A 1 43  ? 3.831   -13.149 1.089   1.00 20.15 ? 299 ARG A CG  1 
ATOM   330  C CD  . ARG A 1 43  ? 2.313   -13.206 0.942   1.00 19.75 ? 299 ARG A CD  1 
ATOM   331  N NE  . ARG A 1 43  ? 1.801   -12.600 -0.288  1.00 20.59 ? 299 ARG A NE  1 
ATOM   332  C CZ  . ARG A 1 43  ? 1.872   -13.163 -1.494  1.00 18.70 ? 299 ARG A CZ  1 
ATOM   333  N NH1 . ARG A 1 43  ? 2.443   -14.346 -1.647  1.00 19.47 ? 299 ARG A NH1 1 
ATOM   334  N NH2 . ARG A 1 43  ? 1.335   -12.561 -2.547  1.00 18.83 ? 299 ARG A NH2 1 
ATOM   335  N N   . CYS A 1 44  ? 6.014   -9.829  3.508   1.00 16.22 ? 300 CYS A N   1 
ATOM   336  C CA  . CYS A 1 44  ? 6.436   -8.470  3.817   1.00 15.21 ? 300 CYS A CA  1 
ATOM   337  C C   . CYS A 1 44  ? 7.960   -8.375  3.782   1.00 16.67 ? 300 CYS A C   1 
ATOM   338  O O   . CYS A 1 44  ? 8.528   -7.484  3.141   1.00 14.76 ? 300 CYS A O   1 
ATOM   339  C CB  . CYS A 1 44  ? 5.930   -8.067  5.198   1.00 17.31 ? 300 CYS A CB  1 
ATOM   340  S SG  . CYS A 1 44  ? 6.154   -6.312  5.569   1.00 16.95 ? 300 CYS A SG  1 
ATOM   341  N N   . ILE A 1 45  ? 8.619   -9.303  4.473   1.00 17.24 ? 301 ILE A N   1 
ATOM   342  C CA  . ILE A 1 45  ? 10.079  -9.314  4.526   1.00 18.55 ? 301 ILE A CA  1 
ATOM   343  C C   . ILE A 1 45  ? 10.692  -9.564  3.147   1.00 18.98 ? 301 ILE A C   1 
ATOM   344  O O   . ILE A 1 45  ? 11.597  -8.848  2.732   1.00 19.91 ? 301 ILE A O   1 
ATOM   345  C CB  . ILE A 1 45  ? 10.598  -10.391 5.511   1.00 17.93 ? 301 ILE A CB  1 
ATOM   346  C CG1 . ILE A 1 45  ? 10.121  -10.070 6.933   1.00 18.78 ? 301 ILE A CG1 1 
ATOM   347  C CG2 . ILE A 1 45  ? 12.123  -10.434 5.487   1.00 19.31 ? 301 ILE A CG2 1 
ATOM   348  C CD1 . ILE A 1 45  ? 10.409  -11.169 7.932   1.00 20.10 ? 301 ILE A CD1 1 
ATOM   349  N N   . ALA A 1 46  ? 10.188  -10.568 2.439   1.00 18.73 ? 302 ALA A N   1 
ATOM   350  C CA  . ALA A 1 46  ? 10.712  -10.920 1.123   1.00 18.33 ? 302 ALA A CA  1 
ATOM   351  C C   . ALA A 1 46  ? 10.563  -9.823  0.075   1.00 17.98 ? 302 ALA A C   1 
ATOM   352  O O   . ALA A 1 46  ? 11.504  -9.527  -0.661  1.00 17.37 ? 302 ALA A O   1 
ATOM   353  C CB  . ALA A 1 46  ? 10.046  -12.205 0.628   1.00 19.00 ? 302 ALA A CB  1 
ATOM   354  N N   . LEU A 1 47  ? 9.378   -9.229  -0.012  1.00 14.90 ? 303 LEU A N   1 
ATOM   355  C CA  . LEU A 1 47  ? 9.156   -8.181  -1.001  1.00 13.02 ? 303 LEU A CA  1 
ATOM   356  C C   . LEU A 1 47  ? 10.118  -7.023  -0.788  1.00 15.00 ? 303 LEU A C   1 
ATOM   357  O O   . LEU A 1 47  ? 10.663  -6.481  -1.750  1.00 11.20 ? 303 LEU A O   1 
ATOM   358  C CB  . LEU A 1 47  ? 7.721   -7.664  -0.948  1.00 12.44 ? 303 LEU A CB  1 
ATOM   359  C CG  . LEU A 1 47  ? 7.402   -6.585  -1.994  1.00 11.12 ? 303 LEU A CG  1 
ATOM   360  C CD1 . LEU A 1 47  ? 7.767   -7.093  -3.387  1.00 13.83 ? 303 LEU A CD1 1 
ATOM   361  C CD2 . LEU A 1 47  ? 5.918   -6.195  -1.912  1.00 11.61 ? 303 LEU A CD2 1 
ATOM   362  N N   . ALA A 1 48  ? 10.308  -6.625  0.469   1.00 15.74 ? 304 ALA A N   1 
ATOM   363  C CA  . ALA A 1 48  ? 11.225  -5.538  0.771   1.00 19.17 ? 304 ALA A CA  1 
ATOM   364  C C   . ALA A 1 48  ? 12.624  -5.932  0.294   1.00 20.06 ? 304 ALA A C   1 
ATOM   365  O O   . ALA A 1 48  ? 13.335  -5.122  -0.303  1.00 19.29 ? 304 ALA A O   1 
ATOM   366  C CB  . ALA A 1 48  ? 11.234  -5.250  2.279   1.00 18.65 ? 304 ALA A CB  1 
ATOM   367  N N   . GLN A 1 49  ? 13.009  -7.182  0.555   1.00 20.73 ? 305 GLN A N   1 
ATOM   368  C CA  . GLN A 1 49  ? 14.321  -7.684  0.152   1.00 23.02 ? 305 GLN A CA  1 
ATOM   369  C C   . GLN A 1 49  ? 14.474  -7.633  -1.359  1.00 23.56 ? 305 GLN A C   1 
ATOM   370  O O   . GLN A 1 49  ? 15.522  -7.227  -1.863  1.00 21.15 ? 305 GLN A O   1 
ATOM   371  C CB  . GLN A 1 49  ? 14.526  -9.122  0.632   1.00 23.92 ? 305 GLN A CB  1 
ATOM   372  C CG  . GLN A 1 49  ? 14.407  -9.287  2.134   1.00 22.42 ? 305 GLN A CG  1 
ATOM   373  C CD  . GLN A 1 49  ? 14.528  -10.731 2.579   1.00 25.22 ? 305 GLN A CD  1 
ATOM   374  O OE1 . GLN A 1 49  ? 14.025  -11.643 1.917   1.00 21.04 ? 305 GLN A OE1 1 
ATOM   375  N NE2 . GLN A 1 49  ? 15.181  -10.947 3.723   1.00 25.50 ? 305 GLN A NE2 1 
ATOM   376  N N   . LEU A 1 50  ? 13.437  -8.054  -2.081  1.00 24.69 ? 306 LEU A N   1 
ATOM   377  C CA  . LEU A 1 50  ? 13.480  -8.026  -3.541  1.00 25.99 ? 306 LEU A CA  1 
ATOM   378  C C   . LEU A 1 50  ? 13.644  -6.593  -4.033  1.00 26.35 ? 306 LEU A C   1 
ATOM   379  O O   . LEU A 1 50  ? 14.485  -6.320  -4.889  1.00 26.11 ? 306 LEU A O   1 
ATOM   380  C CB  . LEU A 1 50  ? 12.207  -8.616  -4.148  1.00 28.42 ? 306 LEU A CB  1 
ATOM   381  C CG  . LEU A 1 50  ? 12.114  -10.138 -4.262  1.00 31.30 ? 306 LEU A CG  1 
ATOM   382  C CD1 . LEU A 1 50  ? 10.816  -10.500 -4.963  1.00 32.16 ? 306 LEU A CD1 1 
ATOM   383  C CD2 . LEU A 1 50  ? 13.311  -10.681 -5.049  1.00 32.48 ? 306 LEU A CD2 1 
ATOM   384  N N   . LEU A 1 51  ? 12.838  -5.682  -3.490  1.00 24.17 ? 307 LEU A N   1 
ATOM   385  C CA  . LEU A 1 51  ? 12.908  -4.277  -3.881  1.00 24.48 ? 307 LEU A CA  1 
ATOM   386  C C   . LEU A 1 51  ? 14.293  -3.678  -3.644  1.00 24.83 ? 307 LEU A C   1 
ATOM   387  O O   . LEU A 1 51  ? 14.864  -3.054  -4.543  1.00 26.05 ? 307 LEU A O   1 
ATOM   388  C CB  . LEU A 1 51  ? 11.834  -3.463  -3.140  1.00 21.01 ? 307 LEU A CB  1 
ATOM   389  C CG  . LEU A 1 51  ? 10.397  -3.805  -3.561  1.00 21.94 ? 307 LEU A CG  1 
ATOM   390  C CD1 . LEU A 1 51  ? 9.408   -3.042  -2.691  1.00 20.16 ? 307 LEU A CD1 1 
ATOM   391  C CD2 . LEU A 1 51  ? 10.190  -3.472  -5.044  1.00 21.02 ? 307 LEU A CD2 1 
ATOM   392  N N   . VAL A 1 52  ? 14.838  -3.863  -2.444  1.00 26.28 ? 308 VAL A N   1 
ATOM   393  C CA  . VAL A 1 52  ? 16.166  -3.333  -2.137  1.00 28.46 ? 308 VAL A CA  1 
ATOM   394  C C   . VAL A 1 52  ? 17.177  -3.809  -3.184  1.00 31.66 ? 308 VAL A C   1 
ATOM   395  O O   . VAL A 1 52  ? 17.987  -3.028  -3.682  1.00 31.69 ? 308 VAL A O   1 
ATOM   396  C CB  . VAL A 1 52  ? 16.638  -3.765  -0.720  1.00 26.86 ? 308 VAL A CB  1 
ATOM   397  C CG1 . VAL A 1 52  ? 18.118  -3.461  -0.535  1.00 26.13 ? 308 VAL A CG1 1 
ATOM   398  C CG2 . VAL A 1 52  ? 15.828  -3.020  0.339   1.00 26.44 ? 308 VAL A CG2 1 
ATOM   399  N N   . GLU A 1 53  ? 17.114  -5.088  -3.528  1.00 34.82 ? 309 GLU A N   1 
ATOM   400  C CA  . GLU A 1 53  ? 18.023  -5.642  -4.518  1.00 39.13 ? 309 GLU A CA  1 
ATOM   401  C C   . GLU A 1 53  ? 17.845  -4.932  -5.865  1.00 40.40 ? 309 GLU A C   1 
ATOM   402  O O   . GLU A 1 53  ? 18.799  -4.792  -6.632  1.00 39.81 ? 309 GLU A O   1 
ATOM   403  C CB  . GLU A 1 53  ? 17.775  -7.142  -4.667  1.00 40.75 ? 309 GLU A CB  1 
ATOM   404  C CG  . GLU A 1 53  ? 18.739  -7.836  -5.601  1.00 48.97 ? 309 GLU A CG  1 
ATOM   405  C CD  . GLU A 1 53  ? 18.703  -9.343  -5.451  1.00 52.82 ? 309 GLU A CD  1 
ATOM   406  O OE1 . GLU A 1 53  ? 17.608  -9.933  -5.597  1.00 54.58 ? 309 GLU A OE1 1 
ATOM   407  O OE2 . GLU A 1 53  ? 19.770  -9.938  -5.190  1.00 53.43 ? 309 GLU A OE2 1 
ATOM   408  N N   . GLN A 1 54  ? 16.624  -4.480  -6.140  1.00 41.67 ? 310 GLN A N   1 
ATOM   409  C CA  . GLN A 1 54  ? 16.318  -3.778  -7.386  1.00 42.62 ? 310 GLN A CA  1 
ATOM   410  C C   . GLN A 1 54  ? 16.630  -2.292  -7.276  1.00 41.03 ? 310 GLN A C   1 
ATOM   411  O O   . GLN A 1 54  ? 16.181  -1.487  -8.094  1.00 40.77 ? 310 GLN A O   1 
ATOM   412  C CB  . GLN A 1 54  ? 14.845  -3.967  -7.751  1.00 45.28 ? 310 GLN A CB  1 
ATOM   413  C CG  . GLN A 1 54  ? 14.471  -5.408  -8.017  1.00 54.76 ? 310 GLN A CG  1 
ATOM   414  C CD  . GLN A 1 54  ? 15.241  -5.994  -9.179  1.00 58.43 ? 310 GLN A CD  1 
ATOM   415  O OE1 . GLN A 1 54  ? 14.992  -5.660  -10.334 1.00 60.47 ? 310 GLN A OE1 1 
ATOM   416  N NE2 . GLN A 1 54  ? 16.192  -6.863  -8.877  1.00 60.80 ? 310 GLN A NE2 1 
ATOM   417  N N   . ASN A 1 55  ? 17.402  -1.936  -6.257  1.00 39.18 ? 311 ASN A N   1 
ATOM   418  C CA  . ASN A 1 55  ? 17.785  -0.551  -6.023  1.00 38.15 ? 311 ASN A CA  1 
ATOM   419  C C   . ASN A 1 55  ? 16.614  0.363   -5.666  1.00 36.02 ? 311 ASN A C   1 
ATOM   420  O O   . ASN A 1 55  ? 16.574  1.524   -6.080  1.00 35.29 ? 311 ASN A O   1 
ATOM   421  C CB  . ASN A 1 55  ? 18.534  0.003   -7.239  1.00 41.00 ? 311 ASN A CB  1 
ATOM   422  C CG  . ASN A 1 55  ? 19.873  -0.676  -7.456  1.00 44.80 ? 311 ASN A CG  1 
ATOM   423  O OD1 . ASN A 1 55  ? 19.938  -1.871  -7.750  1.00 48.41 ? 311 ASN A OD1 1 
ATOM   424  N ND2 . ASN A 1 55  ? 20.952  0.080   -7.299  1.00 47.91 ? 311 ASN A ND2 1 
ATOM   425  N N   . PHE A 1 56  ? 15.665  -0.173  -4.903  1.00 32.62 ? 312 PHE A N   1 
ATOM   426  C CA  . PHE A 1 56  ? 14.510  0.595   -4.430  1.00 31.47 ? 312 PHE A CA  1 
ATOM   427  C C   . PHE A 1 56  ? 14.665  0.640   -2.907  1.00 30.22 ? 312 PHE A C   1 
ATOM   428  O O   . PHE A 1 56  ? 14.538  -0.386  -2.237  1.00 30.70 ? 312 PHE A O   1 
ATOM   429  C CB  . PHE A 1 56  ? 13.184  -0.104  -4.770  1.00 29.61 ? 312 PHE A CB  1 
ATOM   430  C CG  . PHE A 1 56  ? 12.758  0.026   -6.210  1.00 29.56 ? 312 PHE A CG  1 
ATOM   431  C CD1 . PHE A 1 56  ? 12.730  -1.092  -7.041  1.00 29.75 ? 312 PHE A CD1 1 
ATOM   432  C CD2 . PHE A 1 56  ? 12.341  1.252   -6.723  1.00 28.65 ? 312 PHE A CD2 1 
ATOM   433  C CE1 . PHE A 1 56  ? 12.289  -0.995  -8.363  1.00 29.97 ? 312 PHE A CE1 1 
ATOM   434  C CE2 . PHE A 1 56  ? 11.898  1.360   -8.045  1.00 27.70 ? 312 PHE A CE2 1 
ATOM   435  C CZ  . PHE A 1 56  ? 11.872  0.234   -8.863  1.00 28.67 ? 312 PHE A CZ  1 
ATOM   436  N N   . PRO A 1 57  ? 14.944  1.823   -2.341  1.00 29.57 ? 313 PRO A N   1 
ATOM   437  C CA  . PRO A 1 57  ? 15.116  1.967   -0.889  1.00 27.94 ? 313 PRO A CA  1 
ATOM   438  C C   . PRO A 1 57  ? 13.872  1.573   -0.090  1.00 27.01 ? 313 PRO A C   1 
ATOM   439  O O   . PRO A 1 57  ? 13.113  2.433   0.358   1.00 27.32 ? 313 PRO A O   1 
ATOM   440  C CB  . PRO A 1 57  ? 15.477  3.441   -0.733  1.00 29.77 ? 313 PRO A CB  1 
ATOM   441  C CG  . PRO A 1 57  ? 14.728  4.081   -1.858  1.00 30.35 ? 313 PRO A CG  1 
ATOM   442  C CD  . PRO A 1 57  ? 14.978  3.137   -3.007  1.00 31.22 ? 313 PRO A CD  1 
ATOM   443  N N   . ALA A 1 58  ? 13.676  0.269   0.091   1.00 23.42 ? 314 ALA A N   1 
ATOM   444  C CA  . ALA A 1 58  ? 12.509  -0.230  0.817   1.00 20.88 ? 314 ALA A CA  1 
ATOM   445  C C   . ALA A 1 58  ? 12.838  -0.745  2.208   1.00 18.19 ? 314 ALA A C   1 
ATOM   446  O O   . ALA A 1 58  ? 13.978  -1.094  2.500   1.00 18.96 ? 314 ALA A O   1 
ATOM   447  C CB  . ALA A 1 58  ? 11.833  -1.340  0.011   1.00 18.37 ? 314 ALA A CB  1 
ATOM   448  N N   . ILE A 1 59  ? 11.824  -0.791  3.066   1.00 16.26 ? 315 ILE A N   1 
ATOM   449  C CA  . ILE A 1 59  ? 11.987  -1.294  4.426   1.00 15.88 ? 315 ILE A CA  1 
ATOM   450  C C   . ILE A 1 59  ? 10.680  -1.941  4.885   1.00 16.89 ? 315 ILE A C   1 
ATOM   451  O O   . ILE A 1 59  ? 9.586   -1.464  4.567   1.00 16.26 ? 315 ILE A O   1 
ATOM   452  C CB  . ILE A 1 59  ? 12.395  -0.174  5.412   1.00 12.96 ? 315 ILE A CB  1 
ATOM   453  C CG1 . ILE A 1 59  ? 12.618  -0.778  6.798   1.00 16.00 ? 315 ILE A CG1 1 
ATOM   454  C CG2 . ILE A 1 59  ? 11.334  0.924   5.453   1.00 15.18 ? 315 ILE A CG2 1 
ATOM   455  C CD1 . ILE A 1 59  ? 13.255  0.173   7.800   1.00 17.03 ? 315 ILE A CD1 1 
ATOM   456  N N   . ALA A 1 60  ? 10.795  -3.037  5.628   1.00 16.09 ? 316 ALA A N   1 
ATOM   457  C CA  . ALA A 1 60  ? 9.623   -3.746  6.098   1.00 14.73 ? 316 ALA A CA  1 
ATOM   458  C C   . ALA A 1 60  ? 9.294   -3.498  7.556   1.00 14.70 ? 316 ALA A C   1 
ATOM   459  O O   . ALA A 1 60  ? 10.171  -3.463  8.413   1.00 13.63 ? 316 ALA A O   1 
ATOM   460  C CB  . ALA A 1 60  ? 9.795   -5.238  5.857   1.00 16.15 ? 316 ALA A CB  1 
ATOM   461  N N   . ILE A 1 61  ? 8.008   -3.319  7.826   1.00 15.98 ? 317 ILE A N   1 
ATOM   462  C CA  . ILE A 1 61  ? 7.521   -3.136  9.186   1.00 18.09 ? 317 ILE A CA  1 
ATOM   463  C C   . ILE A 1 61  ? 6.311   -4.063  9.241   1.00 16.21 ? 317 ILE A C   1 
ATOM   464  O O   . ILE A 1 61  ? 5.345   -3.856  8.518   1.00 16.49 ? 317 ILE A O   1 
ATOM   465  C CB  . ILE A 1 61  ? 7.092   -1.679  9.455   1.00 17.44 ? 317 ILE A CB  1 
ATOM   466  C CG1 . ILE A 1 61  ? 8.301   -0.754  9.314   1.00 17.40 ? 317 ILE A CG1 1 
ATOM   467  C CG2 . ILE A 1 61  ? 6.465   -1.572  10.847  1.00 21.68 ? 317 ILE A CG2 1 
ATOM   468  C CD1 . ILE A 1 61  ? 8.003   0.705   9.645   1.00 21.88 ? 317 ILE A CD1 1 
ATOM   469  N N   . HIS A 1 62  ? 6.370   -5.089  10.086  1.00 17.81 ? 318 HIS A N   1 
ATOM   470  C CA  . HIS A 1 62  ? 5.284   -6.059  10.170  1.00 17.54 ? 318 HIS A CA  1 
ATOM   471  C C   . HIS A 1 62  ? 4.871   -6.405  11.596  1.00 19.14 ? 318 HIS A C   1 
ATOM   472  O O   . HIS A 1 62  ? 5.614   -6.172  12.558  1.00 16.13 ? 318 HIS A O   1 
ATOM   473  C CB  . HIS A 1 62  ? 5.701   -7.349  9.464   1.00 17.80 ? 318 HIS A CB  1 
ATOM   474  C CG  . HIS A 1 62  ? 6.901   -8.006  10.081  1.00 19.62 ? 318 HIS A CG  1 
ATOM   475  N ND1 . HIS A 1 62  ? 8.144   -7.992  9.488   1.00 20.50 ? 318 HIS A ND1 1 
ATOM   476  C CD2 . HIS A 1 62  ? 7.049   -8.670  11.253  1.00 16.39 ? 318 HIS A CD2 1 
ATOM   477  C CE1 . HIS A 1 62  ? 9.009   -8.622  10.268  1.00 20.28 ? 318 HIS A CE1 1 
ATOM   478  N NE2 . HIS A 1 62  ? 8.369   -9.040  11.345  1.00 20.85 ? 318 HIS A NE2 1 
ATOM   479  N N   . ARG A 1 63  ? 3.682   -6.990  11.716  1.00 21.69 ? 319 ARG A N   1 
ATOM   480  C CA  . ARG A 1 63  ? 3.159   -7.400  13.015  1.00 25.36 ? 319 ARG A CA  1 
ATOM   481  C C   . ARG A 1 63  ? 4.171   -8.289  13.729  1.00 23.27 ? 319 ARG A C   1 
ATOM   482  O O   . ARG A 1 63  ? 4.889   -9.065  13.099  1.00 20.85 ? 319 ARG A O   1 
ATOM   483  C CB  . ARG A 1 63  ? 1.839   -8.159  12.849  1.00 28.78 ? 319 ARG A CB  1 
ATOM   484  C CG  . ARG A 1 63  ? 1.855   -9.207  11.757  1.00 35.60 ? 319 ARG A CG  1 
ATOM   485  C CD  . ARG A 1 63  ? 0.583   -10.041 11.776  1.00 40.34 ? 319 ARG A CD  1 
ATOM   486  N NE  . ARG A 1 63  ? 0.302   -10.616 10.464  1.00 44.34 ? 319 ARG A NE  1 
ATOM   487  C CZ  . ARG A 1 63  ? -0.326  -9.972  9.484   1.00 44.46 ? 319 ARG A CZ  1 
ATOM   488  N NH1 . ARG A 1 63  ? -0.751  -8.725  9.668   1.00 45.74 ? 319 ARG A NH1 1 
ATOM   489  N NH2 . ARG A 1 63  ? -0.515  -10.566 8.313   1.00 43.34 ? 319 ARG A NH2 1 
ATOM   490  N N   . GLY A 1 64  ? 4.229   -8.170  15.050  1.00 22.88 ? 320 GLY A N   1 
ATOM   491  C CA  . GLY A 1 64  ? 5.175   -8.964  15.814  1.00 20.94 ? 320 GLY A CA  1 
ATOM   492  C C   . GLY A 1 64  ? 6.386   -8.136  16.189  1.00 22.65 ? 320 GLY A C   1 
ATOM   493  O O   . GLY A 1 64  ? 7.021   -8.390  17.212  1.00 18.71 ? 320 GLY A O   1 
ATOM   494  N N   . MET A 1 65  ? 6.713   -7.147  15.357  1.00 22.36 ? 321 MET A N   1 
ATOM   495  C CA  . MET A 1 65  ? 7.845   -6.272  15.628  1.00 26.83 ? 321 MET A CA  1 
ATOM   496  C C   . MET A 1 65  ? 7.547   -5.437  16.863  1.00 30.78 ? 321 MET A C   1 
ATOM   497  O O   . MET A 1 65  ? 6.452   -4.881  16.991  1.00 30.24 ? 321 MET A O   1 
ATOM   498  C CB  . MET A 1 65  ? 8.097   -5.305  14.462  1.00 25.78 ? 321 MET A CB  1 
ATOM   499  C CG  . MET A 1 65  ? 8.836   -5.868  13.275  1.00 24.55 ? 321 MET A CG  1 
ATOM   500  S SD  . MET A 1 65  ? 9.465   -4.508  12.257  1.00 23.54 ? 321 MET A SD  1 
ATOM   501  C CE  . MET A 1 65  ? 10.658  -5.362  11.244  1.00 25.43 ? 321 MET A CE  1 
ATOM   502  N N   . PRO A 1 66  ? 8.512   -5.339  17.789  1.00 36.66 ? 322 PRO A N   1 
ATOM   503  C CA  . PRO A 1 66  ? 8.332   -4.554  19.012  1.00 40.68 ? 322 PRO A CA  1 
ATOM   504  C C   . PRO A 1 66  ? 8.009   -3.101  18.672  1.00 42.97 ? 322 PRO A C   1 
ATOM   505  O O   . PRO A 1 66  ? 8.543   -2.545  17.713  1.00 42.90 ? 322 PRO A O   1 
ATOM   506  C CB  . PRO A 1 66  ? 9.681   -4.698  19.711  1.00 40.89 ? 322 PRO A CB  1 
ATOM   507  C CG  . PRO A 1 66  ? 10.128  -6.064  19.285  1.00 41.75 ? 322 PRO A CG  1 
ATOM   508  C CD  . PRO A 1 66  ? 9.795   -6.063  17.814  1.00 37.90 ? 322 PRO A CD  1 
ATOM   509  N N   . GLN A 1 67  ? 7.139   -2.492  19.470  1.00 45.83 ? 323 GLN A N   1 
ATOM   510  C CA  . GLN A 1 67  ? 6.728   -1.111  19.258  1.00 47.95 ? 323 GLN A CA  1 
ATOM   511  C C   . GLN A 1 67  ? 7.919   -0.201  18.940  1.00 46.86 ? 323 GLN A C   1 
ATOM   512  O O   . GLN A 1 67  ? 7.865   0.621   18.019  1.00 45.70 ? 323 GLN A O   1 
ATOM   513  C CB  . GLN A 1 67  ? 6.007   -0.599  20.504  1.00 52.00 ? 323 GLN A CB  1 
ATOM   514  C CG  . GLN A 1 67  ? 4.913   0.424   20.243  1.00 60.25 ? 323 GLN A CG  1 
ATOM   515  C CD  . GLN A 1 67  ? 5.347   1.526   19.300  1.00 64.33 ? 323 GLN A CD  1 
ATOM   516  O OE1 . GLN A 1 67  ? 5.409   1.333   18.085  1.00 67.13 ? 323 GLN A OE1 1 
ATOM   517  N NE2 . GLN A 1 67  ? 5.656   2.690   19.858  1.00 66.73 ? 323 GLN A NE2 1 
ATOM   518  N N   . GLU A 1 68  ? 8.995   -0.359  19.702  1.00 43.96 ? 324 GLU A N   1 
ATOM   519  C CA  . GLU A 1 68  ? 10.197  0.450   19.521  1.00 41.18 ? 324 GLU A CA  1 
ATOM   520  C C   . GLU A 1 68  ? 10.905  0.185   18.193  1.00 38.52 ? 324 GLU A C   1 
ATOM   521  O O   . GLU A 1 68  ? 11.473  1.092   17.588  1.00 33.88 ? 324 GLU A O   1 
ATOM   522  C CB  . GLU A 1 68  ? 11.162  0.202   20.680  1.00 40.94 ? 324 GLU A CB  1 
ATOM   523  C CG  . GLU A 1 68  ? 12.517  0.844   20.493  1.00 45.71 ? 324 GLU A CG  1 
ATOM   524  C CD  . GLU A 1 68  ? 13.477  0.493   21.606  1.00 47.86 ? 324 GLU A CD  1 
ATOM   525  O OE1 . GLU A 1 68  ? 13.314  1.022   22.724  1.00 49.95 ? 324 GLU A OE1 1 
ATOM   526  O OE2 . GLU A 1 68  ? 14.387  -0.327  21.366  1.00 48.92 ? 324 GLU A OE2 1 
ATOM   527  N N   . GLU A 1 69  ? 10.877  -1.061  17.745  1.00 36.97 ? 325 GLU A N   1 
ATOM   528  C CA  . GLU A 1 69  ? 11.520  -1.406  16.485  1.00 36.10 ? 325 GLU A CA  1 
ATOM   529  C C   . GLU A 1 69  ? 10.736  -0.818  15.319  1.00 33.21 ? 325 GLU A C   1 
ATOM   530  O O   . GLU A 1 69  ? 11.323  -0.299  14.368  1.00 30.89 ? 325 GLU A O   1 
ATOM   531  C CB  . GLU A 1 69  ? 11.629  -2.924  16.339  1.00 40.02 ? 325 GLU A CB  1 
ATOM   532  C CG  . GLU A 1 69  ? 12.062  -3.381  14.957  1.00 51.17 ? 325 GLU A CG  1 
ATOM   533  C CD  . GLU A 1 69  ? 12.400  -4.859  14.908  1.00 58.18 ? 325 GLU A CD  1 
ATOM   534  O OE1 . GLU A 1 69  ? 11.645  -5.664  15.494  1.00 61.56 ? 325 GLU A OE1 1 
ATOM   535  O OE2 . GLU A 1 69  ? 13.415  -5.217  14.274  1.00 61.86 ? 325 GLU A OE2 1 
ATOM   536  N N   . ARG A 1 70  ? 9.408   -0.892  15.399  1.00 30.43 ? 326 ARG A N   1 
ATOM   537  C CA  . ARG A 1 70  ? 8.558   -0.357  14.342  1.00 27.86 ? 326 ARG A CA  1 
ATOM   538  C C   . ARG A 1 70  ? 8.845   1.124   14.141  1.00 27.52 ? 326 ARG A C   1 
ATOM   539  O O   . ARG A 1 70  ? 8.989   1.597   13.011  1.00 25.98 ? 326 ARG A O   1 
ATOM   540  C CB  . ARG A 1 70  ? 7.076   -0.512  14.694  1.00 25.32 ? 326 ARG A CB  1 
ATOM   541  C CG  . ARG A 1 70  ? 6.596   -1.936  14.932  1.00 26.10 ? 326 ARG A CG  1 
ATOM   542  C CD  . ARG A 1 70  ? 5.071   -2.000  14.822  1.00 25.08 ? 326 ARG A CD  1 
ATOM   543  N NE  . ARG A 1 70  ? 4.382   -1.096  15.746  1.00 24.39 ? 326 ARG A NE  1 
ATOM   544  C CZ  . ARG A 1 70  ? 3.949   -1.436  16.960  1.00 25.88 ? 326 ARG A CZ  1 
ATOM   545  N NH1 . ARG A 1 70  ? 4.124   -2.669  17.422  1.00 24.21 ? 326 ARG A NH1 1 
ATOM   546  N NH2 . ARG A 1 70  ? 3.333   -0.538  17.716  1.00 29.88 ? 326 ARG A NH2 1 
ATOM   547  N N   . LEU A 1 71  ? 8.927   1.850   15.254  1.00 27.10 ? 327 LEU A N   1 
ATOM   548  C CA  . LEU A 1 71  ? 9.165   3.281   15.208  1.00 29.40 ? 327 LEU A CA  1 
ATOM   549  C C   . LEU A 1 71  ? 10.542  3.652   14.696  1.00 29.05 ? 327 LEU A C   1 
ATOM   550  O O   . LEU A 1 71  ? 10.689  4.631   13.970  1.00 28.41 ? 327 LEU A O   1 
ATOM   551  C CB  . LEU A 1 71  ? 8.940   3.898   16.589  1.00 31.70 ? 327 LEU A CB  1 
ATOM   552  C CG  . LEU A 1 71  ? 7.504   3.794   17.102  1.00 37.37 ? 327 LEU A CG  1 
ATOM   553  C CD1 . LEU A 1 71  ? 7.365   4.622   18.370  1.00 38.80 ? 327 LEU A CD1 1 
ATOM   554  C CD2 . LEU A 1 71  ? 6.530   4.292   16.036  1.00 37.99 ? 327 LEU A CD2 1 
ATOM   555  N N   . SER A 1 72  ? 11.553  2.880   15.081  1.00 27.93 ? 328 SER A N   1 
ATOM   556  C CA  . SER A 1 72  ? 12.909  3.146   14.626  1.00 28.34 ? 328 SER A CA  1 
ATOM   557  C C   . SER A 1 72  ? 12.916  3.044   13.103  1.00 26.63 ? 328 SER A C   1 
ATOM   558  O O   . SER A 1 72  ? 13.452  3.910   12.400  1.00 26.01 ? 328 SER A O   1 
ATOM   559  C CB  . SER A 1 72  ? 13.882  2.117   15.211  1.00 29.84 ? 328 SER A CB  1 
ATOM   560  O OG  . SER A 1 72  ? 15.179  2.277   14.658  1.00 36.40 ? 328 SER A OG  1 
ATOM   561  N N   . ARG A 1 73  ? 12.303  1.975   12.604  1.00 23.02 ? 329 ARG A N   1 
ATOM   562  C CA  . ARG A 1 73  ? 12.226  1.731   11.173  1.00 21.70 ? 329 ARG A CA  1 
ATOM   563  C C   . ARG A 1 73  ? 11.363  2.783   10.504  1.00 21.56 ? 329 ARG A C   1 
ATOM   564  O O   . ARG A 1 73  ? 11.736  3.338   9.471   1.00 21.37 ? 329 ARG A O   1 
ATOM   565  C CB  . ARG A 1 73  ? 11.645  0.342   10.893  1.00 19.87 ? 329 ARG A CB  1 
ATOM   566  C CG  . ARG A 1 73  ? 12.500  -0.801  11.396  1.00 23.80 ? 329 ARG A CG  1 
ATOM   567  C CD  . ARG A 1 73  ? 12.273  -2.046  10.561  1.00 23.59 ? 329 ARG A CD  1 
ATOM   568  N NE  . ARG A 1 73  ? 13.182  -3.119  10.937  1.00 23.98 ? 329 ARG A NE  1 
ATOM   569  C CZ  . ARG A 1 73  ? 13.474  -4.154  10.162  1.00 25.60 ? 329 ARG A CZ  1 
ATOM   570  N NH1 . ARG A 1 73  ? 12.925  -4.253  8.958   1.00 25.22 ? 329 ARG A NH1 1 
ATOM   571  N NH2 . ARG A 1 73  ? 14.316  -5.089  10.592  1.00 26.85 ? 329 ARG A NH2 1 
ATOM   572  N N   . TYR A 1 74  ? 10.209  3.071   11.092  1.00 21.60 ? 330 TYR A N   1 
ATOM   573  C CA  . TYR A 1 74  ? 9.340   4.066   10.489  1.00 23.08 ? 330 TYR A CA  1 
ATOM   574  C C   . TYR A 1 74  ? 10.019  5.430   10.506  1.00 25.83 ? 330 TYR A C   1 
ATOM   575  O O   . TYR A 1 74  ? 9.778   6.259   9.636   1.00 25.06 ? 330 TYR A O   1 
ATOM   576  C CB  . TYR A 1 74  ? 8.004   4.152   11.219  1.00 21.54 ? 330 TYR A CB  1 
ATOM   577  C CG  . TYR A 1 74  ? 7.028   5.045   10.499  1.00 22.18 ? 330 TYR A CG  1 
ATOM   578  C CD1 . TYR A 1 74  ? 6.482   4.664   9.274   1.00 20.68 ? 330 TYR A CD1 1 
ATOM   579  C CD2 . TYR A 1 74  ? 6.666   6.278   11.026  1.00 22.36 ? 330 TYR A CD2 1 
ATOM   580  C CE1 . TYR A 1 74  ? 5.596   5.490   8.593   1.00 23.18 ? 330 TYR A CE1 1 
ATOM   581  C CE2 . TYR A 1 74  ? 5.782   7.114   10.354  1.00 22.93 ? 330 TYR A CE2 1 
ATOM   582  C CZ  . TYR A 1 74  ? 5.252   6.716   9.141   1.00 22.23 ? 330 TYR A CZ  1 
ATOM   583  O OH  . TYR A 1 74  ? 4.384   7.544   8.479   1.00 23.28 ? 330 TYR A OH  1 
ATOM   584  N N   . GLN A 1 75  ? 10.874  5.656   11.496  1.00 27.76 ? 331 GLN A N   1 
ATOM   585  C CA  . GLN A 1 75  ? 11.571  6.927   11.593  1.00 29.82 ? 331 GLN A CA  1 
ATOM   586  C C   . GLN A 1 75  ? 12.442  7.126   10.359  1.00 29.00 ? 331 GLN A C   1 
ATOM   587  O O   . GLN A 1 75  ? 12.546  8.238   9.836   1.00 28.38 ? 331 GLN A O   1 
ATOM   588  C CB  . GLN A 1 75  ? 12.436  6.966   12.851  1.00 32.91 ? 331 GLN A CB  1 
ATOM   589  C CG  . GLN A 1 75  ? 13.022  8.331   13.124  1.00 41.20 ? 331 GLN A CG  1 
ATOM   590  C CD  . GLN A 1 75  ? 11.955  9.408   13.189  1.00 44.98 ? 331 GLN A CD  1 
ATOM   591  O OE1 . GLN A 1 75  ? 11.082  9.383   14.059  1.00 46.56 ? 331 GLN A OE1 1 
ATOM   592  N NE2 . GLN A 1 75  ? 12.015  10.357  12.261  1.00 45.84 ? 331 GLN A NE2 1 
ATOM   593  N N   . GLN A 1 76  ? 13.061  6.037   9.904   1.00 28.95 ? 332 GLN A N   1 
ATOM   594  C CA  . GLN A 1 76  ? 13.926  6.058   8.724   1.00 28.26 ? 332 GLN A CA  1 
ATOM   595  C C   . GLN A 1 76  ? 13.109  6.434   7.498   1.00 26.73 ? 332 GLN A C   1 
ATOM   596  O O   . GLN A 1 76  ? 13.597  7.120   6.600   1.00 24.68 ? 332 GLN A O   1 
ATOM   597  C CB  . GLN A 1 76  ? 14.550  4.686   8.481   1.00 30.37 ? 332 GLN A CB  1 
ATOM   598  C CG  . GLN A 1 76  ? 15.442  4.180   9.581   1.00 38.46 ? 332 GLN A CG  1 
ATOM   599  C CD  . GLN A 1 76  ? 15.982  2.806   9.269   1.00 42.63 ? 332 GLN A CD  1 
ATOM   600  O OE1 . GLN A 1 76  ? 16.616  2.598   8.233   1.00 47.52 ? 332 GLN A OE1 1 
ATOM   601  N NE2 . GLN A 1 76  ? 15.733  1.855   10.161  1.00 45.82 ? 332 GLN A NE2 1 
ATOM   602  N N   . PHE A 1 77  ? 11.868  5.952   7.467   1.00 22.94 ? 333 PHE A N   1 
ATOM   603  C CA  . PHE A 1 77  ? 10.945  6.230   6.376   1.00 22.42 ? 333 PHE A CA  1 
ATOM   604  C C   . PHE A 1 77  ? 10.632  7.718   6.400   1.00 21.34 ? 333 PHE A C   1 
ATOM   605  O O   . PHE A 1 77  ? 10.692  8.383   5.372   1.00 18.86 ? 333 PHE A O   1 
ATOM   606  C CB  . PHE A 1 77  ? 9.662   5.417   6.579   1.00 23.43 ? 333 PHE A CB  1 
ATOM   607  C CG  . PHE A 1 77  ? 8.628   5.607   5.502   1.00 21.29 ? 333 PHE A CG  1 
ATOM   608  C CD1 . PHE A 1 77  ? 8.879   5.212   4.191   1.00 19.18 ? 333 PHE A CD1 1 
ATOM   609  C CD2 . PHE A 1 77  ? 7.379   6.134   5.815   1.00 21.21 ? 333 PHE A CD2 1 
ATOM   610  C CE1 . PHE A 1 77  ? 7.905   5.333   3.212   1.00 20.74 ? 333 PHE A CE1 1 
ATOM   611  C CE2 . PHE A 1 77  ? 6.396   6.262   4.839   1.00 22.19 ? 333 PHE A CE2 1 
ATOM   612  C CZ  . PHE A 1 77  ? 6.662   5.858   3.532   1.00 21.19 ? 333 PHE A CZ  1 
ATOM   613  N N   . LYS A 1 78  ? 10.320  8.232   7.587   1.00 23.21 ? 334 LYS A N   1 
ATOM   614  C CA  . LYS A 1 78  ? 9.995   9.642   7.764   1.00 26.51 ? 334 LYS A CA  1 
ATOM   615  C C   . LYS A 1 78  ? 11.144  10.574  7.398   1.00 25.71 ? 334 LYS A C   1 
ATOM   616  O O   . LYS A 1 78  ? 10.919  11.657  6.855   1.00 25.33 ? 334 LYS A O   1 
ATOM   617  C CB  . LYS A 1 78  ? 9.565   9.913   9.208   1.00 29.20 ? 334 LYS A CB  1 
ATOM   618  C CG  . LYS A 1 78  ? 8.236   9.296   9.585   1.00 35.08 ? 334 LYS A CG  1 
ATOM   619  C CD  . LYS A 1 78  ? 7.835   9.667   11.005  1.00 38.81 ? 334 LYS A CD  1 
ATOM   620  C CE  . LYS A 1 78  ? 7.674   11.168  11.166  1.00 41.31 ? 334 LYS A CE  1 
ATOM   621  N NZ  . LYS A 1 78  ? 7.326   11.545  12.568  1.00 42.58 ? 334 LYS A NZ  1 
ATOM   622  N N   . ASP A 1 79  ? 12.372  10.161  7.698   1.00 25.59 ? 335 ASP A N   1 
ATOM   623  C CA  . ASP A 1 79  ? 13.545  10.978  7.386   1.00 26.48 ? 335 ASP A CA  1 
ATOM   624  C C   . ASP A 1 79  ? 14.045  10.726  5.966   1.00 25.62 ? 335 ASP A C   1 
ATOM   625  O O   . ASP A 1 79  ? 15.124  11.184  5.583   1.00 26.00 ? 335 ASP A O   1 
ATOM   626  C CB  . ASP A 1 79  ? 14.671  10.701  8.380   1.00 29.06 ? 335 ASP A CB  1 
ATOM   627  C CG  . ASP A 1 79  ? 14.251  10.940  9.807   1.00 32.66 ? 335 ASP A CG  1 
ATOM   628  O OD1 . ASP A 1 79  ? 13.441  11.862  10.041  1.00 35.03 ? 335 ASP A OD1 1 
ATOM   629  O OD2 . ASP A 1 79  ? 14.737  10.213  10.697  1.00 38.04 ? 335 ASP A OD2 1 
ATOM   630  N N   . PHE A 1 80  ? 13.250  9.984   5.203   1.00 26.09 ? 336 PHE A N   1 
ATOM   631  C CA  . PHE A 1 80  ? 13.548  9.653   3.814   1.00 25.84 ? 336 PHE A CA  1 
ATOM   632  C C   . PHE A 1 80  ? 14.766  8.761   3.562   1.00 27.75 ? 336 PHE A C   1 
ATOM   633  O O   . PHE A 1 80  ? 15.271  8.705   2.442   1.00 28.45 ? 336 PHE A O   1 
ATOM   634  C CB  . PHE A 1 80  ? 13.668  10.935  2.984   1.00 24.70 ? 336 PHE A CB  1 
ATOM   635  C CG  . PHE A 1 80  ? 12.416  11.770  2.976   1.00 26.09 ? 336 PHE A CG  1 
ATOM   636  C CD1 . PHE A 1 80  ? 12.224  12.769  3.920   1.00 24.02 ? 336 PHE A CD1 1 
ATOM   637  C CD2 . PHE A 1 80  ? 11.418  11.539  2.037   1.00 24.81 ? 336 PHE A CD2 1 
ATOM   638  C CE1 . PHE A 1 80  ? 11.052  13.533  3.927   1.00 28.01 ? 336 PHE A CE1 1 
ATOM   639  C CE2 . PHE A 1 80  ? 10.244  12.296  2.040   1.00 27.34 ? 336 PHE A CE2 1 
ATOM   640  C CZ  . PHE A 1 80  ? 10.063  13.294  2.987   1.00 21.82 ? 336 PHE A CZ  1 
ATOM   641  N N   . GLN A 1 81  ? 15.236  8.055   4.588   1.00 30.65 ? 337 GLN A N   1 
ATOM   642  C CA  . GLN A 1 81  ? 16.373  7.151   4.424   1.00 32.27 ? 337 GLN A CA  1 
ATOM   643  C C   . GLN A 1 81  ? 15.861  5.965   3.611   1.00 33.30 ? 337 GLN A C   1 
ATOM   644  O O   . GLN A 1 81  ? 16.615  5.263   2.932   1.00 31.03 ? 337 GLN A O   1 
ATOM   645  C CB  . GLN A 1 81  ? 16.885  6.696   5.792   1.00 34.76 ? 337 GLN A CB  1 
ATOM   646  C CG  . GLN A 1 81  ? 17.308  7.861   6.680   1.00 40.83 ? 337 GLN A CG  1 
ATOM   647  C CD  . GLN A 1 81  ? 18.352  8.752   6.016   1.00 42.95 ? 337 GLN A CD  1 
ATOM   648  O OE1 . GLN A 1 81  ? 19.515  8.370   5.882   1.00 42.90 ? 337 GLN A OE1 1 
ATOM   649  N NE2 . GLN A 1 81  ? 17.932  9.942   5.587   1.00 44.06 ? 337 GLN A NE2 1 
ATOM   650  N N   . ARG A 1 82  ? 14.551  5.768   3.700   1.00 33.27 ? 338 ARG A N   1 
ATOM   651  C CA  . ARG A 1 82  ? 13.837  4.730   2.976   1.00 34.94 ? 338 ARG A CA  1 
ATOM   652  C C   . ARG A 1 82  ? 12.650  5.459   2.356   1.00 34.30 ? 338 ARG A C   1 
ATOM   653  O O   . ARG A 1 82  ? 12.029  6.299   3.006   1.00 31.47 ? 338 ARG A O   1 
ATOM   654  C CB  . ARG A 1 82  ? 13.336  3.641   3.929   1.00 36.88 ? 338 ARG A CB  1 
ATOM   655  C CG  . ARG A 1 82  ? 14.430  2.742   4.478   1.00 44.07 ? 338 ARG A CG  1 
ATOM   656  C CD  . ARG A 1 82  ? 15.223  2.122   3.345   1.00 49.36 ? 338 ARG A CD  1 
ATOM   657  N NE  . ARG A 1 82  ? 16.133  1.082   3.808   1.00 53.46 ? 338 ARG A NE  1 
ATOM   658  C CZ  . ARG A 1 82  ? 16.964  0.419   3.012   1.00 53.57 ? 338 ARG A CZ  1 
ATOM   659  N NH1 . ARG A 1 82  ? 16.998  0.693   1.716   1.00 54.26 ? 338 ARG A NH1 1 
ATOM   660  N NH2 . ARG A 1 82  ? 17.753  -0.522  3.507   1.00 54.70 ? 338 ARG A NH2 1 
ATOM   661  N N   . ARG A 1 83  ? 12.342  5.163   1.102   1.00 33.27 ? 339 ARG A N   1 
ATOM   662  C CA  . ARG A 1 83  ? 11.215  5.828   0.465   1.00 33.31 ? 339 ARG A CA  1 
ATOM   663  C C   . ARG A 1 83  ? 10.034  4.893   0.277   1.00 28.43 ? 339 ARG A C   1 
ATOM   664  O O   . ARG A 1 83  ? 8.931   5.343   -0.012  1.00 25.16 ? 339 ARG A O   1 
ATOM   665  C CB  . ARG A 1 83  ? 11.619  6.418   -0.890  1.00 39.89 ? 339 ARG A CB  1 
ATOM   666  C CG  . ARG A 1 83  ? 12.619  7.565   -0.805  1.00 53.94 ? 339 ARG A CG  1 
ATOM   667  C CD  . ARG A 1 83  ? 12.397  8.575   -1.930  1.00 63.38 ? 339 ARG A CD  1 
ATOM   668  N NE  . ARG A 1 83  ? 12.392  7.949   -3.251  1.00 68.17 ? 339 ARG A NE  1 
ATOM   669  C CZ  . ARG A 1 83  ? 13.461  7.412   -3.831  1.00 69.67 ? 339 ARG A CZ  1 
ATOM   670  N NH1 . ARG A 1 83  ? 14.633  7.423   -3.210  1.00 70.02 ? 339 ARG A NH1 1 
ATOM   671  N NH2 . ARG A 1 83  ? 13.354  6.852   -5.031  1.00 69.42 ? 339 ARG A NH2 1 
ATOM   672  N N   . ILE A 1 84  ? 10.270  3.595   0.450   1.00 22.81 ? 340 ILE A N   1 
ATOM   673  C CA  . ILE A 1 84  ? 9.216   2.602   0.282   1.00 19.18 ? 340 ILE A CA  1 
ATOM   674  C C   . ILE A 1 84  ? 9.051   1.720   1.507   1.00 18.30 ? 340 ILE A C   1 
ATOM   675  O O   . ILE A 1 84  ? 9.962   0.972   1.883   1.00 15.31 ? 340 ILE A O   1 
ATOM   676  C CB  . ILE A 1 84  ? 9.493   1.678   -0.923  1.00 17.09 ? 340 ILE A CB  1 
ATOM   677  C CG1 . ILE A 1 84  ? 9.544   2.504   -2.210  1.00 17.50 ? 340 ILE A CG1 1 
ATOM   678  C CG2 . ILE A 1 84  ? 8.401   0.611   -1.023  1.00 16.77 ? 340 ILE A CG2 1 
ATOM   679  C CD1 . ILE A 1 84  ? 10.021  1.744   -3.414  1.00 18.80 ? 340 ILE A CD1 1 
ATOM   680  N N   . LEU A 1 85  ? 7.875   1.799   2.111   1.00 16.12 ? 341 LEU A N   1 
ATOM   681  C CA  . LEU A 1 85  ? 7.562   0.999   3.286   1.00 16.47 ? 341 LEU A CA  1 
ATOM   682  C C   . LEU A 1 85  ? 6.671   -0.175  2.883   1.00 14.46 ? 341 LEU A C   1 
ATOM   683  O O   . LEU A 1 85  ? 5.635   0.020   2.251   1.00 14.12 ? 341 LEU A O   1 
ATOM   684  C CB  . LEU A 1 85  ? 6.827   1.859   4.314   1.00 17.96 ? 341 LEU A CB  1 
ATOM   685  C CG  . LEU A 1 85  ? 6.130   1.142   5.472   1.00 19.79 ? 341 LEU A CG  1 
ATOM   686  C CD1 . LEU A 1 85  ? 7.136   0.367   6.295   1.00 17.60 ? 341 LEU A CD1 1 
ATOM   687  C CD2 . LEU A 1 85  ? 5.405   2.167   6.331   1.00 18.00 ? 341 LEU A CD2 1 
ATOM   688  N N   . VAL A 1 86  ? 7.086   -1.389  3.229   1.00 11.57 ? 342 VAL A N   1 
ATOM   689  C CA  . VAL A 1 86  ? 6.283   -2.573  2.932   1.00 15.49 ? 342 VAL A CA  1 
ATOM   690  C C   . VAL A 1 86  ? 5.751   -3.022  4.293   1.00 15.35 ? 342 VAL A C   1 
ATOM   691  O O   . VAL A 1 86  ? 6.532   -3.322  5.197   1.00 8.83  ? 342 VAL A O   1 
ATOM   692  C CB  . VAL A 1 86  ? 7.125   -3.695  2.316   1.00 14.83 ? 342 VAL A CB  1 
ATOM   693  C CG1 . VAL A 1 86  ? 6.226   -4.855  1.927   1.00 13.85 ? 342 VAL A CG1 1 
ATOM   694  C CG2 . VAL A 1 86  ? 7.877   -3.167  1.101   1.00 15.95 ? 342 VAL A CG2 1 
ATOM   695  N N   . ALA A 1 87  ? 4.428   -3.060  4.436   1.00 13.76 ? 343 ALA A N   1 
ATOM   696  C CA  . ALA A 1 87  ? 3.826   -3.425  5.713   1.00 15.00 ? 343 ALA A CA  1 
ATOM   697  C C   . ALA A 1 87  ? 2.682   -4.437  5.634   1.00 14.79 ? 343 ALA A C   1 
ATOM   698  O O   . ALA A 1 87  ? 2.051   -4.620  4.588   1.00 14.25 ? 343 ALA A O   1 
ATOM   699  C CB  . ALA A 1 87  ? 3.350   -2.153  6.424   1.00 15.78 ? 343 ALA A CB  1 
ATOM   700  N N   . THR A 1 88  ? 2.421   -5.090  6.763   1.00 14.57 ? 344 THR A N   1 
ATOM   701  C CA  . THR A 1 88  ? 1.355   -6.084  6.849   1.00 12.97 ? 344 THR A CA  1 
ATOM   702  C C   . THR A 1 88  ? 0.066   -5.430  7.303   1.00 14.44 ? 344 THR A C   1 
ATOM   703  O O   . THR A 1 88  ? -1.019  -5.975  7.104   1.00 13.45 ? 344 THR A O   1 
ATOM   704  C CB  . THR A 1 88  ? 1.705   -7.179  7.860   1.00 11.67 ? 344 THR A CB  1 
ATOM   705  O OG1 . THR A 1 88  ? 2.143   -6.570  9.083   1.00 9.64  ? 344 THR A OG1 1 
ATOM   706  C CG2 . THR A 1 88  ? 2.803   -8.064  7.316   1.00 11.44 ? 344 THR A CG2 1 
ATOM   707  N N   . ASN A 1 89  ? 0.188   -4.263  7.919   1.00 14.37 ? 345 ASN A N   1 
ATOM   708  C CA  . ASN A 1 89  ? -0.980  -3.561  8.419   1.00 19.51 ? 345 ASN A CA  1 
ATOM   709  C C   . ASN A 1 89  ? -0.605  -2.184  8.931   1.00 21.28 ? 345 ASN A C   1 
ATOM   710  O O   . ASN A 1 89  ? 0.569   -1.815  8.977   1.00 20.18 ? 345 ASN A O   1 
ATOM   711  C CB  . ASN A 1 89  ? -1.622  -4.355  9.559   1.00 20.49 ? 345 ASN A CB  1 
ATOM   712  C CG  . ASN A 1 89  ? -0.641  -4.669  10.674  1.00 20.45 ? 345 ASN A CG  1 
ATOM   713  O OD1 . ASN A 1 89  ? 0.180   -5.575  10.560  1.00 23.42 ? 345 ASN A OD1 1 
ATOM   714  N ND2 . ASN A 1 89  ? -0.721  -3.912  11.762  1.00 23.48 ? 345 ASN A ND2 1 
ATOM   715  N N   . LEU A 1 90  ? -1.621  -1.428  9.323   1.00 23.79 ? 346 LEU A N   1 
ATOM   716  C CA  . LEU A 1 90  ? -1.405  -0.096  9.858   1.00 26.87 ? 346 LEU A CA  1 
ATOM   717  C C   . LEU A 1 90  ? -1.306  -0.272  11.357  1.00 26.48 ? 346 LEU A C   1 
ATOM   718  O O   . LEU A 1 90  ? -1.909  -1.183  11.918  1.00 27.46 ? 346 LEU A O   1 
ATOM   719  C CB  . LEU A 1 90  ? -2.594  0.807   9.541   1.00 30.93 ? 346 LEU A CB  1 
ATOM   720  C CG  . LEU A 1 90  ? -2.935  0.963   8.063   1.00 37.33 ? 346 LEU A CG  1 
ATOM   721  C CD1 . LEU A 1 90  ? -4.215  1.766   7.903   1.00 41.57 ? 346 LEU A CD1 1 
ATOM   722  C CD2 . LEU A 1 90  ? -1.779  1.636   7.362   1.00 39.45 ? 346 LEU A CD2 1 
ATOM   723  N N   . PHE A 1 91  ? -0.532  0.576   12.010  1.00 27.28 ? 347 PHE A N   1 
ATOM   724  C CA  . PHE A 1 91  ? -0.423  0.478   13.449  1.00 28.39 ? 347 PHE A CA  1 
ATOM   725  C C   . PHE A 1 91  ? -1.063  1.724   14.034  1.00 28.78 ? 347 PHE A C   1 
ATOM   726  O O   . PHE A 1 91  ? -1.967  2.284   13.411  1.00 30.09 ? 347 PHE A O   1 
ATOM   727  C CB  . PHE A 1 91  ? 1.040   0.311   13.849  1.00 27.99 ? 347 PHE A CB  1 
ATOM   728  C CG  . PHE A 1 91  ? 1.626   -1.006  13.411  1.00 29.31 ? 347 PHE A CG  1 
ATOM   729  C CD1 . PHE A 1 91  ? 2.071   -1.188  12.104  1.00 28.34 ? 347 PHE A CD1 1 
ATOM   730  C CD2 . PHE A 1 91  ? 1.672   -2.086  14.292  1.00 28.99 ? 347 PHE A CD2 1 
ATOM   731  C CE1 . PHE A 1 91  ? 2.556   -2.430  11.680  1.00 30.30 ? 347 PHE A CE1 1 
ATOM   732  C CE2 . PHE A 1 91  ? 2.151   -3.329  13.882  1.00 30.20 ? 347 PHE A CE2 1 
ATOM   733  C CZ  . PHE A 1 91  ? 2.594   -3.503  12.569  1.00 29.66 ? 347 PHE A CZ  1 
ATOM   734  N N   . GLY A 1 92  ? -0.630  2.158   15.210  1.00 32.21 ? 348 GLY A N   1 
ATOM   735  C CA  . GLY A 1 92  ? -1.232  3.342   15.801  1.00 37.11 ? 348 GLY A CA  1 
ATOM   736  C C   . GLY A 1 92  ? -0.982  4.590   14.975  1.00 41.78 ? 348 GLY A C   1 
ATOM   737  O O   . GLY A 1 92  ? -0.398  4.515   13.892  1.00 40.88 ? 348 GLY A O   1 
ATOM   738  N N   . ARG A 1 93  ? -1.430  5.742   15.466  1.00 47.98 ? 349 ARG A N   1 
ATOM   739  C CA  . ARG A 1 93  ? -1.191  6.980   14.742  1.00 53.01 ? 349 ARG A CA  1 
ATOM   740  C C   . ARG A 1 93  ? 0.300   7.249   14.874  1.00 53.04 ? 349 ARG A C   1 
ATOM   741  O O   . ARG A 1 93  ? 1.021   6.436   15.446  1.00 53.98 ? 349 ARG A O   1 
ATOM   742  C CB  . ARG A 1 93  ? -2.030  8.123   15.322  1.00 58.39 ? 349 ARG A CB  1 
ATOM   743  C CG  . ARG A 1 93  ? -3.521  7.951   15.057  1.00 70.08 ? 349 ARG A CG  1 
ATOM   744  C CD  . ARG A 1 93  ? -4.302  9.246   15.241  1.00 77.55 ? 349 ARG A CD  1 
ATOM   745  N NE  . ARG A 1 93  ? -5.693  9.100   14.815  1.00 81.00 ? 349 ARG A NE  1 
ATOM   746  C CZ  . ARG A 1 93  ? -6.575  10.096  14.768  1.00 82.11 ? 349 ARG A CZ  1 
ATOM   747  N NH1 . ARG A 1 93  ? -6.216  11.323  15.122  1.00 82.08 ? 349 ARG A NH1 1 
ATOM   748  N NH2 . ARG A 1 93  ? -7.817  9.867   14.361  1.00 82.10 ? 349 ARG A NH2 1 
ATOM   749  N N   . GLY A 1 94  ? 0.779   8.371   14.361  1.00 53.95 ? 350 GLY A N   1 
ATOM   750  C CA  . GLY A 1 94  ? 2.208   8.615   14.441  1.00 53.69 ? 350 GLY A CA  1 
ATOM   751  C C   . GLY A 1 94  ? 2.795   7.821   13.290  1.00 53.39 ? 350 GLY A C   1 
ATOM   752  O O   . GLY A 1 94  ? 3.812   8.189   12.701  1.00 53.99 ? 350 GLY A O   1 
ATOM   753  N N   . MET A 1 95  ? 2.135   6.708   12.984  1.00 52.54 ? 351 MET A N   1 
ATOM   754  C CA  . MET A 1 95  ? 2.509   5.850   11.870  1.00 50.08 ? 351 MET A CA  1 
ATOM   755  C C   . MET A 1 95  ? 1.788   6.569   10.732  1.00 44.98 ? 351 MET A C   1 
ATOM   756  O O   . MET A 1 95  ? 1.116   5.952   9.904   1.00 42.19 ? 351 MET A O   1 
ATOM   757  C CB  . MET A 1 95  ? 1.922   4.448   12.071  1.00 55.77 ? 351 MET A CB  1 
ATOM   758  C CG  . MET A 1 95  ? 2.328   3.413   11.029  1.00 64.54 ? 351 MET A CG  1 
ATOM   759  S SD  . MET A 1 95  ? 4.056   2.920   11.161  1.00 70.99 ? 351 MET A SD  1 
ATOM   760  C CE  . MET A 1 95  ? 3.943   1.569   12.333  1.00 72.19 ? 351 MET A CE  1 
ATOM   761  N N   . ASP A 1 96  ? 1.937   7.893   10.729  1.00 35.94 ? 352 ASP A N   1 
ATOM   762  C CA  . ASP A 1 96  ? 1.292   8.783   9.769   1.00 28.92 ? 352 ASP A CA  1 
ATOM   763  C C   . ASP A 1 96  ? 1.615   8.587   8.293   1.00 24.30 ? 352 ASP A C   1 
ATOM   764  O O   . ASP A 1 96  ? 2.243   9.449   7.669   1.00 21.32 ? 352 ASP A O   1 
ATOM   765  C CB  . ASP A 1 96  ? 1.570   10.240  10.152  1.00 27.80 ? 352 ASP A CB  1 
ATOM   766  C CG  . ASP A 1 96  ? 3.046   10.517  10.391  1.00 27.87 ? 352 ASP A CG  1 
ATOM   767  O OD1 . ASP A 1 96  ? 3.897   9.703   9.969   1.00 21.90 ? 352 ASP A OD1 1 
ATOM   768  O OD2 . ASP A 1 96  ? 3.350   11.571  10.992  1.00 27.96 ? 352 ASP A OD2 1 
ATOM   769  N N   . ILE A 1 97  ? 1.144   7.477   7.730   1.00 20.47 ? 353 ILE A N   1 
ATOM   770  C CA  . ILE A 1 97  ? 1.379   7.154   6.320   1.00 18.41 ? 353 ILE A CA  1 
ATOM   771  C C   . ILE A 1 97  ? 0.710   8.099   5.327   1.00 15.12 ? 353 ILE A C   1 
ATOM   772  O O   . ILE A 1 97  ? 0.885   7.959   4.116   1.00 15.54 ? 353 ILE A O   1 
ATOM   773  C CB  . ILE A 1 97  ? 0.909   5.729   5.988   1.00 21.25 ? 353 ILE A CB  1 
ATOM   774  C CG1 . ILE A 1 97  ? -0.542  5.559   6.436   1.00 22.49 ? 353 ILE A CG1 1 
ATOM   775  C CG2 . ILE A 1 97  ? 1.822   4.708   6.646   1.00 23.10 ? 353 ILE A CG2 1 
ATOM   776  C CD1 . ILE A 1 97  ? -1.188  4.297   5.939   1.00 26.39 ? 353 ILE A CD1 1 
ATOM   777  N N   . GLU A 1 98  ? -0.079  9.040   5.829   1.00 15.18 ? 354 GLU A N   1 
ATOM   778  C CA  . GLU A 1 98  ? -0.720  10.015  4.961   1.00 13.70 ? 354 GLU A CA  1 
ATOM   779  C C   . GLU A 1 98  ? 0.357   10.785  4.202   1.00 13.47 ? 354 GLU A C   1 
ATOM   780  O O   . GLU A 1 98  ? 0.055   11.505  3.263   1.00 14.06 ? 354 GLU A O   1 
ATOM   781  C CB  . GLU A 1 98  ? -1.565  11.004  5.775   1.00 15.07 ? 354 GLU A CB  1 
ATOM   782  C CG  . GLU A 1 98  ? -0.786  11.719  6.872   1.00 18.62 ? 354 GLU A CG  1 
ATOM   783  C CD  . GLU A 1 98  ? -1.066  11.151  8.251   1.00 20.60 ? 354 GLU A CD  1 
ATOM   784  O OE1 . GLU A 1 98  ? -1.022  9.915   8.414   1.00 19.82 ? 354 GLU A OE1 1 
ATOM   785  O OE2 . GLU A 1 98  ? -1.326  11.946  9.176   1.00 25.18 ? 354 GLU A OE2 1 
ATOM   786  N N   . ARG A 1 99  ? 1.615   10.626  4.603   1.00 16.79 ? 355 ARG A N   1 
ATOM   787  C CA  . ARG A 1 99  ? 2.699   11.335  3.931   1.00 18.64 ? 355 ARG A CA  1 
ATOM   788  C C   . ARG A 1 99  ? 2.946   10.760  2.536   1.00 19.04 ? 355 ARG A C   1 
ATOM   789  O O   . ARG A 1 99  ? 3.427   11.464  1.648   1.00 17.94 ? 355 ARG A O   1 
ATOM   790  C CB  . ARG A 1 99  ? 3.988   11.260  4.762   1.00 23.33 ? 355 ARG A CB  1 
ATOM   791  C CG  . ARG A 1 99  ? 4.552   9.857   4.896   1.00 27.74 ? 355 ARG A CG  1 
ATOM   792  C CD  . ARG A 1 99  ? 5.792   9.806   5.779   1.00 32.63 ? 355 ARG A CD  1 
ATOM   793  N NE  . ARG A 1 99  ? 5.513   10.180  7.162   1.00 33.57 ? 355 ARG A NE  1 
ATOM   794  C CZ  . ARG A 1 99  ? 5.621   11.413  7.646   1.00 35.28 ? 355 ARG A CZ  1 
ATOM   795  N NH1 . ARG A 1 99  ? 6.006   12.409  6.859   1.00 39.10 ? 355 ARG A NH1 1 
ATOM   796  N NH2 . ARG A 1 99  ? 5.359   11.650  8.923   1.00 36.25 ? 355 ARG A NH2 1 
ATOM   797  N N   . VAL A 1 100 ? 2.590   9.493   2.330   1.00 15.89 ? 356 VAL A N   1 
ATOM   798  C CA  . VAL A 1 100 ? 2.817   8.862   1.027   1.00 16.94 ? 356 VAL A CA  1 
ATOM   799  C C   . VAL A 1 100 ? 1.988   9.468   -0.090  1.00 15.74 ? 356 VAL A C   1 
ATOM   800  O O   . VAL A 1 100 ? 0.925   10.034  0.161   1.00 16.12 ? 356 VAL A O   1 
ATOM   801  C CB  . VAL A 1 100 ? 2.517   7.330   1.063   1.00 14.11 ? 356 VAL A CB  1 
ATOM   802  C CG1 . VAL A 1 100 ? 3.257   6.689   2.221   1.00 13.85 ? 356 VAL A CG1 1 
ATOM   803  C CG2 . VAL A 1 100 ? 1.012   7.082   1.153   1.00 11.19 ? 356 VAL A CG2 1 
ATOM   804  N N   . ASN A 1 101 ? 2.484   9.365   -1.321  1.00 16.89 ? 357 ASN A N   1 
ATOM   805  C CA  . ASN A 1 101 ? 1.740   9.850   -2.475  1.00 19.06 ? 357 ASN A CA  1 
ATOM   806  C C   . ASN A 1 101 ? 1.149   8.643   -3.213  1.00 18.66 ? 357 ASN A C   1 
ATOM   807  O O   . ASN A 1 101 ? 0.231   8.790   -4.015  1.00 17.45 ? 357 ASN A O   1 
ATOM   808  C CB  . ASN A 1 101 ? 2.622   10.703  -3.393  1.00 25.21 ? 357 ASN A CB  1 
ATOM   809  C CG  . ASN A 1 101 ? 4.017   10.158  -3.536  1.00 28.99 ? 357 ASN A CG  1 
ATOM   810  O OD1 . ASN A 1 101 ? 4.961   10.914  -3.719  1.00 38.37 ? 357 ASN A OD1 1 
ATOM   811  N ND2 . ASN A 1 101 ? 4.159   8.845   -3.458  1.00 36.61 ? 357 ASN A ND2 1 
ATOM   812  N N   . ILE A 1 102 ? 1.671   7.448   -2.930  1.00 16.47 ? 358 ILE A N   1 
ATOM   813  C CA  . ILE A 1 102 ? 1.117   6.231   -3.528  1.00 15.99 ? 358 ILE A CA  1 
ATOM   814  C C   . ILE A 1 102 ? 0.980   5.114   -2.496  1.00 10.91 ? 358 ILE A C   1 
ATOM   815  O O   . ILE A 1 102 ? 1.882   4.892   -1.684  1.00 9.78  ? 358 ILE A O   1 
ATOM   816  C CB  . ILE A 1 102 ? 1.978   5.647   -4.662  1.00 18.10 ? 358 ILE A CB  1 
ATOM   817  C CG1 . ILE A 1 102 ? 2.262   6.699   -5.734  1.00 20.19 ? 358 ILE A CG1 1 
ATOM   818  C CG2 . ILE A 1 102 ? 1.235   4.462   -5.287  1.00 18.01 ? 358 ILE A CG2 1 
ATOM   819  C CD1 . ILE A 1 102 ? 3.222   6.223   -6.808  1.00 19.59 ? 358 ILE A CD1 1 
ATOM   820  N N   . ALA A 1 103 ? -0.153  4.421   -2.528  1.00 9.33  ? 359 ALA A N   1 
ATOM   821  C CA  . ALA A 1 103 ? -0.386  3.287   -1.631  1.00 8.72  ? 359 ALA A CA  1 
ATOM   822  C C   . ALA A 1 103 ? -0.783  2.094   -2.494  1.00 11.19 ? 359 ALA A C   1 
ATOM   823  O O   . ALA A 1 103 ? -1.757  2.171   -3.252  1.00 12.79 ? 359 ALA A O   1 
ATOM   824  C CB  . ALA A 1 103 ? -1.494  3.600   -0.632  1.00 10.17 ? 359 ALA A CB  1 
ATOM   825  N N   . PHE A 1 104 ? -0.019  1.010   -2.397  1.00 11.17 ? 360 PHE A N   1 
ATOM   826  C CA  . PHE A 1 104 ? -0.298  -0.205  -3.159  1.00 12.41 ? 360 PHE A CA  1 
ATOM   827  C C   . PHE A 1 104 ? -0.822  -1.315  -2.259  1.00 13.60 ? 360 PHE A C   1 
ATOM   828  O O   . PHE A 1 104 ? -0.299  -1.521  -1.165  1.00 13.07 ? 360 PHE A O   1 
ATOM   829  C CB  . PHE A 1 104 ? 0.964   -0.807  -3.788  1.00 14.74 ? 360 PHE A CB  1 
ATOM   830  C CG  . PHE A 1 104 ? 1.586   0.004   -4.879  1.00 16.00 ? 360 PHE A CG  1 
ATOM   831  C CD1 . PHE A 1 104 ? 2.462   1.041   -4.583  1.00 18.01 ? 360 PHE A CD1 1 
ATOM   832  C CD2 . PHE A 1 104 ? 1.367   -0.331  -6.213  1.00 19.08 ? 360 PHE A CD2 1 
ATOM   833  C CE1 . PHE A 1 104 ? 3.124   1.734   -5.605  1.00 18.94 ? 360 PHE A CE1 1 
ATOM   834  C CE2 . PHE A 1 104 ? 2.020   0.351   -7.236  1.00 17.42 ? 360 PHE A CE2 1 
ATOM   835  C CZ  . PHE A 1 104 ? 2.900   1.383   -6.930  1.00 17.63 ? 360 PHE A CZ  1 
ATOM   836  N N   . ASN A 1 105 ? -1.838  -2.028  -2.723  1.00 12.49 ? 361 ASN A N   1 
ATOM   837  C CA  . ASN A 1 105 ? -2.318  -3.196  -2.003  1.00 14.49 ? 361 ASN A CA  1 
ATOM   838  C C   . ASN A 1 105 ? -1.781  -4.332  -2.875  1.00 14.14 ? 361 ASN A C   1 
ATOM   839  O O   . ASN A 1 105 ? -2.482  -4.817  -3.773  1.00 13.73 ? 361 ASN A O   1 
ATOM   840  C CB  . ASN A 1 105 ? -3.847  -3.263  -1.942  1.00 13.41 ? 361 ASN A CB  1 
ATOM   841  C CG  . ASN A 1 105 ? -4.428  -2.450  -0.796  1.00 14.34 ? 361 ASN A CG  1 
ATOM   842  O OD1 . ASN A 1 105 ? -3.941  -2.521  0.332   1.00 16.20 ? 361 ASN A OD1 1 
ATOM   843  N ND2 . ASN A 1 105 ? -5.476  -1.679  -1.078  1.00 12.55 ? 361 ASN A ND2 1 
ATOM   844  N N   . TYR A 1 106 ? -0.521  -4.704  -2.649  1.00 12.56 ? 362 TYR A N   1 
ATOM   845  C CA  . TYR A 1 106 ? 0.119   -5.790  -3.391  1.00 15.43 ? 362 TYR A CA  1 
ATOM   846  C C   . TYR A 1 106 ? -0.791  -7.008  -3.242  1.00 15.14 ? 362 TYR A C   1 
ATOM   847  O O   . TYR A 1 106 ? -1.012  -7.749  -4.196  1.00 15.19 ? 362 TYR A O   1 
ATOM   848  C CB  . TYR A 1 106 ? 1.505   -6.086  -2.812  1.00 15.37 ? 362 TYR A CB  1 
ATOM   849  C CG  . TYR A 1 106 ? 2.252   -7.202  -3.508  1.00 15.44 ? 362 TYR A CG  1 
ATOM   850  C CD1 . TYR A 1 106 ? 3.009   -6.962  -4.657  1.00 14.91 ? 362 TYR A CD1 1 
ATOM   851  C CD2 . TYR A 1 106 ? 2.221   -8.500  -3.000  1.00 12.16 ? 362 TYR A CD2 1 
ATOM   852  C CE1 . TYR A 1 106 ? 3.731   -8.000  -5.283  1.00 17.04 ? 362 TYR A CE1 1 
ATOM   853  C CE2 . TYR A 1 106 ? 2.930   -9.541  -3.614  1.00 16.39 ? 362 TYR A CE2 1 
ATOM   854  C CZ  . TYR A 1 106 ? 3.682   -9.290  -4.748  1.00 17.10 ? 362 TYR A CZ  1 
ATOM   855  O OH  . TYR A 1 106 ? 4.392   -10.315 -5.328  1.00 15.12 ? 362 TYR A OH  1 
ATOM   856  N N   . ASP A 1 107 ? -1.283  -7.222  -2.025  1.00 14.97 ? 363 ASP A N   1 
ATOM   857  C CA  . ASP A 1 107 ? -2.244  -8.293  -1.755  1.00 15.55 ? 363 ASP A CA  1 
ATOM   858  C C   . ASP A 1 107 ? -3.520  -7.572  -1.360  1.00 17.62 ? 363 ASP A C   1 
ATOM   859  O O   . ASP A 1 107 ? -3.490  -6.634  -0.547  1.00 13.84 ? 363 ASP A O   1 
ATOM   860  C CB  . ASP A 1 107 ? -1.810  -9.192  -0.590  1.00 17.01 ? 363 ASP A CB  1 
ATOM   861  C CG  . ASP A 1 107 ? -0.612  -10.046 -0.929  1.00 16.48 ? 363 ASP A CG  1 
ATOM   862  O OD1 . ASP A 1 107 ? -0.596  -10.619 -2.036  1.00 14.47 ? 363 ASP A OD1 1 
ATOM   863  O OD2 . ASP A 1 107 ? 0.303   -10.150 -0.088  1.00 16.95 ? 363 ASP A OD2 1 
ATOM   864  N N   . MET A 1 108 ? -4.639  -8.002  -1.927  1.00 18.26 ? 364 MET A N   1 
ATOM   865  C CA  . MET A 1 108 ? -5.918  -7.391  -1.608  1.00 20.70 ? 364 MET A CA  1 
ATOM   866  C C   . MET A 1 108 ? -6.192  -7.580  -0.123  1.00 22.10 ? 364 MET A C   1 
ATOM   867  O O   . MET A 1 108 ? -5.930  -8.648  0.433   1.00 23.95 ? 364 MET A O   1 
ATOM   868  C CB  . MET A 1 108 ? -7.044  -8.052  -2.423  1.00 21.77 ? 364 MET A CB  1 
ATOM   869  C CG  . MET A 1 108 ? -8.463  -7.572  -2.095  1.00 24.55 ? 364 MET A CG  1 
ATOM   870  S SD  . MET A 1 108 ? -8.838  -5.877  -2.611  1.00 25.90 ? 364 MET A SD  1 
ATOM   871  C CE  . MET A 1 108 ? -9.437  -5.171  -1.123  1.00 26.34 ? 364 MET A CE  1 
ATOM   872  N N   . PRO A 1 109 ? -6.681  -6.531  0.547   1.00 19.77 ? 365 PRO A N   1 
ATOM   873  C CA  . PRO A 1 109 ? -6.991  -6.619  1.974   1.00 23.63 ? 365 PRO A CA  1 
ATOM   874  C C   . PRO A 1 109 ? -7.930  -7.802  2.236   1.00 24.77 ? 365 PRO A C   1 
ATOM   875  O O   . PRO A 1 109 ? -8.612  -8.274  1.326   1.00 23.09 ? 365 PRO A O   1 
ATOM   876  C CB  . PRO A 1 109 ? -7.667  -5.286  2.253   1.00 19.32 ? 365 PRO A CB  1 
ATOM   877  C CG  . PRO A 1 109 ? -6.919  -4.358  1.389   1.00 23.25 ? 365 PRO A CG  1 
ATOM   878  C CD  . PRO A 1 109 ? -6.706  -5.126  0.095   1.00 21.52 ? 365 PRO A CD  1 
ATOM   879  N N   . GLU A 1 110 ? -7.956  -8.260  3.483   1.00 29.33 ? 366 GLU A N   1 
ATOM   880  C CA  . GLU A 1 110 ? -8.794  -9.380  3.893   1.00 32.74 ? 366 GLU A CA  1 
ATOM   881  C C   . GLU A 1 110 ? -10.278 -9.092  3.685   1.00 30.56 ? 366 GLU A C   1 
ATOM   882  O O   . GLU A 1 110 ? -11.045 -9.983  3.321   1.00 29.64 ? 366 GLU A O   1 
ATOM   883  C CB  . GLU A 1 110 ? -8.529  -9.718  5.362   1.00 40.19 ? 366 GLU A CB  1 
ATOM   884  C CG  . GLU A 1 110 ? -7.849  -8.599  6.146   1.00 53.63 ? 366 GLU A CG  1 
ATOM   885  C CD  . GLU A 1 110 ? -6.421  -8.348  5.685   1.00 59.89 ? 366 GLU A CD  1 
ATOM   886  O OE1 . GLU A 1 110 ? -5.581  -9.258  5.843   1.00 64.03 ? 366 GLU A OE1 1 
ATOM   887  O OE2 . GLU A 1 110 ? -6.141  -7.250  5.162   1.00 62.88 ? 366 GLU A OE2 1 
ATOM   888  N N   . ASP A 1 111 ? -10.682 -7.848  3.923   1.00 26.19 ? 367 ASP A N   1 
ATOM   889  C CA  . ASP A 1 111 ? -12.073 -7.448  3.736   1.00 23.54 ? 367 ASP A CA  1 
ATOM   890  C C   . ASP A 1 111 ? -12.198 -5.978  3.339   1.00 21.15 ? 367 ASP A C   1 
ATOM   891  O O   . ASP A 1 111 ? -11.215 -5.231  3.382   1.00 18.28 ? 367 ASP A O   1 
ATOM   892  C CB  . ASP A 1 111 ? -12.889 -7.756  4.999   1.00 23.82 ? 367 ASP A CB  1 
ATOM   893  C CG  . ASP A 1 111 ? -12.375 -7.041  6.236   1.00 25.08 ? 367 ASP A CG  1 
ATOM   894  O OD1 . ASP A 1 111 ? -12.668 -7.535  7.339   1.00 28.54 ? 367 ASP A OD1 1 
ATOM   895  O OD2 . ASP A 1 111 ? -11.701 -5.997  6.123   1.00 23.78 ? 367 ASP A OD2 1 
ATOM   896  N N   . SER A 1 112 ? -13.408 -5.571  2.950   1.00 19.14 ? 368 SER A N   1 
ATOM   897  C CA  . SER A 1 112 ? -13.657 -4.197  2.518   1.00 16.23 ? 368 SER A CA  1 
ATOM   898  C C   . SER A 1 112 ? -13.459 -3.126  3.594   1.00 16.71 ? 368 SER A C   1 
ATOM   899  O O   . SER A 1 112 ? -13.075 -1.998  3.273   1.00 16.54 ? 368 SER A O   1 
ATOM   900  C CB  . SER A 1 112 ? -15.058 -4.074  1.895   1.00 18.44 ? 368 SER A CB  1 
ATOM   901  O OG  . SER A 1 112 ? -16.077 -4.522  2.772   1.00 18.53 ? 368 SER A OG  1 
ATOM   902  N N   . ASP A 1 113 ? -13.710 -3.449  4.861   1.00 14.55 ? 369 ASP A N   1 
ATOM   903  C CA  . ASP A 1 113 ? -13.504 -2.454  5.912   1.00 19.23 ? 369 ASP A CA  1 
ATOM   904  C C   . ASP A 1 113 ? -12.011 -2.116  5.996   1.00 19.41 ? 369 ASP A C   1 
ATOM   905  O O   . ASP A 1 113 ? -11.630 -0.948  6.116   1.00 19.54 ? 369 ASP A O   1 
ATOM   906  C CB  . ASP A 1 113 ? -13.992 -2.963  7.277   1.00 20.06 ? 369 ASP A CB  1 
ATOM   907  C CG  . ASP A 1 113 ? -15.511 -2.987  7.394   1.00 25.96 ? 369 ASP A CG  1 
ATOM   908  O OD1 . ASP A 1 113 ? -16.181 -2.059  6.890   1.00 26.51 ? 369 ASP A OD1 1 
ATOM   909  O OD2 . ASP A 1 113 ? -16.038 -3.935  8.011   1.00 28.74 ? 369 ASP A OD2 1 
ATOM   910  N N   . THR A 1 114 ? -11.178 -3.151  5.926   1.00 17.67 ? 370 THR A N   1 
ATOM   911  C CA  . THR A 1 114 ? -9.723  -2.997  5.965   1.00 18.73 ? 370 THR A CA  1 
ATOM   912  C C   . THR A 1 114 ? -9.271  -2.133  4.792   1.00 16.90 ? 370 THR A C   1 
ATOM   913  O O   . THR A 1 114 ? -8.440  -1.234  4.951   1.00 17.44 ? 370 THR A O   1 
ATOM   914  C CB  . THR A 1 114 ? -9.042  -4.377  5.897   1.00 18.93 ? 370 THR A CB  1 
ATOM   915  O OG1 . THR A 1 114 ? -9.383  -5.109  7.078   1.00 20.52 ? 370 THR A OG1 1 
ATOM   916  C CG2 . THR A 1 114 ? -7.519  -4.256  5.794   1.00 21.68 ? 370 THR A CG2 1 
ATOM   917  N N   . TYR A 1 115 ? -9.818  -2.407  3.613   1.00 15.54 ? 371 TYR A N   1 
ATOM   918  C CA  . TYR A 1 115 ? -9.487  -1.627  2.426   1.00 15.49 ? 371 TYR A CA  1 
ATOM   919  C C   . TYR A 1 115 ? -9.812  -0.133  2.632   1.00 14.88 ? 371 TYR A C   1 
ATOM   920  O O   . TYR A 1 115 ? -8.996  0.739   2.310   1.00 12.76 ? 371 TYR A O   1 
ATOM   921  C CB  . TYR A 1 115 ? -10.266 -2.156  1.221   1.00 13.68 ? 371 TYR A CB  1 
ATOM   922  C CG  . TYR A 1 115 ? -10.072 -1.325  -0.025  1.00 13.41 ? 371 TYR A CG  1 
ATOM   923  C CD1 . TYR A 1 115 ? -9.108  -1.663  -0.969  1.00 15.81 ? 371 TYR A CD1 1 
ATOM   924  C CD2 . TYR A 1 115 ? -10.811 -0.164  -0.223  1.00 14.61 ? 371 TYR A CD2 1 
ATOM   925  C CE1 . TYR A 1 115 ? -8.881  -0.862  -2.084  1.00 17.15 ? 371 TYR A CE1 1 
ATOM   926  C CE2 . TYR A 1 115 ? -10.592 0.652   -1.324  1.00 17.82 ? 371 TYR A CE2 1 
ATOM   927  C CZ  . TYR A 1 115 ? -9.628  0.300   -2.252  1.00 18.35 ? 371 TYR A CZ  1 
ATOM   928  O OH  . TYR A 1 115 ? -9.421  1.118   -3.334  1.00 15.46 ? 371 TYR A OH  1 
ATOM   929  N N   . LEU A 1 116 ? -11.004 0.160   3.151   1.00 14.30 ? 372 LEU A N   1 
ATOM   930  C CA  . LEU A 1 116 ? -11.396 1.546   3.377   1.00 14.39 ? 372 LEU A CA  1 
ATOM   931  C C   . LEU A 1 116 ? -10.495 2.199   4.424   1.00 16.51 ? 372 LEU A C   1 
ATOM   932  O O   . LEU A 1 116 ? -10.053 3.331   4.235   1.00 15.14 ? 372 LEU A O   1 
ATOM   933  C CB  . LEU A 1 116 ? -12.868 1.656   3.823   1.00 12.78 ? 372 LEU A CB  1 
ATOM   934  C CG  . LEU A 1 116 ? -13.424 3.086   4.026   1.00 10.79 ? 372 LEU A CG  1 
ATOM   935  C CD1 . LEU A 1 116 ? -13.368 3.856   2.723   1.00 15.08 ? 372 LEU A CD1 1 
ATOM   936  C CD2 . LEU A 1 116 ? -14.869 3.039   4.538   1.00 12.84 ? 372 LEU A CD2 1 
ATOM   937  N N   . HIS A 1 117 ? -10.207 1.480   5.505   1.00 18.30 ? 373 HIS A N   1 
ATOM   938  C CA  . HIS A 1 117 ? -9.361  2.015   6.579   1.00 21.98 ? 373 HIS A CA  1 
ATOM   939  C C   . HIS A 1 117 ? -7.986  2.396   6.035   1.00 20.87 ? 373 HIS A C   1 
ATOM   940  O O   . HIS A 1 117 ? -7.395  3.404   6.443   1.00 18.99 ? 373 HIS A O   1 
ATOM   941  C CB  . HIS A 1 117 ? -9.216  0.983   7.707   1.00 30.23 ? 373 HIS A CB  1 
ATOM   942  C CG  . HIS A 1 117 ? -8.439  1.480   8.891   1.00 44.27 ? 373 HIS A CG  1 
ATOM   943  N ND1 . HIS A 1 117 ? -8.818  2.580   9.625   1.00 50.11 ? 373 HIS A ND1 1 
ATOM   944  C CD2 . HIS A 1 117 ? -7.312  1.005   9.475   1.00 49.73 ? 373 HIS A CD2 1 
ATOM   945  C CE1 . HIS A 1 117 ? -7.960  2.765   10.614  1.00 52.97 ? 373 HIS A CE1 1 
ATOM   946  N NE2 . HIS A 1 117 ? -7.038  1.825   10.545  1.00 54.19 ? 373 HIS A NE2 1 
ATOM   947  N N   . ARG A 1 118 ? -7.491  1.602   5.092   1.00 17.35 ? 374 ARG A N   1 
ATOM   948  C CA  . ARG A 1 118 ? -6.191  1.868   4.517   1.00 18.18 ? 374 ARG A CA  1 
ATOM   949  C C   . ARG A 1 118 ? -6.184  3.108   3.631   1.00 19.77 ? 374 ARG A C   1 
ATOM   950  O O   . ARG A 1 118 ? -5.283  3.940   3.749   1.00 18.54 ? 374 ARG A O   1 
ATOM   951  C CB  . ARG A 1 118 ? -5.699  0.648   3.742   1.00 17.08 ? 374 ARG A CB  1 
ATOM   952  C CG  . ARG A 1 118 ? -5.284  -0.503  4.648   1.00 17.06 ? 374 ARG A CG  1 
ATOM   953  C CD  . ARG A 1 118 ? -4.815  -1.680  3.839   1.00 15.43 ? 374 ARG A CD  1 
ATOM   954  N NE  . ARG A 1 118 ? -4.384  -2.788  4.684   1.00 16.80 ? 374 ARG A NE  1 
ATOM   955  C CZ  . ARG A 1 118 ? -3.921  -3.935  4.211   1.00 16.11 ? 374 ARG A CZ  1 
ATOM   956  N NH1 . ARG A 1 118 ? -3.832  -4.118  2.900   1.00 18.54 ? 374 ARG A NH1 1 
ATOM   957  N NH2 . ARG A 1 118 ? -3.538  -4.891  5.045   1.00 17.12 ? 374 ARG A NH2 1 
ATOM   958  N N   . VAL A 1 119 ? -7.173  3.239   2.746   1.00 19.64 ? 375 VAL A N   1 
ATOM   959  C CA  . VAL A 1 119 ? -7.238  4.417   1.883   1.00 21.57 ? 375 VAL A CA  1 
ATOM   960  C C   . VAL A 1 119 ? -7.518  5.654   2.742   1.00 21.37 ? 375 VAL A C   1 
ATOM   961  O O   . VAL A 1 119 ? -7.098  6.763   2.405   1.00 21.27 ? 375 VAL A O   1 
ATOM   962  C CB  . VAL A 1 119 ? -8.351  4.291   0.790   1.00 22.60 ? 375 VAL A CB  1 
ATOM   963  C CG1 . VAL A 1 119 ? -8.056  3.111   -0.127  1.00 23.66 ? 375 VAL A CG1 1 
ATOM   964  C CG2 . VAL A 1 119 ? -9.714  4.134   1.433   1.00 27.49 ? 375 VAL A CG2 1 
ATOM   965  N N   . ALA A 1 120 ? -8.209  5.458   3.863   1.00 20.96 ? 376 ALA A N   1 
ATOM   966  C CA  . ALA A 1 120 ? -8.530  6.569   4.756   1.00 22.41 ? 376 ALA A CA  1 
ATOM   967  C C   . ALA A 1 120 ? -7.276  7.053   5.475   1.00 23.45 ? 376 ALA A C   1 
ATOM   968  O O   . ALA A 1 120 ? -7.136  8.245   5.760   1.00 22.32 ? 376 ALA A O   1 
ATOM   969  C CB  . ALA A 1 120 ? -9.575  6.150   5.764   1.00 20.85 ? 376 ALA A CB  1 
ATOM   970  N N   . ARG A 1 121 ? -6.376  6.120   5.770   1.00 21.40 ? 377 ARG A N   1 
ATOM   971  C CA  . ARG A 1 121 ? -5.118  6.437   6.442   1.00 21.34 ? 377 ARG A CA  1 
ATOM   972  C C   . ARG A 1 121 ? -4.107  7.027   5.464   1.00 19.99 ? 377 ARG A C   1 
ATOM   973  O O   . ARG A 1 121 ? -3.464  8.040   5.748   1.00 17.02 ? 377 ARG A O   1 
ATOM   974  C CB  . ARG A 1 121 ? -4.526  5.181   7.080   1.00 23.43 ? 377 ARG A CB  1 
ATOM   975  C CG  . ARG A 1 121 ? -4.917  4.962   8.526   1.00 28.67 ? 377 ARG A CG  1 
ATOM   976  C CD  . ARG A 1 121 ? -4.332  6.044   9.423   1.00 31.42 ? 377 ARG A CD  1 
ATOM   977  N NE  . ARG A 1 121 ? -4.195  5.580   10.801  1.00 35.61 ? 377 ARG A NE  1 
ATOM   978  C CZ  . ARG A 1 121 ? -3.237  4.763   11.230  1.00 33.70 ? 377 ARG A CZ  1 
ATOM   979  N NH1 . ARG A 1 121 ? -2.312  4.312   10.393  1.00 33.81 ? 377 ARG A NH1 1 
ATOM   980  N NH2 . ARG A 1 121 ? -3.212  4.383   12.500  1.00 36.04 ? 377 ARG A NH2 1 
ATOM   981  N N   . ALA A 1 122 ? -3.964  6.390   4.307   1.00 17.86 ? 378 ALA A N   1 
ATOM   982  C CA  . ALA A 1 122 ? -3.020  6.884   3.314   1.00 16.61 ? 378 ALA A CA  1 
ATOM   983  C C   . ALA A 1 122 ? -3.474  8.244   2.796   1.00 15.44 ? 378 ALA A C   1 
ATOM   984  O O   . ALA A 1 122 ? -2.672  9.024   2.291   1.00 16.16 ? 378 ALA A O   1 
ATOM   985  C CB  . ALA A 1 122 ? -2.900  5.906   2.167   1.00 16.92 ? 378 ALA A CB  1 
ATOM   986  N N   . GLY A 1 123 ? -4.768  8.514   2.918   1.00 13.91 ? 379 GLY A N   1 
ATOM   987  C CA  . GLY A 1 123 ? -5.315  9.784   2.472   1.00 14.19 ? 379 GLY A CA  1 
ATOM   988  C C   . GLY A 1 123 ? -5.842  10.593  3.644   1.00 15.43 ? 379 GLY A C   1 
ATOM   989  O O   . GLY A 1 123 ? -6.654  11.497  3.469   1.00 14.52 ? 379 GLY A O   1 
ATOM   990  N N   . ARG A 1 124 ? -5.357  10.283  4.844   1.00 13.28 ? 380 ARG A N   1 
ATOM   991  C CA  . ARG A 1 124 ? -5.806  10.968  6.049   1.00 17.15 ? 380 ARG A CA  1 
ATOM   992  C C   . ARG A 1 124 ? -5.859  12.493  5.912   1.00 18.32 ? 380 ARG A C   1 
ATOM   993  O O   . ARG A 1 124 ? -4.972  13.109  5.306   1.00 17.21 ? 380 ARG A O   1 
ATOM   994  C CB  . ARG A 1 124 ? -4.919  10.583  7.231   1.00 17.02 ? 380 ARG A CB  1 
ATOM   995  C CG  . ARG A 1 124 ? -5.478  11.010  8.571   1.00 24.51 ? 380 ARG A CG  1 
ATOM   996  C CD  . ARG A 1 124 ? -5.333  9.888   9.576   1.00 31.33 ? 380 ARG A CD  1 
ATOM   997  N NE  . ARG A 1 124 ? -4.513  10.256  10.725  1.00 35.48 ? 380 ARG A NE  1 
ATOM   998  C CZ  . ARG A 1 124 ? -4.933  10.996  11.748  1.00 36.61 ? 380 ARG A CZ  1 
ATOM   999  N NH1 . ARG A 1 124 ? -6.180  11.456  11.778  1.00 35.75 ? 380 ARG A NH1 1 
ATOM   1000 N NH2 . ARG A 1 124 ? -4.100  11.275  12.747  1.00 37.15 ? 380 ARG A NH2 1 
ATOM   1001 N N   . PHE A 1 125 ? -6.907  13.082  6.486   1.00 18.93 ? 381 PHE A N   1 
ATOM   1002 C CA  . PHE A 1 125 ? -7.144  14.528  6.453   1.00 19.72 ? 381 PHE A CA  1 
ATOM   1003 C C   . PHE A 1 125 ? -7.447  15.024  5.045   1.00 19.94 ? 381 PHE A C   1 
ATOM   1004 O O   . PHE A 1 125 ? -7.379  16.220  4.777   1.00 20.29 ? 381 PHE A O   1 
ATOM   1005 C CB  . PHE A 1 125 ? -5.944  15.312  6.990   1.00 18.55 ? 381 PHE A CB  1 
ATOM   1006 C CG  . PHE A 1 125 ? -5.579  14.976  8.405   1.00 17.71 ? 381 PHE A CG  1 
ATOM   1007 C CD1 . PHE A 1 125 ? -4.414  14.274  8.682   1.00 17.79 ? 381 PHE A CD1 1 
ATOM   1008 C CD2 . PHE A 1 125 ? -6.389  15.374  9.461   1.00 18.22 ? 381 PHE A CD2 1 
ATOM   1009 C CE1 . PHE A 1 125 ? -4.058  13.969  9.992   1.00 18.65 ? 381 PHE A CE1 1 
ATOM   1010 C CE2 . PHE A 1 125 ? -6.046  15.074  10.771  1.00 18.08 ? 381 PHE A CE2 1 
ATOM   1011 C CZ  . PHE A 1 125 ? -4.879  14.373  11.042  1.00 19.31 ? 381 PHE A CZ  1 
ATOM   1012 N N   . GLY A 1 126 ? -7.770  14.103  4.145   1.00 18.69 ? 382 GLY A N   1 
ATOM   1013 C CA  . GLY A 1 126 ? -8.067  14.493  2.783   1.00 17.37 ? 382 GLY A CA  1 
ATOM   1014 C C   . GLY A 1 126 ? -6.821  14.815  1.980   1.00 19.60 ? 382 GLY A C   1 
ATOM   1015 O O   . GLY A 1 126 ? -6.876  15.628  1.054   1.00 21.73 ? 382 GLY A O   1 
ATOM   1016 N N   . THR A 1 127 ? -5.693  14.197  2.323   1.00 15.95 ? 383 THR A N   1 
ATOM   1017 C CA  . THR A 1 127 ? -4.464  14.449  1.581   1.00 17.30 ? 383 THR A CA  1 
ATOM   1018 C C   . THR A 1 127 ? -4.568  13.738  0.246   1.00 18.29 ? 383 THR A C   1 
ATOM   1019 O O   . THR A 1 127 ? -5.376  12.818  0.083   1.00 17.36 ? 383 THR A O   1 
ATOM   1020 C CB  . THR A 1 127 ? -3.192  13.946  2.315   1.00 14.81 ? 383 THR A CB  1 
ATOM   1021 O OG1 . THR A 1 127 ? -3.372  12.592  2.743   1.00 16.43 ? 383 THR A OG1 1 
ATOM   1022 C CG2 . THR A 1 127 ? -2.882  14.831  3.508   1.00 14.71 ? 383 THR A CG2 1 
ATOM   1023 N N   . LYS A 1 128 ? -3.747  14.174  -0.702  1.00 19.87 ? 384 LYS A N   1 
ATOM   1024 C CA  . LYS A 1 128 ? -3.746  13.609  -2.040  1.00 23.41 ? 384 LYS A CA  1 
ATOM   1025 C C   . LYS A 1 128 ? -2.898  12.343  -2.189  1.00 21.79 ? 384 LYS A C   1 
ATOM   1026 O O   . LYS A 1 128 ? -2.058  12.025  -1.340  1.00 23.10 ? 384 LYS A O   1 
ATOM   1027 C CB  . LYS A 1 128 ? -3.296  14.680  -3.040  1.00 25.09 ? 384 LYS A CB  1 
ATOM   1028 C CG  . LYS A 1 128 ? -2.037  15.428  -2.633  1.00 32.90 ? 384 LYS A CG  1 
ATOM   1029 C CD  . LYS A 1 128 ? -1.738  16.571  -3.598  1.00 36.31 ? 384 LYS A CD  1 
ATOM   1030 C CE  . LYS A 1 128 ? -0.384  17.232  -3.316  1.00 38.86 ? 384 LYS A CE  1 
ATOM   1031 N NZ  . LYS A 1 128 ? -0.300  17.845  -1.958  1.00 37.63 ? 384 LYS A NZ  1 
ATOM   1032 N N   . GLY A 1 129 ? -3.139  11.616  -3.273  1.00 21.80 ? 385 GLY A N   1 
ATOM   1033 C CA  . GLY A 1 129 ? -2.391  10.402  -3.518  1.00 20.37 ? 385 GLY A CA  1 
ATOM   1034 C C   . GLY A 1 129 ? -3.100  9.442   -4.451  1.00 21.32 ? 385 GLY A C   1 
ATOM   1035 O O   . GLY A 1 129 ? -4.215  9.693   -4.907  1.00 18.44 ? 385 GLY A O   1 
ATOM   1036 N N   . LEU A 1 130 ? -2.438  8.325   -4.721  1.00 20.73 ? 386 LEU A N   1 
ATOM   1037 C CA  . LEU A 1 130 ? -2.977  7.300   -5.599  1.00 21.33 ? 386 LEU A CA  1 
ATOM   1038 C C   . LEU A 1 130 ? -3.048  5.979   -4.835  1.00 19.31 ? 386 LEU A C   1 
ATOM   1039 O O   . LEU A 1 130 ? -2.161  5.674   -4.043  1.00 19.07 ? 386 LEU A O   1 
ATOM   1040 C CB  . LEU A 1 130 ? -2.052  7.143   -6.806  1.00 24.77 ? 386 LEU A CB  1 
ATOM   1041 C CG  . LEU A 1 130 ? -2.537  6.304   -7.983  1.00 32.78 ? 386 LEU A CG  1 
ATOM   1042 C CD1 . LEU A 1 130 ? -3.806  6.923   -8.535  1.00 34.04 ? 386 LEU A CD1 1 
ATOM   1043 C CD2 . LEU A 1 130 ? -1.452  6.256   -9.059  1.00 33.74 ? 386 LEU A CD2 1 
ATOM   1044 N N   . ALA A 1 131 ? -4.106  5.209   -5.059  1.00 17.34 ? 387 ALA A N   1 
ATOM   1045 C CA  . ALA A 1 131 ? -4.244  3.906   -4.418  1.00 17.54 ? 387 ALA A CA  1 
ATOM   1046 C C   . ALA A 1 131 ? -4.361  2.876   -5.542  1.00 17.42 ? 387 ALA A C   1 
ATOM   1047 O O   . ALA A 1 131 ? -5.208  3.017   -6.429  1.00 15.18 ? 387 ALA A O   1 
ATOM   1048 C CB  . ALA A 1 131 ? -5.477  3.875   -3.542  1.00 18.47 ? 387 ALA A CB  1 
ATOM   1049 N N   . ILE A 1 132 ? -3.503  1.857   -5.515  1.00 15.03 ? 388 ILE A N   1 
ATOM   1050 C CA  . ILE A 1 132 ? -3.516  0.813   -6.549  1.00 14.37 ? 388 ILE A CA  1 
ATOM   1051 C C   . ILE A 1 132 ? -3.587  -0.573  -5.904  1.00 12.80 ? 388 ILE A C   1 
ATOM   1052 O O   . ILE A 1 132 ? -2.704  -0.946  -5.131  1.00 11.65 ? 388 ILE A O   1 
ATOM   1053 C CB  . ILE A 1 132 ? -2.255  0.907   -7.430  1.00 12.93 ? 388 ILE A CB  1 
ATOM   1054 C CG1 . ILE A 1 132 ? -2.203  2.289   -8.097  1.00 13.84 ? 388 ILE A CG1 1 
ATOM   1055 C CG2 . ILE A 1 132 ? -2.276  -0.190  -8.488  1.00 14.52 ? 388 ILE A CG2 1 
ATOM   1056 C CD1 . ILE A 1 132 ? -0.943  2.541   -8.888  1.00 15.46 ? 388 ILE A CD1 1 
ATOM   1057 N N   . THR A 1 133 ? -4.638  -1.323  -6.227  1.00 12.35 ? 389 THR A N   1 
ATOM   1058 C CA  . THR A 1 133 ? -4.841  -2.653  -5.654  1.00 13.76 ? 389 THR A CA  1 
ATOM   1059 C C   . THR A 1 133 ? -4.761  -3.763  -6.691  1.00 15.75 ? 389 THR A C   1 
ATOM   1060 O O   . THR A 1 133 ? -5.363  -3.664  -7.759  1.00 15.86 ? 389 THR A O   1 
ATOM   1061 C CB  . THR A 1 133 ? -6.218  -2.755  -4.963  1.00 15.71 ? 389 THR A CB  1 
ATOM   1062 O OG1 . THR A 1 133 ? -6.289  -1.798  -3.904  1.00 20.07 ? 389 THR A OG1 1 
ATOM   1063 C CG2 . THR A 1 133 ? -6.438  -4.161  -4.392  1.00 16.16 ? 389 THR A CG2 1 
ATOM   1064 N N   . PHE A 1 134 ? -4.037  -4.829  -6.364  1.00 14.80 ? 390 PHE A N   1 
ATOM   1065 C CA  . PHE A 1 134 ? -3.901  -5.954  -7.278  1.00 15.24 ? 390 PHE A CA  1 
ATOM   1066 C C   . PHE A 1 134 ? -4.979  -6.985  -6.964  1.00 16.45 ? 390 PHE A C   1 
ATOM   1067 O O   . PHE A 1 134 ? -5.108  -7.424  -5.822  1.00 16.08 ? 390 PHE A O   1 
ATOM   1068 C CB  . PHE A 1 134 ? -2.528  -6.618  -7.137  1.00 13.10 ? 390 PHE A CB  1 
ATOM   1069 C CG  . PHE A 1 134 ? -1.366  -5.760  -7.564  1.00 14.31 ? 390 PHE A CG  1 
ATOM   1070 C CD1 . PHE A 1 134 ? -1.552  -4.621  -8.348  1.00 16.70 ? 390 PHE A CD1 1 
ATOM   1071 C CD2 . PHE A 1 134 ? -0.073  -6.124  -7.207  1.00 16.65 ? 390 PHE A CD2 1 
ATOM   1072 C CE1 . PHE A 1 134 ? -0.465  -3.860  -8.768  1.00 17.04 ? 390 PHE A CE1 1 
ATOM   1073 C CE2 . PHE A 1 134 ? 1.027   -5.371  -7.623  1.00 17.72 ? 390 PHE A CE2 1 
ATOM   1074 C CZ  . PHE A 1 134 ? 0.829   -4.240  -8.403  1.00 17.91 ? 390 PHE A CZ  1 
ATOM   1075 N N   . VAL A 1 135 ? -5.743  -7.365  -7.985  1.00 16.66 ? 391 VAL A N   1 
ATOM   1076 C CA  . VAL A 1 135 ? -6.818  -8.351  -7.851  1.00 18.52 ? 391 VAL A CA  1 
ATOM   1077 C C   . VAL A 1 135 ? -6.355  -9.632  -8.555  1.00 16.89 ? 391 VAL A C   1 
ATOM   1078 O O   . VAL A 1 135 ? -6.173  -9.632  -9.771  1.00 17.93 ? 391 VAL A O   1 
ATOM   1079 C CB  . VAL A 1 135 ? -8.106  -7.816  -8.517  1.00 21.49 ? 391 VAL A CB  1 
ATOM   1080 C CG1 . VAL A 1 135 ? -9.230  -8.833  -8.395  1.00 21.13 ? 391 VAL A CG1 1 
ATOM   1081 C CG2 . VAL A 1 135 ? -8.507  -6.485  -7.873  1.00 18.01 ? 391 VAL A CG2 1 
ATOM   1082 N N   . SER A 1 136 ? -6.168  -10.714 -7.799  1.00 17.49 ? 392 SER A N   1 
ATOM   1083 C CA  . SER A 1 136 ? -5.668  -11.968 -8.367  1.00 20.19 ? 392 SER A CA  1 
ATOM   1084 C C   . SER A 1 136 ? -6.548  -13.212 -8.302  1.00 21.18 ? 392 SER A C   1 
ATOM   1085 O O   . SER A 1 136 ? -6.168  -14.268 -8.817  1.00 21.41 ? 392 SER A O   1 
ATOM   1086 C CB  . SER A 1 136 ? -4.308  -12.304 -7.755  1.00 20.20 ? 392 SER A CB  1 
ATOM   1087 O OG  . SER A 1 136 ? -3.331  -11.364 -8.153  1.00 23.29 ? 392 SER A OG  1 
ATOM   1088 N N   . ASP A 1 137 ? -7.692  -13.115 -7.643  1.00 21.28 ? 393 ASP A N   1 
ATOM   1089 C CA  . ASP A 1 137 ? -8.624  -14.239 -7.593  1.00 20.32 ? 393 ASP A CA  1 
ATOM   1090 C C   . ASP A 1 137 ? -10.027 -13.685 -7.394  1.00 20.21 ? 393 ASP A C   1 
ATOM   1091 O O   . ASP A 1 137 ? -10.195 -12.483 -7.187  1.00 18.41 ? 393 ASP A O   1 
ATOM   1092 C CB  . ASP A 1 137 ? -8.263  -15.263 -6.499  1.00 20.77 ? 393 ASP A CB  1 
ATOM   1093 C CG  . ASP A 1 137 ? -8.255  -14.679 -5.099  1.00 20.97 ? 393 ASP A CG  1 
ATOM   1094 O OD1 . ASP A 1 137 ? -9.232  -14.012 -4.710  1.00 23.41 ? 393 ASP A OD1 1 
ATOM   1095 O OD2 . ASP A 1 137 ? -7.268  -14.915 -4.369  1.00 25.28 ? 393 ASP A OD2 1 
ATOM   1096 N N   . GLU A 1 138 ? -11.030 -14.554 -7.471  1.00 19.76 ? 394 GLU A N   1 
ATOM   1097 C CA  . GLU A 1 138 ? -12.414 -14.115 -7.330  1.00 23.12 ? 394 GLU A CA  1 
ATOM   1098 C C   . GLU A 1 138 ? -12.765 -13.635 -5.932  1.00 23.15 ? 394 GLU A C   1 
ATOM   1099 O O   . GLU A 1 138 ? -13.796 -12.984 -5.736  1.00 22.13 ? 394 GLU A O   1 
ATOM   1100 C CB  . GLU A 1 138 ? -13.363 -15.230 -7.773  1.00 22.36 ? 394 GLU A CB  1 
ATOM   1101 C CG  . GLU A 1 138 ? -13.126 -15.636 -9.211  1.00 24.67 ? 394 GLU A CG  1 
ATOM   1102 C CD  . GLU A 1 138 ? -13.139 -14.445 -10.153 1.00 29.50 ? 394 GLU A CD  1 
ATOM   1103 O OE1 . GLU A 1 138 ? -12.494 -14.519 -11.220 1.00 31.97 ? 394 GLU A OE1 1 
ATOM   1104 O OE2 . GLU A 1 138 ? -13.801 -13.435 -9.835  1.00 27.49 ? 394 GLU A OE2 1 
ATOM   1105 N N   . ASN A 1 139 ? -11.915 -13.956 -4.960  1.00 22.72 ? 395 ASN A N   1 
ATOM   1106 C CA  . ASN A 1 139 ? -12.139 -13.513 -3.591  1.00 22.95 ? 395 ASN A CA  1 
ATOM   1107 C C   . ASN A 1 139 ? -11.772 -12.028 -3.579  1.00 22.81 ? 395 ASN A C   1 
ATOM   1108 O O   . ASN A 1 139 ? -12.516 -11.191 -3.059  1.00 19.97 ? 395 ASN A O   1 
ATOM   1109 C CB  . ASN A 1 139 ? -11.242 -14.287 -2.629  1.00 27.92 ? 395 ASN A CB  1 
ATOM   1110 C CG  . ASN A 1 139 ? -11.470 -13.901 -1.188  1.00 35.24 ? 395 ASN A CG  1 
ATOM   1111 O OD1 . ASN A 1 139 ? -12.589 -13.990 -0.684  1.00 40.14 ? 395 ASN A OD1 1 
ATOM   1112 N ND2 . ASN A 1 139 ? -10.412 -13.466 -0.513  1.00 39.58 ? 395 ASN A ND2 1 
ATOM   1113 N N   . ASP A 1 140 ? -10.621 -11.716 -4.173  1.00 20.91 ? 396 ASP A N   1 
ATOM   1114 C CA  . ASP A 1 140 ? -10.155 -10.338 -4.270  1.00 20.05 ? 396 ASP A CA  1 
ATOM   1115 C C   . ASP A 1 140 ? -11.210 -9.510  -4.999  1.00 20.04 ? 396 ASP A C   1 
ATOM   1116 O O   . ASP A 1 140 ? -11.510 -8.391  -4.594  1.00 19.93 ? 396 ASP A O   1 
ATOM   1117 C CB  . ASP A 1 140 ? -8.831  -10.256 -5.049  1.00 17.31 ? 396 ASP A CB  1 
ATOM   1118 C CG  . ASP A 1 140 ? -7.647  -10.859 -4.295  1.00 17.27 ? 396 ASP A CG  1 
ATOM   1119 O OD1 . ASP A 1 140 ? -7.781  -11.196 -3.097  1.00 18.27 ? 396 ASP A OD1 1 
ATOM   1120 O OD2 . ASP A 1 140 ? -6.566  -10.986 -4.908  1.00 17.01 ? 396 ASP A OD2 1 
ATOM   1121 N N   . ALA A 1 141 ? -11.775 -10.058 -6.076  1.00 19.99 ? 397 ALA A N   1 
ATOM   1122 C CA  . ALA A 1 141 ? -12.788 -9.327  -6.839  1.00 18.73 ? 397 ALA A CA  1 
ATOM   1123 C C   . ALA A 1 141 ? -14.039 -9.084  -5.996  1.00 19.12 ? 397 ALA A C   1 
ATOM   1124 O O   . ALA A 1 141 ? -14.655 -8.019  -6.071  1.00 18.34 ? 397 ALA A O   1 
ATOM   1125 C CB  . ALA A 1 141 ? -13.155 -10.089 -8.111  1.00 17.67 ? 397 ALA A CB  1 
ATOM   1126 N N   . LYS A 1 142 ? -14.420 -10.077 -5.204  1.00 20.00 ? 398 LYS A N   1 
ATOM   1127 C CA  . LYS A 1 142 ? -15.595 -9.957  -4.348  1.00 22.96 ? 398 LYS A CA  1 
ATOM   1128 C C   . LYS A 1 142 ? -15.432 -8.784  -3.375  1.00 21.49 ? 398 LYS A C   1 
ATOM   1129 O O   . LYS A 1 142 ? -16.352 -7.989  -3.189  1.00 17.54 ? 398 LYS A O   1 
ATOM   1130 C CB  . LYS A 1 142 ? -15.800 -11.250 -3.558  1.00 27.36 ? 398 LYS A CB  1 
ATOM   1131 C CG  . LYS A 1 142 ? -16.801 -11.122 -2.432  1.00 33.91 ? 398 LYS A CG  1 
ATOM   1132 C CD  . LYS A 1 142 ? -16.538 -12.171 -1.378  1.00 39.65 ? 398 LYS A CD  1 
ATOM   1133 C CE  . LYS A 1 142 ? -17.202 -11.799 -0.067  1.00 43.60 ? 398 LYS A CE  1 
ATOM   1134 N NZ  . LYS A 1 142 ? -16.729 -12.693 1.026   1.00 46.00 ? 398 LYS A NZ  1 
ATOM   1135 N N   . ILE A 1 143 ? -14.254 -8.695  -2.765  1.00 21.40 ? 399 ILE A N   1 
ATOM   1136 C CA  . ILE A 1 143 ? -13.945 -7.629  -1.812  1.00 23.30 ? 399 ILE A CA  1 
ATOM   1137 C C   . ILE A 1 143 ? -14.027 -6.273  -2.489  1.00 23.69 ? 399 ILE A C   1 
ATOM   1138 O O   . ILE A 1 143 ? -14.574 -5.324  -1.930  1.00 26.25 ? 399 ILE A O   1 
ATOM   1139 C CB  . ILE A 1 143 ? -12.534 -7.812  -1.218  1.00 24.16 ? 399 ILE A CB  1 
ATOM   1140 C CG1 . ILE A 1 143 ? -12.457 -9.159  -0.497  1.00 25.08 ? 399 ILE A CG1 1 
ATOM   1141 C CG2 . ILE A 1 143 ? -12.213 -6.664  -0.256  1.00 23.33 ? 399 ILE A CG2 1 
ATOM   1142 C CD1 . ILE A 1 143 ? -11.088 -9.489  0.085   1.00 26.92 ? 399 ILE A CD1 1 
ATOM   1143 N N   . LEU A 1 144 ? -13.486 -6.187  -3.699  1.00 24.47 ? 400 LEU A N   1 
ATOM   1144 C CA  . LEU A 1 144 ? -13.503 -4.948  -4.473  1.00 27.11 ? 400 LEU A CA  1 
ATOM   1145 C C   . LEU A 1 144 ? -14.948 -4.488  -4.704  1.00 28.21 ? 400 LEU A C   1 
ATOM   1146 O O   . LEU A 1 144 ? -15.268 -3.297  -4.617  1.00 24.85 ? 400 LEU A O   1 
ATOM   1147 C CB  . LEU A 1 144 ? -12.807 -5.172  -5.814  1.00 30.16 ? 400 LEU A CB  1 
ATOM   1148 C CG  . LEU A 1 144 ? -12.471 -3.924  -6.622  1.00 35.55 ? 400 LEU A CG  1 
ATOM   1149 C CD1 . LEU A 1 144 ? -11.369 -3.149  -5.911  1.00 39.00 ? 400 LEU A CD1 1 
ATOM   1150 C CD2 . LEU A 1 144 ? -12.025 -4.322  -8.016  1.00 39.28 ? 400 LEU A CD2 1 
ATOM   1151 N N   . ASN A 1 145 ? -15.822 -5.439  -5.017  1.00 28.10 ? 401 ASN A N   1 
ATOM   1152 C CA  . ASN A 1 145 ? -17.228 -5.118  -5.227  1.00 27.61 ? 401 ASN A CA  1 
ATOM   1153 C C   . ASN A 1 145 ? -17.855 -4.698  -3.904  1.00 26.14 ? 401 ASN A C   1 
ATOM   1154 O O   . ASN A 1 145 ? -18.688 -3.799  -3.872  1.00 25.93 ? 401 ASN A O   1 
ATOM   1155 C CB  . ASN A 1 145 ? -17.975 -6.319  -5.802  1.00 30.39 ? 401 ASN A CB  1 
ATOM   1156 C CG  . ASN A 1 145 ? -17.955 -6.341  -7.313  1.00 35.45 ? 401 ASN A CG  1 
ATOM   1157 O OD1 . ASN A 1 145 ? -18.630 -5.540  -7.962  1.00 38.22 ? 401 ASN A OD1 1 
ATOM   1158 N ND2 . ASN A 1 145 ? -17.174 -7.248  -7.883  1.00 37.49 ? 401 ASN A ND2 1 
ATOM   1159 N N   . ASP A 1 146 ? -17.457 -5.355  -2.817  1.00 23.59 ? 402 ASP A N   1 
ATOM   1160 C CA  . ASP A 1 146 ? -17.981 -5.011  -1.499  1.00 23.76 ? 402 ASP A CA  1 
ATOM   1161 C C   . ASP A 1 146 ? -17.734 -3.536  -1.217  1.00 21.82 ? 402 ASP A C   1 
ATOM   1162 O O   . ASP A 1 146 ? -18.631 -2.819  -0.774  1.00 19.65 ? 402 ASP A O   1 
ATOM   1163 C CB  . ASP A 1 146 ? -17.313 -5.842  -0.404  1.00 28.12 ? 402 ASP A CB  1 
ATOM   1164 C CG  . ASP A 1 146 ? -17.781 -7.276  -0.396  1.00 34.36 ? 402 ASP A CG  1 
ATOM   1165 O OD1 . ASP A 1 146 ? -18.999 -7.504  -0.567  1.00 37.24 ? 402 ASP A OD1 1 
ATOM   1166 O OD2 . ASP A 1 146 ? -16.935 -8.174  -0.207  1.00 37.79 ? 402 ASP A OD2 1 
ATOM   1167 N N   . VAL A 1 147 ? -16.510 -3.092  -1.479  1.00 18.05 ? 403 VAL A N   1 
ATOM   1168 C CA  . VAL A 1 147 ? -16.143 -1.695  -1.252  1.00 20.46 ? 403 VAL A CA  1 
ATOM   1169 C C   . VAL A 1 147 ? -17.022 -0.761  -2.082  1.00 21.51 ? 403 VAL A C   1 
ATOM   1170 O O   . VAL A 1 147 ? -17.527 0.248   -1.576  1.00 18.02 ? 403 VAL A O   1 
ATOM   1171 C CB  . VAL A 1 147 ? -14.650 -1.448  -1.613  1.00 18.84 ? 403 VAL A CB  1 
ATOM   1172 C CG1 . VAL A 1 147 ? -14.286 0.000   -1.373  1.00 20.41 ? 403 VAL A CG1 1 
ATOM   1173 C CG2 . VAL A 1 147 ? -13.756 -2.354  -0.778  1.00 13.34 ? 403 VAL A CG2 1 
ATOM   1174 N N   . GLN A 1 148 ? -17.224 -1.102  -3.351  1.00 24.86 ? 404 GLN A N   1 
ATOM   1175 C CA  . GLN A 1 148 ? -18.035 -0.261  -4.222  1.00 28.08 ? 404 GLN A CA  1 
ATOM   1176 C C   . GLN A 1 148 ? -19.517 -0.288  -3.847  1.00 27.85 ? 404 GLN A C   1 
ATOM   1177 O O   . GLN A 1 148 ? -20.183 0.745   -3.872  1.00 28.17 ? 404 GLN A O   1 
ATOM   1178 C CB  . GLN A 1 148 ? -17.850 -0.673  -5.689  1.00 32.08 ? 404 GLN A CB  1 
ATOM   1179 C CG  . GLN A 1 148 ? -16.393 -0.797  -6.117  1.00 41.50 ? 404 GLN A CG  1 
ATOM   1180 C CD  . GLN A 1 148 ? -16.226 -0.871  -7.622  1.00 47.78 ? 404 GLN A CD  1 
ATOM   1181 O OE1 . GLN A 1 148 ? -16.989 -1.545  -8.312  1.00 51.54 ? 404 GLN A OE1 1 
ATOM   1182 N NE2 . GLN A 1 148 ? -15.215 -0.185  -8.138  1.00 49.44 ? 404 GLN A NE2 1 
ATOM   1183 N N   . ASP A 1 149 ? -20.035 -1.451  -3.467  1.00 28.72 ? 405 ASP A N   1 
ATOM   1184 C CA  . ASP A 1 149 ? -21.448 -1.551  -3.094  1.00 29.45 ? 405 ASP A CA  1 
ATOM   1185 C C   . ASP A 1 149 ? -21.756 -0.914  -1.741  1.00 28.95 ? 405 ASP A C   1 
ATOM   1186 O O   . ASP A 1 149 ? -22.774 -0.245  -1.575  1.00 28.09 ? 405 ASP A O   1 
ATOM   1187 C CB  . ASP A 1 149 ? -21.908 -3.009  -3.042  1.00 32.31 ? 405 ASP A CB  1 
ATOM   1188 C CG  . ASP A 1 149 ? -21.879 -3.682  -4.391  1.00 38.63 ? 405 ASP A CG  1 
ATOM   1189 O OD1 . ASP A 1 149 ? -22.236 -3.029  -5.397  1.00 40.80 ? 405 ASP A OD1 1 
ATOM   1190 O OD2 . ASP A 1 149 ? -21.508 -4.873  -4.441  1.00 43.84 ? 405 ASP A OD2 1 
ATOM   1191 N N   . ARG A 1 150 ? -20.873 -1.141  -0.777  1.00 26.62 ? 406 ARG A N   1 
ATOM   1192 C CA  . ARG A 1 150 ? -21.049 -0.624  0.570   1.00 25.77 ? 406 ARG A CA  1 
ATOM   1193 C C   . ARG A 1 150 ? -20.766 0.859   0.752   1.00 24.65 ? 406 ARG A C   1 
ATOM   1194 O O   . ARG A 1 150 ? -21.542 1.572   1.387   1.00 25.94 ? 406 ARG A O   1 
ATOM   1195 C CB  . ARG A 1 150 ? -20.149 -1.388  1.540   1.00 26.62 ? 406 ARG A CB  1 
ATOM   1196 C CG  . ARG A 1 150 ? -20.474 -2.862  1.699   1.00 29.19 ? 406 ARG A CG  1 
ATOM   1197 C CD  . ARG A 1 150 ? -19.513 -3.483  2.694   1.00 30.50 ? 406 ARG A CD  1 
ATOM   1198 N NE  . ARG A 1 150 ? -19.607 -2.830  3.996   1.00 30.24 ? 406 ARG A NE  1 
ATOM   1199 C CZ  . ARG A 1 150 ? -18.651 -2.868  4.915   1.00 31.97 ? 406 ARG A CZ  1 
ATOM   1200 N NH1 . ARG A 1 150 ? -17.527 -3.529  4.666   1.00 29.74 ? 406 ARG A NH1 1 
ATOM   1201 N NH2 . ARG A 1 150 ? -18.818 -2.253  6.082   1.00 30.05 ? 406 ARG A NH2 1 
ATOM   1202 N N   . PHE A 1 151 ? -19.648 1.312   0.200   1.00 23.46 ? 407 PHE A N   1 
ATOM   1203 C CA  . PHE A 1 151 ? -19.215 2.691   0.373   1.00 25.39 ? 407 PHE A CA  1 
ATOM   1204 C C   . PHE A 1 151 ? -19.373 3.625   -0.814  1.00 26.62 ? 407 PHE A C   1 
ATOM   1205 O O   . PHE A 1 151 ? -19.109 4.823   -0.695  1.00 26.83 ? 407 PHE A O   1 
ATOM   1206 C CB  . PHE A 1 151 ? -17.753 2.691   0.813   1.00 22.92 ? 407 PHE A CB  1 
ATOM   1207 C CG  . PHE A 1 151 ? -17.468 1.749   1.946   1.00 23.04 ? 407 PHE A CG  1 
ATOM   1208 C CD1 . PHE A 1 151 ? -16.519 0.738   1.806   1.00 18.76 ? 407 PHE A CD1 1 
ATOM   1209 C CD2 . PHE A 1 151 ? -18.140 1.875   3.157   1.00 21.10 ? 407 PHE A CD2 1 
ATOM   1210 C CE1 . PHE A 1 151 ? -16.244 -0.131  2.862   1.00 19.97 ? 407 PHE A CE1 1 
ATOM   1211 C CE2 . PHE A 1 151 ? -17.871 1.010   4.218   1.00 21.55 ? 407 PHE A CE2 1 
ATOM   1212 C CZ  . PHE A 1 151 ? -16.920 0.005   4.070   1.00 19.35 ? 407 PHE A CZ  1 
ATOM   1213 N N   . GLU A 1 152 ? -19.800 3.090   -1.951  1.00 27.58 ? 408 GLU A N   1 
ATOM   1214 C CA  . GLU A 1 152 ? -19.974 3.900   -3.145  1.00 30.09 ? 408 GLU A CA  1 
ATOM   1215 C C   . GLU A 1 152 ? -18.702 4.651   -3.502  1.00 31.16 ? 408 GLU A C   1 
ATOM   1216 O O   . GLU A 1 152 ? -18.759 5.817   -3.873  1.00 29.05 ? 408 GLU A O   1 
ATOM   1217 C CB  . GLU A 1 152 ? -21.108 4.908   -2.958  1.00 33.53 ? 408 GLU A CB  1 
ATOM   1218 C CG  . GLU A 1 152 ? -22.497 4.322   -3.093  1.00 39.74 ? 408 GLU A CG  1 
ATOM   1219 C CD  . GLU A 1 152 ? -23.577 5.358   -2.871  1.00 44.05 ? 408 GLU A CD  1 
ATOM   1220 O OE1 . GLU A 1 152 ? -23.519 6.423   -3.523  1.00 44.41 ? 408 GLU A OE1 1 
ATOM   1221 O OE2 . GLU A 1 152 ? -24.483 5.108   -2.046  1.00 47.04 ? 408 GLU A OE2 1 
ATOM   1222 N N   . VAL A 1 153 ? -17.555 3.989   -3.379  1.00 34.18 ? 409 VAL A N   1 
ATOM   1223 C CA  . VAL A 1 153 ? -16.280 4.617   -3.722  1.00 37.86 ? 409 VAL A CA  1 
ATOM   1224 C C   . VAL A 1 153 ? -15.956 4.257   -5.172  1.00 39.44 ? 409 VAL A C   1 
ATOM   1225 O O   . VAL A 1 153 ? -16.309 3.171   -5.639  1.00 39.43 ? 409 VAL A O   1 
ATOM   1226 C CB  . VAL A 1 153 ? -15.134 4.120   -2.815  1.00 38.43 ? 409 VAL A CB  1 
ATOM   1227 C CG1 . VAL A 1 153 ? -15.470 4.384   -1.357  1.00 40.66 ? 409 VAL A CG1 1 
ATOM   1228 C CG2 . VAL A 1 153 ? -14.887 2.640   -3.050  1.00 40.26 ? 409 VAL A CG2 1 
ATOM   1229 N N   . ASN A 1 154 ? -15.287 5.159   -5.881  1.00 42.90 ? 410 ASN A N   1 
ATOM   1230 C CA  . ASN A 1 154 ? -14.946 4.918   -7.281  1.00 46.44 ? 410 ASN A CA  1 
ATOM   1231 C C   . ASN A 1 154 ? -13.581 4.249   -7.457  1.00 43.45 ? 410 ASN A C   1 
ATOM   1232 O O   . ASN A 1 154 ? -12.549 4.876   -7.231  1.00 43.05 ? 410 ASN A O   1 
ATOM   1233 C CB  . ASN A 1 154 ? -14.960 6.242   -8.048  1.00 54.97 ? 410 ASN A CB  1 
ATOM   1234 C CG  . ASN A 1 154 ? -16.253 7.016   -7.856  1.00 64.86 ? 410 ASN A CG  1 
ATOM   1235 O OD1 . ASN A 1 154 ? -17.328 6.567   -8.257  1.00 70.31 ? 410 ASN A OD1 1 
ATOM   1236 N ND2 . ASN A 1 154 ? -16.154 8.186   -7.233  1.00 70.17 ? 410 ASN A ND2 1 
ATOM   1237 N N   . ILE A 1 155 ? -13.582 2.982   -7.863  1.00 39.27 ? 411 ILE A N   1 
ATOM   1238 C CA  . ILE A 1 155 ? -12.338 2.242   -8.091  1.00 35.97 ? 411 ILE A CA  1 
ATOM   1239 C C   . ILE A 1 155 ? -12.332 1.712   -9.525  1.00 35.00 ? 411 ILE A C   1 
ATOM   1240 O O   . ILE A 1 155 ? -13.059 0.770   -9.847  1.00 34.70 ? 411 ILE A O   1 
ATOM   1241 C CB  . ILE A 1 155 ? -12.199 1.031   -7.134  1.00 33.65 ? 411 ILE A CB  1 
ATOM   1242 C CG1 . ILE A 1 155 ? -12.412 1.466   -5.684  1.00 32.06 ? 411 ILE A CG1 1 
ATOM   1243 C CG2 . ILE A 1 155 ? -10.812 0.417   -7.276  1.00 32.77 ? 411 ILE A CG2 1 
ATOM   1244 C CD1 . ILE A 1 155 ? -12.402 0.314   -4.710  1.00 32.51 ? 411 ILE A CD1 1 
ATOM   1245 N N   . SER A 1 156 ? -11.513 2.311   -10.381 1.00 31.36 ? 412 SER A N   1 
ATOM   1246 C CA  . SER A 1 156 ? -11.442 1.892   -11.779 1.00 31.95 ? 412 SER A CA  1 
ATOM   1247 C C   . SER A 1 156 ? -10.167 1.133   -12.135 1.00 31.93 ? 412 SER A C   1 
ATOM   1248 O O   . SER A 1 156 ? -9.184  1.169   -11.403 1.00 29.85 ? 412 SER A O   1 
ATOM   1249 C CB  . SER A 1 156 ? -11.581 3.114   -12.689 1.00 30.38 ? 412 SER A CB  1 
ATOM   1250 O OG  . SER A 1 156 ? -10.625 4.101   -12.366 1.00 31.09 ? 412 SER A OG  1 
ATOM   1251 N N   . GLU A 1 157 ? -10.189 0.453   -13.277 1.00 34.77 ? 413 GLU A N   1 
ATOM   1252 C CA  . GLU A 1 157 ? -9.036  -0.316  -13.740 1.00 37.81 ? 413 GLU A CA  1 
ATOM   1253 C C   . GLU A 1 157 ? -7.931  0.652   -14.143 1.00 39.42 ? 413 GLU A C   1 
ATOM   1254 O O   . GLU A 1 157 ? -8.199  1.667   -14.781 1.00 38.64 ? 413 GLU A O   1 
ATOM   1255 C CB  . GLU A 1 157 ? -9.432  -1.191  -14.940 1.00 40.13 ? 413 GLU A CB  1 
ATOM   1256 C CG  . GLU A 1 157 ? -8.417  -2.270  -15.296 1.00 43.98 ? 413 GLU A CG  1 
ATOM   1257 C CD  . GLU A 1 157 ? -8.865  -3.138  -16.463 1.00 48.68 ? 413 GLU A CD  1 
ATOM   1258 O OE1 . GLU A 1 157 ? -10.028 -3.602  -16.452 1.00 49.97 ? 413 GLU A OE1 1 
ATOM   1259 O OE2 . GLU A 1 157 ? -8.054  -3.363  -17.387 1.00 50.37 ? 413 GLU A OE2 1 
ATOM   1260 N N   . LEU A 1 158 ? -6.695  0.338   -13.767 1.00 43.35 ? 414 LEU A N   1 
ATOM   1261 C CA  . LEU A 1 158 ? -5.554  1.192   -14.079 1.00 47.19 ? 414 LEU A CA  1 
ATOM   1262 C C   . LEU A 1 158 ? -5.264  1.206   -15.578 1.00 51.40 ? 414 LEU A C   1 
ATOM   1263 O O   . LEU A 1 158 ? -4.966  0.175   -16.177 1.00 52.70 ? 414 LEU A O   1 
ATOM   1264 C CB  . LEU A 1 158 ? -4.316  0.704   -13.325 1.00 44.89 ? 414 LEU A CB  1 
ATOM   1265 C CG  . LEU A 1 158 ? -3.174  1.683   -13.029 1.00 43.39 ? 414 LEU A CG  1 
ATOM   1266 C CD1 . LEU A 1 158 ? -2.028  0.914   -12.382 1.00 41.92 ? 414 LEU A CD1 1 
ATOM   1267 C CD2 . LEU A 1 158 ? -2.701  2.364   -14.297 1.00 42.47 ? 414 LEU A CD2 1 
ATOM   1268 N N   . PRO A 1 159 ? -5.337  2.392   -16.203 1.00 56.09 ? 415 PRO A N   1 
ATOM   1269 C CA  . PRO A 1 159 ? -5.087  2.563   -17.635 1.00 58.31 ? 415 PRO A CA  1 
ATOM   1270 C C   . PRO A 1 159 ? -3.783  3.306   -17.908 1.00 59.53 ? 415 PRO A C   1 
ATOM   1271 O O   . PRO A 1 159 ? -2.846  3.244   -17.118 1.00 60.16 ? 415 PRO A O   1 
ATOM   1272 C CB  . PRO A 1 159 ? -6.298  3.362   -18.092 1.00 59.87 ? 415 PRO A CB  1 
ATOM   1273 C CG  . PRO A 1 159 ? -6.641  4.224   -16.849 1.00 59.54 ? 415 PRO A CG  1 
ATOM   1274 C CD  . PRO A 1 159 ? -5.937  3.613   -15.645 1.00 57.57 ? 415 PRO A CD  1 
ATOM   1275 N N   . GLU A 1 169 ? -7.082  24.499  0.979   1.00 42.86 ? 425 GLU A N   1 
ATOM   1276 C CA  . GLU A 1 169 ? -7.460  23.963  -0.345  1.00 43.14 ? 425 GLU A CA  1 
ATOM   1277 C C   . GLU A 1 169 ? -8.713  23.180  -0.300  1.00 44.11 ? 425 GLU A C   1 
ATOM   1278 O O   . GLU A 1 169 ? -9.471  23.279  0.681   1.00 45.99 ? 425 GLU A O   1 
ATOM   1279 C CB  . GLU A 1 169 ? -6.392  23.038  -0.914  1.00 44.01 ? 425 GLU A CB  1 
ATOM   1280 C CG  . GLU A 1 169 ? -6.827  22.476  -2.247  1.00 20.00 ? 425 GLU A CG  1 
ATOM   1281 C CD  . GLU A 1 169 ? -6.840  23.568  -3.276  1.00 20.00 ? 425 GLU A CD  1 
ATOM   1282 O OE1 . GLU A 1 169 ? -6.715  24.751  -2.910  1.00 20.00 ? 425 GLU A OE1 1 
ATOM   1283 O OE2 . GLU A 1 169 ? -6.992  23.240  -4.466  1.00 20.00 ? 425 GLU A OE2 1 
ATOM   1284 N N   . GLN A 1 170 ? -9.028  22.404  -1.278  1.00 42.65 ? 426 GLN A N   1 
ATOM   1285 C CA  . GLN A 1 170 ? -10.194 21.700  -0.925  1.00 40.61 ? 426 GLN A CA  1 
ATOM   1286 C C   . GLN A 1 170 ? -9.880  20.244  -0.587  1.00 38.03 ? 426 GLN A C   1 
ATOM   1287 O O   . GLN A 1 170 ? -8.795  19.741  -0.889  1.00 33.71 ? 426 GLN A O   1 
ATOM   1288 C CB  . GLN A 1 170 ? -11.311 21.898  -1.963  1.00 43.79 ? 426 GLN A CB  1 
ATOM   1289 C CG  . GLN A 1 170 ? -11.108 21.215  -3.310  1.00 50.74 ? 426 GLN A CG  1 
ATOM   1290 C CD  . GLN A 1 170 ? -11.232 22.148  -4.510  1.00 56.31 ? 426 GLN A CD  1 
ATOM   1291 O OE1 . GLN A 1 170 ? -10.238 22.442  -5.157  1.00 58.91 ? 426 GLN A OE1 1 
ATOM   1292 N NE2 . GLN A 1 170 ? -12.327 22.714  -4.966  1.00 58.97 ? 426 GLN A NE2 1 
ATOM   1293 N N   . THR A 1 171 ? -10.847 19.551  0.050   1.00 36.23 ? 427 THR A N   1 
ATOM   1294 C CA  . THR A 1 171 ? -10.636 18.133  0.427   1.00 35.79 ? 427 THR A CA  1 
ATOM   1295 C C   . THR A 1 171 ? -10.217 17.270  -0.752  1.00 36.34 ? 427 THR A C   1 
ATOM   1296 O O   . THR A 1 171 ? -10.802 17.335  -1.831  1.00 34.97 ? 427 THR A O   1 
ATOM   1297 C CB  . THR A 1 171 ? -11.898 17.504  1.057   1.00 34.53 ? 427 THR A CB  1 
ATOM   1298 O OG1 . THR A 1 171 ? -12.158 18.112  2.329   1.00 39.65 ? 427 THR A OG1 1 
ATOM   1299 C CG2 . THR A 1 171 ? -11.697 16.012  1.225   1.00 38.90 ? 427 THR A CG2 1 
ATOM   1300 N N   . ARG A 1 172 ? -9.193  16.463  -0.530  1.00 39.07 ? 428 ARG A N   1 
ATOM   1301 C CA  . ARG A 1 172 ? -8.700  15.560  -1.550  1.00 43.16 ? 428 ARG A CA  1 
ATOM   1302 C C   . ARG A 1 172 ? -8.903  14.127  -1.064  1.00 43.81 ? 428 ARG A C   1 
ATOM   1303 O O   . ARG A 1 172 ? -7.968  13.560  -0.459  1.00 45.33 ? 428 ARG A O   1 
ATOM   1304 C CB  . ARG A 1 172 ? -7.222  15.832  -1.839  1.00 44.79 ? 428 ARG A CB  1 
ATOM   1305 C CG  . ARG A 1 172 ? -6.969  17.086  -2.657  1.00 50.21 ? 428 ARG A CG  1 
ATOM   1306 C CD  . ARG A 1 172 ? -6.486  18.236  -1.799  1.00 53.79 ? 428 ARG A CD  1 
ATOM   1307 N NE  . ARG A 1 172 ? -6.122  19.397  -2.610  1.00 55.76 ? 428 ARG A NE  1 
ATOM   1308 C CZ  . ARG A 1 172 ? -5.566  20.506  -2.127  1.00 58.00 ? 428 ARG A CZ  1 
ATOM   1309 N NH1 . ARG A 1 172 ? -5.309  20.603  -0.830  1.00 58.10 ? 428 ARG A NH1 1 
ATOM   1310 N NH2 . ARG A 1 172 ? -5.267  21.516  -2.938  1.00 57.26 ? 428 ARG A NH2 1 
ATOM   1311 O OXT . ARG A 1 172 ? -10.012 13.591  -1.280  1.00 43.00 ? 428 ARG A OXT 1 
HETATM 1312 O O   . HOH B 2 .   ? -1.523  11.087  1.109   1.00 4.04  ? 1   HOH A O   1 
HETATM 1313 O O   . HOH B 2 .   ? 4.720   -11.839 -8.553  1.00 14.53 ? 2   HOH A O   1 
HETATM 1314 O O   . HOH B 2 .   ? -7.054  0.667   -4.926  1.00 12.61 ? 3   HOH A O   1 
HETATM 1315 O O   . HOH B 2 .   ? -2.489  -6.522  1.983   1.00 15.94 ? 4   HOH A O   1 
HETATM 1316 O O   . HOH B 2 .   ? -4.319  -9.501  -4.424  1.00 14.81 ? 5   HOH A O   1 
HETATM 1317 O O   . HOH B 2 .   ? 3.314   -13.024 -5.083  1.00 22.51 ? 6   HOH A O   1 
HETATM 1318 O O   . HOH B 2 .   ? 5.972   -11.122 -11.639 1.00 21.82 ? 7   HOH A O   1 
HETATM 1319 O O   . HOH B 2 .   ? 9.561   6.501   -10.516 1.00 21.71 ? 8   HOH A O   1 
HETATM 1320 O O   . HOH B 2 .   ? -15.281 -5.658  5.848   1.00 25.61 ? 9   HOH A O   1 
HETATM 1321 O O   . HOH B 2 .   ? -3.672  -15.284 -9.806  1.00 23.56 ? 10  HOH A O   1 
HETATM 1322 O O   . HOH B 2 .   ? 4.287   -15.127 7.212   1.00 23.31 ? 11  HOH A O   1 
HETATM 1323 O O   . HOH B 2 .   ? 5.266   11.385  -0.450  1.00 24.30 ? 12  HOH A O   1 
HETATM 1324 O O   . HOH B 2 .   ? -9.379  11.081  2.246   1.00 27.33 ? 13  HOH A O   1 
HETATM 1325 O O   . HOH B 2 .   ? -15.795 -13.075 -8.343  1.00 22.73 ? 14  HOH A O   1 
HETATM 1326 O O   . HOH B 2 .   ? 13.379  -4.599  5.795   1.00 20.45 ? 15  HOH A O   1 
HETATM 1327 O O   . HOH B 2 .   ? -19.384 7.444   -0.852  1.00 25.13 ? 16  HOH A O   1 
HETATM 1328 O O   . HOH B 2 .   ? -2.313  7.752   8.373   1.00 25.25 ? 17  HOH A O   1 
HETATM 1329 O O   . HOH B 2 .   ? 2.966   -16.022 3.421   1.00 23.63 ? 18  HOH A O   1 
HETATM 1330 O O   . HOH B 2 .   ? 12.635  -13.565 3.337   1.00 21.01 ? 19  HOH A O   1 
HETATM 1331 O O   . HOH B 2 .   ? -2.787  -12.298 -2.677  1.00 23.93 ? 20  HOH A O   1 
HETATM 1332 O O   . HOH B 2 .   ? -10.496 5.692   -10.233 1.00 25.30 ? 21  HOH A O   1 
HETATM 1333 O O   . HOH B 2 .   ? 2.319   -8.005  -14.684 1.00 28.39 ? 22  HOH A O   1 
HETATM 1334 O O   . HOH B 2 .   ? 3.461   2.274   15.954  1.00 25.40 ? 23  HOH A O   1 
HETATM 1335 O O   . HOH B 2 .   ? -15.486 -7.443  2.579   1.00 27.21 ? 24  HOH A O   1 
HETATM 1336 O O   . HOH B 2 .   ? -12.265 25.146  -5.772  1.00 23.39 ? 25  HOH A O   1 
HETATM 1337 O O   . HOH B 2 .   ? -19.562 -2.797  -8.050  1.00 28.80 ? 26  HOH A O   1 
HETATM 1338 O O   . HOH B 2 .   ? -10.967 9.732   -5.175  1.00 29.51 ? 27  HOH A O   1 
HETATM 1339 O O   . HOH B 2 .   ? 3.964   -16.342 -0.011  1.00 23.69 ? 28  HOH A O   1 
HETATM 1340 O O   . HOH B 2 .   ? -5.290  12.632  -4.879  1.00 23.35 ? 29  HOH A O   1 
HETATM 1341 O O   . HOH B 2 .   ? -7.237  -11.635 -11.822 1.00 26.58 ? 30  HOH A O   1 
HETATM 1342 O O   . HOH B 2 .   ? -6.196  -4.833  -15.176 1.00 25.03 ? 31  HOH A O   1 
HETATM 1343 O O   . HOH B 2 .   ? -8.594  8.861   0.857   1.00 24.98 ? 32  HOH A O   1 
HETATM 1344 O O   . HOH B 2 .   ? 3.475   -5.975  -16.191 1.00 28.66 ? 33  HOH A O   1 
HETATM 1345 O O   . HOH B 2 .   ? -1.524  5.322   -19.101 1.00 28.86 ? 34  HOH A O   1 
HETATM 1346 O O   . HOH B 2 .   ? 1.567   -12.916 -17.983 1.00 31.29 ? 35  HOH A O   1 
HETATM 1347 O O   . HOH B 2 .   ? 4.486   13.541  -2.024  1.00 27.06 ? 36  HOH A O   1 
HETATM 1348 O O   . HOH B 2 .   ? 9.176   -0.435  -17.128 1.00 27.98 ? 37  HOH A O   1 
HETATM 1349 O O   . HOH B 2 .   ? -7.743  7.657   15.893  1.00 32.32 ? 38  HOH A O   1 
HETATM 1350 O O   . HOH B 2 .   ? -1.071  -8.695  6.049   1.00 27.71 ? 39  HOH A O   1 
HETATM 1351 O O   . HOH B 2 .   ? -12.945 0.851   7.562   1.00 28.57 ? 40  HOH A O   1 
HETATM 1352 O O   . HOH B 2 .   ? 20.504  5.992   6.625   1.00 28.70 ? 41  HOH A O   1 
HETATM 1353 O O   . HOH B 2 .   ? -0.898  -13.587 7.621   1.00 28.51 ? 42  HOH A O   1 
HETATM 1354 O O   . HOH B 2 .   ? 15.709  -3.257  -11.741 1.00 28.42 ? 43  HOH A O   1 
HETATM 1355 O O   . HOH B 2 .   ? 4.231   11.751  -6.131  1.00 29.53 ? 44  HOH A O   1 
HETATM 1356 O O   . HOH B 2 .   ? -8.506  -4.178  9.373   1.00 30.92 ? 45  HOH A O   1 
HETATM 1357 O O   . HOH B 2 .   ? 10.245  -14.118 4.372   1.00 26.38 ? 46  HOH A O   1 
HETATM 1358 O O   . HOH B 2 .   ? -0.234  10.764  13.291  1.00 30.38 ? 47  HOH A O   1 
HETATM 1359 O O   . HOH B 2 .   ? 8.441   11.420  5.021   1.00 29.99 ? 48  HOH A O   1 
HETATM 1360 O O   . HOH B 2 .   ? -4.366  -2.781  7.802   1.00 27.97 ? 49  HOH A O   1 
HETATM 1361 O O   . HOH B 2 .   ? -11.210 7.075   -6.511  1.00 27.97 ? 50  HOH A O   1 
HETATM 1362 O O   . HOH B 2 .   ? -3.427  -18.045 -10.016 1.00 27.97 ? 51  HOH A O   1 
HETATM 1363 O O   . HOH B 2 .   ? -14.194 17.355  2.667   1.00 27.97 ? 52  HOH A O   1 
HETATM 1364 O O   . HOH B 2 .   ? 9.624   -13.364 -6.637  1.00 27.97 ? 53  HOH A O   1 
HETATM 1365 O O   . HOH B 2 .   ? -6.831  21.104  0.648   1.00 27.97 ? 54  HOH A O   1 
HETATM 1366 O O   . HOH B 2 .   ? 14.850  -2.804  13.491  1.00 27.97 ? 55  HOH A O   1 
HETATM 1367 O O   . HOH B 2 .   ? -6.136  -12.229 -13.660 1.00 27.97 ? 56  HOH A O   1 
HETATM 1368 O O   . HOH B 2 .   ? 3.275   -19.480 -10.924 1.00 27.97 ? 57  HOH A O   1 
HETATM 1369 O O   . HOH B 2 .   ? 16.617  13.010  4.903   1.00 27.97 ? 58  HOH A O   1 
HETATM 1370 O O   . HOH B 2 .   ? 13.307  -6.922  4.970   1.00 27.97 ? 59  HOH A O   1 
HETATM 1371 O O   . HOH B 2 .   ? -9.390  5.004   16.456  1.00 27.97 ? 60  HOH A O   1 
HETATM 1372 O O   . HOH B 2 .   ? -2.318  4.354   -6.583  1.00 27.97 ? 61  HOH A O   1 
HETATM 1373 O O   . HOH B 2 .   ? 5.838   9.438   -13.596 1.00 27.97 ? 62  HOH A O   1 
HETATM 1374 O O   . HOH B 2 .   ? -12.173 3.716   7.480   1.00 27.97 ? 63  HOH A O   1 
HETATM 1375 O O   . HOH B 2 .   ? -18.405 2.033   -5.087  1.00 27.97 ? 64  HOH A O   1 
HETATM 1376 O O   . HOH B 2 .   ? 12.741  -3.570  -12.667 1.00 27.97 ? 65  HOH A O   1 
HETATM 1377 O O   . HOH B 2 .   ? -20.268 -6.332  -5.246  1.00 27.97 ? 66  HOH A O   1 
HETATM 1378 O O   . HOH B 2 .   ? 6.529   8.132   14.376  1.00 27.97 ? 67  HOH A O   1 
HETATM 1379 O O   . HOH B 2 .   ? 16.554  -0.819  5.308   1.00 27.97 ? 68  HOH A O   1 
HETATM 1380 O O   . HOH B 2 .   ? 3.675   12.814  -3.672  1.00 27.97 ? 69  HOH A O   1 
HETATM 1381 O O   . HOH B 2 .   ? 0.739   4.643   -19.448 1.00 27.97 ? 70  HOH A O   1 
HETATM 1382 O O   . HOH B 2 .   ? 1.081   -3.636  -1.063  1.00 27.97 ? 71  HOH A O   1 
HETATM 1383 O O   . HOH B 2 .   ? -12.819 4.453   -2.766  1.00 27.97 ? 72  HOH A O   1 
HETATM 1384 O O   . HOH B 2 .   ? -2.658  3.790   8.158   1.00 27.97 ? 73  HOH A O   1 
HETATM 1385 O O   . HOH B 2 .   ? 2.173   -11.800 2.911   1.00 27.97 ? 74  HOH A O   1 
HETATM 1386 O O   . HOH B 2 .   ? -9.187  -4.052  11.417  1.00 27.97 ? 75  HOH A O   1 
HETATM 1387 O O   . HOH B 2 .   ? -4.650  -12.467 -5.407  1.00 27.97 ? 76  HOH A O   1 
HETATM 1388 O O   . HOH B 2 .   ? -8.124  7.839   18.000  1.00 27.97 ? 77  HOH A O   1 
HETATM 1389 O O   . HOH B 2 .   ? -16.518 -4.201  -7.466  1.00 27.97 ? 78  HOH A O   1 
HETATM 1390 O O   . HOH B 2 .   ? -15.674 2.071   8.407   1.00 27.97 ? 79  HOH A O   1 
HETATM 1391 O O   . HOH B 2 .   ? 12.456  -13.030 1.226   1.00 27.97 ? 80  HOH A O   1 
HETATM 1392 O O   . HOH B 2 .   ? 9.595   12.465  12.832  1.00 27.97 ? 81  HOH A O   1 
HETATM 1393 O O   . HOH B 2 .   ? -13.958 7.206   -6.009  1.00 27.97 ? 82  HOH A O   1 
HETATM 1394 O O   . HOH B 2 .   ? -17.256 -6.297  2.065   1.00 27.97 ? 83  HOH A O   1 
HETATM 1395 O O   . HOH B 2 .   ? 3.097   12.933  -7.784  1.00 27.97 ? 84  HOH A O   1 
HETATM 1396 O O   . HOH B 2 .   ? -0.045  -10.376 14.584  1.00 27.97 ? 85  HOH A O   1 
HETATM 1397 O O   . HOH B 2 .   ? -5.540  18.057  4.454   1.00 27.97 ? 86  HOH A O   1 
HETATM 1398 O O   . HOH B 2 .   ? -0.778  0.486   -16.494 1.00 27.97 ? 87  HOH A O   1 
# 
